data_6S7A
#
_entry.id   6S7A
#
_cell.length_a   74.784
_cell.length_b   98.624
_cell.length_c   207.137
_cell.angle_alpha   90.000
_cell.angle_beta   90.000
_cell.angle_gamma   90.000
#
_symmetry.space_group_name_H-M   'P 21 21 2'
#
loop_
_entity.id
_entity.type
_entity.pdbx_description
1 polymer 'Histone-arginine methyltransferase CARM1'
2 non-polymer (2~{R},3~{R},4~{S},5~{R})-2-(6-aminopurin-9-yl)-5-[[3-azanylpropyl-[3-(pyridin-2-ylamino)propyl]amino]methyl]oxolane-3,4-diol
3 non-polymer GLYCEROL
4 water water
#
_entity_poly.entity_id   1
_entity_poly.type   'polypeptide(L)'
_entity_poly.pdbx_seq_one_letter_code
;SVFSERTEESSAVQYFQFYGYLSQQQNMMQDYVRTGTYQRAILQNHTDFKDKIVLDVGCGSGILSFFAAQAGARKIYAVE
ASTMAQHAEVLVKSNNLTDRIVVIPGKVEEVSLPEQVDIIISEPMGYMLFNERMLESYLHAKKYLKPSGNMFPTIGDVHL
APFTDEQLYMEQFTKANFWYQPSFHGVDLSALRGAAVDEYFRQPVVDTFDIRILMAKSVKYTVNFLEAKEGDLHRIEIPF
KFHMLHSGLVHGLAFWFDVAFIGSIMTVWLSTAPTEPLTHWYQVRCLFQSPLFAKAGDTLSGTCLLIANKRQSYDISIVA
QVDQTGSKSSNLLDLKNPFFRYTGTHHHHHH
;
_entity_poly.pdbx_strand_id   A,B,C,D
#
loop_
_chem_comp.id
_chem_comp.type
_chem_comp.name
_chem_comp.formula
GOL non-polymer GLYCEROL 'C3 H8 O3'
KY5 non-polymer (2~{R},3~{R},4~{S},5~{R})-2-(6-aminopurin-9-yl)-5-[[3-azanylpropyl-[3-(pyridin-2-ylamino)propyl]amino]methyl]oxolane-3,4-diol 'C21 H31 N9 O3'
#
# COMPACT_ATOMS: atom_id res chain seq x y z
N SER A 1 37.48 -5.24 27.26
CA SER A 1 37.38 -6.47 26.46
C SER A 1 38.31 -6.33 25.25
N VAL A 2 38.50 -7.43 24.53
CA VAL A 2 39.25 -7.40 23.25
C VAL A 2 38.57 -6.41 22.27
N PHE A 3 37.23 -6.36 22.28
CA PHE A 3 36.53 -5.45 21.37
C PHE A 3 36.83 -3.99 21.71
N SER A 4 36.62 -3.59 22.96
CA SER A 4 36.77 -2.17 23.33
C SER A 4 38.25 -1.71 23.24
N GLU A 5 39.20 -2.61 23.50
CA GLU A 5 40.63 -2.29 23.36
C GLU A 5 41.02 -1.93 21.91
N ARG A 6 40.36 -2.54 20.92
CA ARG A 6 40.68 -2.28 19.50
C ARG A 6 39.74 -1.27 18.80
N THR A 7 38.76 -0.70 19.52
CA THR A 7 37.72 0.10 18.89
C THR A 7 37.48 1.41 19.67
N GLU A 8 37.61 2.54 19.01
CA GLU A 8 37.20 3.82 19.60
C GLU A 8 35.70 3.77 19.91
N GLU A 9 35.32 4.20 21.10
CA GLU A 9 33.91 4.19 21.50
C GLU A 9 33.03 4.93 20.49
N SER A 10 33.46 6.07 19.97
CA SER A 10 32.67 6.81 18.96
C SER A 10 32.37 6.02 17.64
N SER A 11 33.34 5.25 17.17
CA SER A 11 33.13 4.35 16.04
C SER A 11 32.10 3.27 16.42
N ALA A 12 32.27 2.64 17.59
CA ALA A 12 31.36 1.58 18.05
C ALA A 12 29.91 2.07 18.16
N VAL A 13 29.73 3.26 18.75
CA VAL A 13 28.40 3.84 18.93
C VAL A 13 27.71 3.98 17.57
N GLN A 14 28.39 4.58 16.59
CA GLN A 14 27.83 4.77 15.26
C GLN A 14 27.55 3.42 14.55
N TYR A 15 28.49 2.50 14.67
CA TYR A 15 28.40 1.18 14.05
C TYR A 15 27.13 0.41 14.53
N PHE A 16 26.96 0.30 15.85
CA PHE A 16 25.83 -0.43 16.42
C PHE A 16 24.52 0.33 16.27
N GLN A 17 24.56 1.67 16.29
CA GLN A 17 23.38 2.47 15.88
C GLN A 17 22.90 2.12 14.47
N PHE A 18 23.82 2.07 13.51
CA PHE A 18 23.49 1.76 12.12
C PHE A 18 22.80 0.36 11.98
N TYR A 19 23.34 -0.65 12.65
CA TYR A 19 22.75 -2.01 12.56
C TYR A 19 21.49 -2.24 13.40
N GLY A 20 21.19 -1.28 14.27
CA GLY A 20 20.00 -1.29 15.06
C GLY A 20 18.73 -0.96 14.27
N TYR A 21 18.84 -0.49 13.03
CA TYR A 21 17.63 -0.14 12.25
C TYR A 21 17.09 -1.35 11.51
N LEU A 22 15.79 -1.58 11.65
CA LEU A 22 15.09 -2.58 10.84
C LEU A 22 15.28 -2.37 9.34
N SER A 23 15.31 -1.11 8.88
CA SER A 23 15.54 -0.87 7.45
C SER A 23 16.90 -1.37 6.97
N GLN A 24 17.94 -1.29 7.81
CA GLN A 24 19.21 -1.77 7.39
C GLN A 24 19.22 -3.30 7.34
N GLN A 25 18.63 -3.96 8.34
CA GLN A 25 18.53 -5.40 8.35
C GLN A 25 17.74 -5.89 7.10
N GLN A 26 16.65 -5.18 6.79
CA GLN A 26 15.86 -5.49 5.64
C GLN A 26 16.66 -5.40 4.33
N ASN A 27 17.45 -4.33 4.18
CA ASN A 27 18.29 -4.16 2.99
C ASN A 27 19.23 -5.34 2.77
N MET A 28 19.84 -5.82 3.85
CA MET A 28 20.73 -6.97 3.76
C MET A 28 19.96 -8.27 3.47
N MET A 29 18.84 -8.47 4.17
CA MET A 29 17.98 -9.63 3.94
C MET A 29 17.48 -9.69 2.49
N GLN A 30 17.16 -8.54 1.89
CA GLN A 30 16.71 -8.49 0.49
C GLN A 30 17.79 -8.70 -0.56
N ASP A 31 19.06 -8.76 -0.15
CA ASP A 31 20.15 -9.04 -1.06
C ASP A 31 20.12 -10.55 -1.22
N TYR A 32 19.41 -10.98 -2.28
CA TYR A 32 19.09 -12.39 -2.50
C TYR A 32 20.30 -13.30 -2.59
N VAL A 33 21.40 -12.79 -3.17
CA VAL A 33 22.60 -13.63 -3.29
C VAL A 33 23.05 -14.03 -1.91
N ARG A 34 23.08 -13.08 -1.01
CA ARG A 34 23.48 -13.33 0.35
C ARG A 34 22.55 -14.29 1.08
N THR A 35 21.28 -13.93 1.17
CA THR A 35 20.34 -14.66 1.99
C THR A 35 20.13 -16.08 1.43
N GLY A 36 20.01 -16.15 0.10
CA GLY A 36 19.77 -17.40 -0.57
C GLY A 36 20.95 -18.34 -0.47
N THR A 37 22.14 -17.78 -0.61
CA THR A 37 23.37 -18.60 -0.52
C THR A 37 23.59 -19.14 0.89
N TYR A 38 23.39 -18.31 1.91
CA TYR A 38 23.50 -18.80 3.29
C TYR A 38 22.48 -19.92 3.57
N GLN A 39 21.23 -19.74 3.11
CA GLN A 39 20.24 -20.74 3.35
C GLN A 39 20.60 -22.07 2.68
N ARG A 40 21.07 -22.00 1.43
CA ARG A 40 21.46 -23.18 0.68
C ARG A 40 22.66 -23.87 1.34
N ALA A 41 23.67 -23.09 1.78
CA ALA A 41 24.84 -23.66 2.42
C ALA A 41 24.45 -24.44 3.69
N ILE A 42 23.53 -23.88 4.47
CA ILE A 42 23.10 -24.47 5.73
C ILE A 42 22.20 -25.71 5.47
N LEU A 43 21.14 -25.54 4.68
CA LEU A 43 20.19 -26.62 4.41
C LEU A 43 20.80 -27.79 3.63
N GLN A 44 21.63 -27.51 2.64
CA GLN A 44 22.24 -28.60 1.87
C GLN A 44 23.30 -29.37 2.67
N ASN A 45 23.85 -28.71 3.70
CA ASN A 45 24.76 -29.35 4.66
C ASN A 45 24.05 -29.67 6.00
N HIS A 46 22.86 -30.25 5.91
CA HIS A 46 22.03 -30.49 7.10
C HIS A 46 22.68 -31.37 8.15
N THR A 47 23.55 -32.29 7.74
CA THR A 47 24.30 -33.10 8.72
C THR A 47 25.27 -32.29 9.57
N ASP A 48 25.72 -31.12 9.10
CA ASP A 48 26.53 -30.26 9.95
C ASP A 48 25.74 -29.49 11.02
N PHE A 49 24.41 -29.56 10.93
CA PHE A 49 23.54 -28.88 11.87
C PHE A 49 22.61 -29.80 12.68
N LYS A 50 22.22 -30.94 12.09
CA LYS A 50 21.22 -31.79 12.76
C LYS A 50 21.67 -32.20 14.16
N ASP A 51 20.88 -31.84 15.18
CA ASP A 51 21.16 -32.15 16.60
C ASP A 51 22.43 -31.52 17.15
N LYS A 52 22.93 -30.45 16.51
CA LYS A 52 24.17 -29.80 16.90
C LYS A 52 23.91 -28.55 17.73
N ILE A 53 24.98 -28.09 18.36
CA ILE A 53 25.00 -26.83 19.09
C ILE A 53 25.66 -25.77 18.18
N VAL A 54 24.98 -24.64 18.01
CA VAL A 54 25.47 -23.60 17.08
C VAL A 54 25.59 -22.25 17.77
N LEU A 55 26.62 -21.50 17.33
CA LEU A 55 26.76 -20.09 17.68
C LEU A 55 26.60 -19.22 16.44
N ASP A 56 25.71 -18.22 16.53
CA ASP A 56 25.51 -17.22 15.46
C ASP A 56 26.09 -15.91 15.94
N VAL A 57 27.19 -15.52 15.31
CA VAL A 57 27.92 -14.34 15.75
C VAL A 57 27.40 -13.12 15.01
N GLY A 58 26.72 -12.25 15.72
CA GLY A 58 26.16 -11.04 15.14
C GLY A 58 24.89 -11.35 14.35
N CYS A 59 23.87 -11.81 15.07
CA CYS A 59 22.72 -12.45 14.43
C CYS A 59 21.77 -11.49 13.72
N GLY A 60 21.85 -10.19 14.03
CA GLY A 60 20.95 -9.23 13.42
C GLY A 60 19.53 -9.62 13.71
N SER A 61 18.73 -9.73 12.64
CA SER A 61 17.33 -10.18 12.72
C SER A 61 17.19 -11.61 13.29
N GLY A 62 18.24 -12.40 13.15
CA GLY A 62 18.22 -13.80 13.54
C GLY A 62 18.12 -14.76 12.37
N ILE A 63 18.05 -14.23 11.16
CA ILE A 63 17.79 -15.06 9.98
C ILE A 63 18.65 -16.36 9.85
N LEU A 64 19.96 -16.24 10.09
CA LEU A 64 20.85 -17.42 9.99
C LEU A 64 20.56 -18.46 11.07
N SER A 65 20.20 -18.00 12.27
CA SER A 65 19.79 -18.89 13.31
C SER A 65 18.50 -19.64 12.95
N PHE A 66 17.56 -18.96 12.29
CA PHE A 66 16.37 -19.67 11.79
C PHE A 66 16.74 -20.74 10.74
N PHE A 67 17.71 -20.44 9.89
CA PHE A 67 18.17 -21.45 8.93
C PHE A 67 18.81 -22.65 9.64
N ALA A 68 19.62 -22.40 10.66
CA ALA A 68 20.19 -23.48 11.49
C ALA A 68 19.09 -24.34 12.15
N ALA A 69 18.02 -23.69 12.61
CA ALA A 69 16.84 -24.37 13.14
C ALA A 69 16.11 -25.19 12.09
N GLN A 70 15.95 -24.65 10.89
CA GLN A 70 15.33 -25.41 9.79
C GLN A 70 16.16 -26.67 9.44
N ALA A 71 17.48 -26.60 9.58
CA ALA A 71 18.36 -27.73 9.32
C ALA A 71 18.46 -28.73 10.48
N GLY A 72 17.78 -28.44 11.60
CA GLY A 72 17.63 -29.37 12.70
C GLY A 72 18.54 -29.18 13.88
N ALA A 73 19.15 -28.00 14.04
CA ALA A 73 20.06 -27.77 15.17
C ALA A 73 19.33 -27.96 16.51
N ARG A 74 19.99 -28.53 17.49
CA ARG A 74 19.39 -28.72 18.82
C ARG A 74 19.35 -27.42 19.61
N LYS A 75 20.41 -26.62 19.54
CA LYS A 75 20.48 -25.38 20.32
C LYS A 75 21.34 -24.36 19.57
N ILE A 76 20.84 -23.14 19.48
CA ILE A 76 21.52 -22.05 18.76
C ILE A 76 21.63 -20.85 19.70
N TYR A 77 22.85 -20.41 19.97
CA TYR A 77 23.09 -19.18 20.73
C TYR A 77 23.30 -18.05 19.74
N ALA A 78 22.45 -17.07 19.77
CA ALA A 78 22.46 -16.00 18.77
C ALA A 78 22.90 -14.71 19.47
N VAL A 79 24.14 -14.29 19.21
CA VAL A 79 24.69 -13.11 19.88
C VAL A 79 24.56 -11.86 19.02
N GLU A 80 24.11 -10.77 19.60
CA GLU A 80 23.98 -9.50 18.87
C GLU A 80 24.14 -8.30 19.80
N ALA A 81 25.00 -7.35 19.40
CA ALA A 81 25.37 -6.22 20.26
C ALA A 81 24.48 -4.98 20.10
N SER A 82 23.84 -4.83 18.95
CA SER A 82 22.94 -3.68 18.75
C SER A 82 21.56 -3.94 19.40
N THR A 83 20.72 -2.93 19.38
CA THR A 83 19.34 -3.07 19.84
C THR A 83 18.48 -4.00 18.97
N MET A 84 19.02 -4.43 17.82
CA MET A 84 18.39 -5.47 17.01
C MET A 84 18.19 -6.76 17.79
N ALA A 85 18.98 -6.98 18.84
CA ALA A 85 18.77 -8.18 19.70
C ALA A 85 17.35 -8.31 20.25
N GLN A 86 16.76 -7.18 20.62
CA GLN A 86 15.37 -7.18 21.09
C GLN A 86 14.35 -7.65 20.01
N HIS A 87 14.60 -7.25 18.77
CA HIS A 87 13.73 -7.61 17.64
C HIS A 87 13.92 -9.09 17.31
N ALA A 88 15.17 -9.56 17.40
CA ALA A 88 15.44 -10.98 17.17
C ALA A 88 14.69 -11.84 18.20
N GLU A 89 14.66 -11.39 19.45
CA GLU A 89 13.97 -12.13 20.52
C GLU A 89 12.45 -12.26 20.23
N VAL A 90 11.86 -11.16 19.76
CA VAL A 90 10.48 -11.16 19.32
C VAL A 90 10.23 -12.21 18.25
N LEU A 91 11.13 -12.32 17.27
CA LEU A 91 10.99 -13.32 16.23
C LEU A 91 11.15 -14.73 16.72
N VAL A 92 12.08 -14.95 17.63
CA VAL A 92 12.26 -16.29 18.17
C VAL A 92 10.95 -16.75 18.86
N LYS A 93 10.35 -15.86 19.64
CA LYS A 93 9.07 -16.18 20.31
C LYS A 93 7.93 -16.41 19.31
N SER A 94 7.81 -15.53 18.31
CA SER A 94 6.69 -15.62 17.36
C SER A 94 6.84 -16.81 16.42
N ASN A 95 8.06 -17.31 16.23
CA ASN A 95 8.28 -18.53 15.45
C ASN A 95 8.37 -19.79 16.32
N ASN A 96 7.99 -19.70 17.59
CA ASN A 96 7.88 -20.85 18.48
C ASN A 96 9.16 -21.65 18.58
N LEU A 97 10.28 -20.93 18.75
CA LEU A 97 11.60 -21.56 18.80
C LEU A 97 12.33 -21.18 20.08
N THR A 98 11.61 -20.79 21.13
CA THR A 98 12.27 -20.42 22.40
C THR A 98 13.01 -21.61 23.04
N ASP A 99 12.61 -22.84 22.73
CA ASP A 99 13.34 -24.03 23.21
C ASP A 99 14.65 -24.33 22.43
N ARG A 100 14.90 -23.61 21.34
CA ARG A 100 16.03 -23.91 20.47
C ARG A 100 16.96 -22.73 20.19
N ILE A 101 16.45 -21.51 20.12
CA ILE A 101 17.28 -20.34 19.84
C ILE A 101 17.29 -19.48 21.09
N VAL A 102 18.48 -19.21 21.59
CA VAL A 102 18.70 -18.30 22.69
C VAL A 102 19.42 -17.04 22.24
N VAL A 103 18.70 -15.92 22.24
CA VAL A 103 19.31 -14.64 21.89
C VAL A 103 20.08 -14.11 23.09
N ILE A 104 21.33 -13.72 22.86
CA ILE A 104 22.22 -13.19 23.90
C ILE A 104 22.64 -11.77 23.50
N PRO A 105 22.06 -10.75 24.14
CA PRO A 105 22.44 -9.38 23.83
C PRO A 105 23.86 -9.05 24.31
N GLY A 106 24.66 -8.43 23.47
CA GLY A 106 25.99 -7.98 23.82
C GLY A 106 27.02 -8.32 22.76
N LYS A 107 28.26 -7.92 23.02
CA LYS A 107 29.37 -8.21 22.09
C LYS A 107 29.89 -9.62 22.36
N VAL A 108 30.24 -10.33 21.29
CA VAL A 108 30.68 -11.72 21.40
C VAL A 108 31.98 -11.85 22.23
N GLU A 109 32.75 -10.76 22.28
CA GLU A 109 33.96 -10.67 23.09
C GLU A 109 33.69 -10.49 24.59
N GLU A 110 32.45 -10.16 24.96
CA GLU A 110 32.09 -9.79 26.34
C GLU A 110 31.06 -10.69 26.99
N VAL A 111 30.23 -11.38 26.21
CA VAL A 111 29.19 -12.21 26.79
C VAL A 111 29.77 -13.54 27.26
N SER A 112 28.93 -14.29 27.98
CA SER A 112 29.22 -15.61 28.43
C SER A 112 28.31 -16.62 27.73
N LEU A 113 28.88 -17.69 27.18
CA LEU A 113 28.07 -18.79 26.65
C LEU A 113 28.13 -19.92 27.66
N PRO A 114 27.05 -20.69 27.79
CA PRO A 114 27.10 -21.77 28.79
C PRO A 114 27.82 -23.04 28.33
N GLU A 115 28.13 -23.18 27.05
CA GLU A 115 28.74 -24.42 26.58
C GLU A 115 29.47 -24.17 25.26
N GLN A 116 30.32 -25.14 24.90
CA GLN A 116 31.05 -25.09 23.64
C GLN A 116 30.11 -25.52 22.51
N VAL A 117 30.43 -25.11 21.29
CA VAL A 117 29.54 -25.33 20.16
C VAL A 117 30.23 -26.17 19.07
N ASP A 118 29.41 -26.80 18.24
CA ASP A 118 29.86 -27.63 17.14
C ASP A 118 30.21 -26.81 15.89
N ILE A 119 29.54 -25.68 15.72
CA ILE A 119 29.68 -24.93 14.49
C ILE A 119 29.33 -23.46 14.75
N ILE A 120 30.11 -22.58 14.14
CA ILE A 120 29.86 -21.11 14.23
C ILE A 120 29.39 -20.66 12.86
N ILE A 121 28.33 -19.86 12.85
CA ILE A 121 27.85 -19.21 11.64
C ILE A 121 27.86 -17.71 11.83
N SER A 122 28.08 -16.96 10.76
CA SER A 122 28.12 -15.49 10.80
C SER A 122 28.16 -14.94 9.41
N GLU A 123 27.78 -13.68 9.30
CA GLU A 123 28.07 -12.89 8.12
C GLU A 123 28.96 -11.70 8.52
N PRO A 124 30.26 -11.95 8.68
CA PRO A 124 31.15 -10.93 9.14
C PRO A 124 31.85 -10.10 8.03
N MET A 125 31.48 -10.29 6.78
CA MET A 125 32.19 -9.69 5.66
C MET A 125 31.73 -8.25 5.48
N GLY A 126 32.68 -7.34 5.34
CA GLY A 126 32.42 -5.97 4.90
C GLY A 126 32.94 -5.71 3.50
N TYR A 127 32.89 -4.43 3.06
CA TYR A 127 33.52 -4.06 1.78
C TYR A 127 34.95 -4.53 1.74
N MET A 128 35.39 -5.05 0.58
CA MET A 128 36.75 -5.56 0.45
C MET A 128 37.04 -6.70 1.44
N LEU A 129 36.01 -7.40 1.91
CA LEU A 129 36.05 -8.45 2.93
C LEU A 129 36.26 -7.93 4.34
N PHE A 130 37.34 -7.13 4.53
CA PHE A 130 37.82 -6.84 5.86
C PHE A 130 37.21 -5.62 6.53
N ASN A 131 36.57 -4.72 5.77
CA ASN A 131 36.04 -3.52 6.37
C ASN A 131 35.05 -3.90 7.48
N GLU A 132 35.03 -3.09 8.54
CA GLU A 132 34.21 -3.25 9.76
C GLU A 132 34.91 -4.07 10.85
N ARG A 133 35.91 -4.86 10.47
CA ARG A 133 36.70 -5.67 11.39
C ARG A 133 35.88 -6.72 12.10
N MET A 134 34.74 -7.10 11.54
CA MET A 134 33.91 -8.08 12.21
C MET A 134 34.51 -9.50 12.06
N LEU A 135 35.32 -9.71 11.05
CA LEU A 135 36.05 -10.99 10.97
C LEU A 135 36.84 -11.32 12.24
N GLU A 136 37.37 -10.29 12.90
CA GLU A 136 38.07 -10.50 14.16
C GLU A 136 37.12 -11.02 15.27
N SER A 137 35.87 -10.52 15.30
CA SER A 137 34.88 -11.05 16.24
C SER A 137 34.52 -12.51 15.95
N TYR A 138 34.43 -12.83 14.67
CA TYR A 138 34.20 -14.18 14.20
C TYR A 138 35.29 -15.12 14.65
N LEU A 139 36.54 -14.73 14.46
CA LEU A 139 37.69 -15.54 14.89
C LEU A 139 37.80 -15.61 16.40
N HIS A 140 37.54 -14.49 17.08
CA HIS A 140 37.49 -14.46 18.55
C HIS A 140 36.57 -15.51 19.12
N ALA A 141 35.42 -15.70 18.45
CA ALA A 141 34.38 -16.66 18.88
C ALA A 141 34.83 -18.13 18.87
N LYS A 142 35.93 -18.44 18.18
CA LYS A 142 36.49 -19.79 18.23
C LYS A 142 36.94 -20.22 19.62
N LYS A 143 37.05 -19.31 20.58
CA LYS A 143 37.21 -19.73 21.98
C LYS A 143 36.07 -20.66 22.44
N TYR A 144 34.91 -20.56 21.80
CA TYR A 144 33.76 -21.39 22.08
C TYR A 144 33.61 -22.63 21.21
N LEU A 145 34.51 -22.83 20.27
CA LEU A 145 34.34 -23.88 19.26
C LEU A 145 34.97 -25.17 19.78
N LYS A 146 34.25 -26.27 19.73
CA LYS A 146 34.84 -27.58 20.07
C LYS A 146 36.01 -27.91 19.15
N PRO A 147 36.98 -28.71 19.63
CA PRO A 147 38.01 -29.15 18.68
C PRO A 147 37.38 -29.85 17.47
N SER A 148 37.91 -29.55 16.29
CA SER A 148 37.29 -30.03 15.05
C SER A 148 35.86 -29.52 14.76
N GLY A 149 35.40 -28.50 15.47
CA GLY A 149 34.16 -27.82 15.06
C GLY A 149 34.35 -27.09 13.73
N ASN A 150 33.25 -26.64 13.13
CA ASN A 150 33.29 -26.05 11.81
C ASN A 150 32.91 -24.56 11.89
N MET A 151 33.21 -23.86 10.83
CA MET A 151 32.95 -22.43 10.66
C MET A 151 32.24 -22.26 9.31
N PHE A 152 31.13 -21.54 9.31
CA PHE A 152 30.34 -21.21 8.13
C PHE A 152 30.14 -19.69 8.07
N PRO A 153 30.91 -18.98 7.23
CA PRO A 153 31.85 -19.46 6.23
C PRO A 153 33.17 -20.00 6.78
N THR A 154 33.80 -20.83 5.95
CA THR A 154 34.99 -21.55 6.35
C THR A 154 36.26 -20.83 5.91
N ILE A 155 36.25 -20.33 4.67
CA ILE A 155 37.36 -19.59 4.14
C ILE A 155 36.85 -18.35 3.43
N GLY A 156 37.72 -17.36 3.30
CA GLY A 156 37.45 -16.15 2.49
C GLY A 156 38.64 -15.84 1.59
N ASP A 157 38.33 -15.52 0.33
CA ASP A 157 39.32 -15.17 -0.70
C ASP A 157 39.09 -13.72 -1.09
N VAL A 158 40.10 -12.88 -0.88
CA VAL A 158 40.12 -11.54 -1.46
C VAL A 158 40.81 -11.60 -2.81
N HIS A 159 40.18 -10.99 -3.79
CA HIS A 159 40.74 -10.88 -5.15
C HIS A 159 41.11 -9.43 -5.41
N LEU A 160 42.29 -9.24 -6.02
CA LEU A 160 42.70 -7.95 -6.54
C LEU A 160 43.11 -8.10 -8.00
N ALA A 161 42.84 -7.06 -8.78
CA ALA A 161 43.23 -7.01 -10.17
C ALA A 161 43.43 -5.58 -10.61
N PRO A 162 44.42 -5.34 -11.49
CA PRO A 162 44.61 -4.02 -12.05
C PRO A 162 43.48 -3.65 -13.02
N PHE A 163 43.11 -2.36 -13.04
CA PHE A 163 42.08 -1.88 -13.97
C PHE A 163 42.52 -0.61 -14.70
N THR A 164 41.83 -0.33 -15.81
CA THR A 164 41.97 0.91 -16.55
C THR A 164 40.60 1.57 -16.57
N ASP A 165 40.52 2.84 -16.19
CA ASP A 165 39.29 3.60 -16.24
C ASP A 165 39.65 5.07 -16.28
N GLU A 166 39.91 5.55 -17.47
CA GLU A 166 40.34 6.92 -17.70
C GLU A 166 39.31 7.91 -17.17
N GLN A 167 38.02 7.64 -17.38
CA GLN A 167 36.95 8.51 -16.90
C GLN A 167 36.91 8.63 -15.39
N LEU A 168 37.05 7.54 -14.67
CA LEU A 168 37.14 7.59 -13.20
C LEU A 168 38.36 8.38 -12.72
N TYR A 169 39.53 8.14 -13.32
CA TYR A 169 40.72 8.87 -12.96
C TYR A 169 40.51 10.38 -13.16
N MET A 170 40.00 10.74 -14.31
CA MET A 170 39.83 12.17 -14.69
C MET A 170 38.80 12.88 -13.82
N GLU A 171 37.74 12.18 -13.42
CA GLU A 171 36.75 12.69 -12.50
C GLU A 171 37.34 13.24 -11.20
N GLN A 172 38.39 12.69 -10.64
CA GLN A 172 39.03 13.27 -9.45
C GLN A 172 39.54 14.70 -9.67
N PHE A 173 40.15 14.94 -10.84
CA PHE A 173 40.66 16.27 -11.16
C PHE A 173 39.58 17.19 -11.55
N THR A 174 38.56 16.72 -12.21
CA THR A 174 37.42 17.55 -12.52
C THR A 174 36.76 18.08 -11.24
N LYS A 175 36.60 17.22 -10.24
CA LYS A 175 35.99 17.65 -8.99
C LYS A 175 36.93 18.57 -8.21
N ALA A 176 38.21 18.25 -8.15
CA ALA A 176 39.16 19.05 -7.41
C ALA A 176 39.37 20.43 -8.02
N ASN A 177 39.21 20.55 -9.35
CA ASN A 177 39.42 21.80 -10.06
C ASN A 177 38.37 22.86 -9.76
N PHE A 178 37.30 22.51 -9.06
CA PHE A 178 36.45 23.50 -8.40
C PHE A 178 37.32 24.55 -7.67
N TRP A 179 38.34 24.05 -6.96
CA TRP A 179 39.21 24.92 -6.18
C TRP A 179 40.17 25.76 -7.02
N TYR A 180 40.35 25.42 -8.31
CA TYR A 180 41.31 26.11 -9.15
C TYR A 180 40.61 27.23 -9.87
N GLN A 181 40.19 28.23 -9.10
CA GLN A 181 39.49 29.39 -9.60
C GLN A 181 40.04 30.60 -8.82
N PRO A 182 40.43 31.65 -9.53
CA PRO A 182 41.02 32.79 -8.84
C PRO A 182 39.97 33.77 -8.30
N SER A 183 38.68 33.59 -8.64
CA SER A 183 37.67 34.53 -8.21
C SER A 183 36.29 33.88 -8.12
N PHE A 184 36.19 32.93 -7.19
CA PHE A 184 34.92 32.33 -6.79
C PHE A 184 34.25 33.31 -5.87
N HIS A 185 33.25 34.03 -6.40
CA HIS A 185 32.62 35.13 -5.70
C HIS A 185 33.70 36.10 -5.10
N GLY A 186 34.74 36.37 -5.87
CA GLY A 186 35.80 37.28 -5.46
C GLY A 186 36.95 36.65 -4.68
N VAL A 187 36.92 35.35 -4.44
CA VAL A 187 37.91 34.68 -3.60
C VAL A 187 38.76 33.73 -4.41
N ASP A 188 40.07 33.80 -4.23
CA ASP A 188 41.01 32.90 -4.87
C ASP A 188 41.08 31.60 -4.06
N LEU A 189 40.50 30.52 -4.61
CA LEU A 189 40.47 29.25 -4.00
C LEU A 189 41.66 28.33 -4.28
N SER A 190 42.49 28.74 -5.23
CA SER A 190 43.47 27.85 -5.88
C SER A 190 44.48 27.13 -4.99
N ALA A 191 44.84 27.76 -3.87
CA ALA A 191 45.78 27.21 -2.93
C ALA A 191 45.31 25.92 -2.28
N LEU A 192 44.00 25.61 -2.34
CA LEU A 192 43.46 24.37 -1.82
C LEU A 192 43.29 23.22 -2.84
N ARG A 193 43.64 23.45 -4.10
CA ARG A 193 43.40 22.45 -5.11
C ARG A 193 44.15 21.14 -4.85
N GLY A 194 45.42 21.25 -4.49
CA GLY A 194 46.25 20.08 -4.15
C GLY A 194 45.68 19.27 -2.99
N ALA A 195 45.22 19.97 -1.94
CA ALA A 195 44.64 19.30 -0.78
C ALA A 195 43.34 18.56 -1.20
N ALA A 196 42.55 19.17 -2.12
CA ALA A 196 41.35 18.53 -2.62
C ALA A 196 41.64 17.26 -3.43
N VAL A 197 42.64 17.36 -4.31
CA VAL A 197 43.04 16.19 -5.11
C VAL A 197 43.45 15.03 -4.14
N ASP A 198 44.25 15.35 -3.16
CA ASP A 198 44.73 14.38 -2.17
C ASP A 198 43.58 13.72 -1.43
N GLU A 199 42.60 14.53 -1.02
CA GLU A 199 41.45 14.00 -0.34
C GLU A 199 40.64 13.03 -1.20
N TYR A 200 40.39 13.38 -2.47
CA TYR A 200 39.61 12.51 -3.33
C TYR A 200 40.33 11.18 -3.60
N PHE A 201 41.65 11.23 -3.80
CA PHE A 201 42.41 10.02 -4.07
C PHE A 201 42.52 9.09 -2.83
N ARG A 202 42.33 9.61 -1.65
CA ARG A 202 42.36 8.80 -0.44
C ARG A 202 41.08 7.93 -0.27
N GLN A 203 40.03 8.22 -1.06
CA GLN A 203 38.78 7.50 -0.91
C GLN A 203 38.71 6.29 -1.84
N PRO A 204 38.63 5.08 -1.27
CA PRO A 204 38.32 3.94 -2.17
C PRO A 204 36.91 4.10 -2.76
N VAL A 205 36.75 3.68 -4.00
CA VAL A 205 35.55 3.86 -4.74
C VAL A 205 34.71 2.57 -4.70
N VAL A 206 33.52 2.66 -4.12
CA VAL A 206 32.59 1.54 -4.07
C VAL A 206 31.54 1.70 -5.17
N ASP A 207 31.62 0.81 -6.15
CA ASP A 207 30.64 0.72 -7.23
C ASP A 207 30.95 -0.52 -8.02
N THR A 208 30.18 -0.75 -9.07
CA THR A 208 30.48 -1.88 -9.94
C THR A 208 31.04 -1.34 -11.24
N PHE A 209 31.46 -2.24 -12.12
CA PHE A 209 32.08 -1.86 -13.38
C PHE A 209 32.00 -3.04 -14.31
N ASP A 210 32.23 -2.78 -15.57
CA ASP A 210 32.31 -3.80 -16.60
C ASP A 210 33.62 -4.56 -16.47
N ILE A 211 33.59 -5.89 -16.56
CA ILE A 211 34.82 -6.70 -16.47
C ILE A 211 35.88 -6.39 -17.54
N ARG A 212 35.48 -5.73 -18.63
CA ARG A 212 36.44 -5.37 -19.66
C ARG A 212 37.48 -4.35 -19.18
N ILE A 213 37.23 -3.64 -18.08
CA ILE A 213 38.26 -2.74 -17.57
C ILE A 213 39.43 -3.48 -16.87
N LEU A 214 39.27 -4.76 -16.57
CA LEU A 214 40.32 -5.50 -15.84
C LEU A 214 41.42 -5.91 -16.78
N MET A 215 42.67 -5.69 -16.37
CA MET A 215 43.82 -5.88 -17.27
C MET A 215 44.63 -7.15 -17.03
N ALA A 216 44.27 -7.91 -16.00
CA ALA A 216 44.97 -9.15 -15.69
C ALA A 216 44.09 -10.01 -14.85
N LYS A 217 44.43 -11.29 -14.78
CA LYS A 217 43.77 -12.22 -13.89
C LYS A 217 44.05 -11.78 -12.45
N SER A 218 43.05 -12.00 -11.60
CA SER A 218 43.15 -11.52 -10.22
C SER A 218 44.17 -12.35 -9.45
N VAL A 219 44.76 -11.73 -8.43
CA VAL A 219 45.57 -12.41 -7.46
C VAL A 219 44.65 -12.62 -6.25
N LYS A 220 44.75 -13.82 -5.66
CA LYS A 220 43.87 -14.24 -4.60
C LYS A 220 44.63 -14.32 -3.28
N TYR A 221 44.05 -13.79 -2.21
CA TYR A 221 44.65 -13.90 -0.88
C TYR A 221 43.60 -14.54 0.02
N THR A 222 43.96 -15.69 0.62
CA THR A 222 42.98 -16.55 1.26
C THR A 222 43.17 -16.51 2.76
N VAL A 223 42.08 -16.33 3.49
CA VAL A 223 42.08 -16.49 4.92
C VAL A 223 41.28 -17.73 5.25
N ASN A 224 41.91 -18.66 5.95
CA ASN A 224 41.23 -19.89 6.36
C ASN A 224 40.73 -19.64 7.80
N PHE A 225 39.42 -19.53 7.95
CA PHE A 225 38.84 -19.13 9.23
C PHE A 225 38.94 -20.23 10.30
N LEU A 226 39.08 -21.49 9.90
CA LEU A 226 39.35 -22.56 10.86
C LEU A 226 40.72 -22.42 11.52
N GLU A 227 41.68 -21.87 10.80
CA GLU A 227 43.08 -21.79 11.26
C GLU A 227 43.52 -20.40 11.73
N ALA A 228 42.94 -19.35 11.18
CA ALA A 228 43.40 -18.00 11.44
C ALA A 228 43.12 -17.57 12.88
N LYS A 229 44.03 -16.75 13.41
CA LYS A 229 43.85 -16.09 14.68
C LYS A 229 43.44 -14.64 14.42
N GLU A 230 42.72 -14.06 15.37
CA GLU A 230 42.33 -12.67 15.33
C GLU A 230 43.46 -11.71 14.92
N GLY A 231 44.59 -11.93 15.57
CA GLY A 231 45.81 -11.18 15.36
C GLY A 231 46.31 -11.18 13.92
N ASP A 232 45.99 -12.24 13.15
CA ASP A 232 46.38 -12.32 11.74
C ASP A 232 45.73 -11.23 10.88
N LEU A 233 44.63 -10.62 11.35
CA LEU A 233 43.94 -9.60 10.60
C LEU A 233 44.33 -8.15 10.95
N HIS A 234 45.28 -7.98 11.83
CA HIS A 234 45.73 -6.63 12.22
C HIS A 234 46.60 -5.98 11.15
N ARG A 235 47.34 -6.83 10.44
CA ARG A 235 48.21 -6.37 9.37
C ARG A 235 48.12 -7.41 8.29
N ILE A 236 47.59 -7.01 7.15
CA ILE A 236 47.33 -7.96 6.08
C ILE A 236 48.18 -7.53 4.92
N GLU A 237 49.17 -8.35 4.57
CA GLU A 237 50.13 -8.03 3.53
C GLU A 237 49.80 -8.89 2.34
N ILE A 238 49.43 -8.25 1.22
CA ILE A 238 49.04 -8.99 0.03
C ILE A 238 50.04 -8.65 -1.07
N PRO A 239 51.04 -9.53 -1.29
CA PRO A 239 51.94 -9.30 -2.41
C PRO A 239 51.19 -9.61 -3.70
N PHE A 240 51.60 -8.98 -4.79
CA PHE A 240 51.00 -9.32 -6.07
C PHE A 240 52.03 -9.21 -7.17
N LYS A 241 51.89 -10.11 -8.13
CA LYS A 241 52.63 -10.07 -9.39
C LYS A 241 51.56 -10.36 -10.43
N PHE A 242 51.15 -9.33 -11.17
CA PHE A 242 50.15 -9.53 -12.22
C PHE A 242 50.85 -9.74 -13.56
N HIS A 243 50.41 -10.77 -14.29
CA HIS A 243 50.81 -10.98 -15.65
C HIS A 243 49.77 -10.30 -16.58
N MET A 244 50.18 -9.17 -17.17
CA MET A 244 49.24 -8.29 -17.82
C MET A 244 48.69 -8.98 -19.08
N LEU A 245 47.37 -8.98 -19.21
CA LEU A 245 46.70 -9.58 -20.38
C LEU A 245 46.39 -8.55 -21.49
N HIS A 246 46.38 -7.28 -21.14
CA HIS A 246 45.99 -6.19 -22.03
C HIS A 246 47.00 -5.07 -21.84
N SER A 247 47.33 -4.37 -22.92
CA SER A 247 48.20 -3.20 -22.84
C SER A 247 47.37 -1.96 -22.56
N GLY A 248 47.90 -1.02 -21.80
CA GLY A 248 47.20 0.23 -21.54
C GLY A 248 47.68 0.90 -20.27
N LEU A 249 46.96 1.92 -19.85
CA LEU A 249 47.25 2.65 -18.62
C LEU A 249 46.52 2.01 -17.42
N VAL A 250 47.26 1.59 -16.42
CA VAL A 250 46.72 1.03 -15.18
C VAL A 250 46.41 2.17 -14.21
N HIS A 251 45.15 2.39 -13.92
CA HIS A 251 44.73 3.47 -13.02
C HIS A 251 44.60 3.07 -11.57
N GLY A 252 44.62 1.76 -11.30
CA GLY A 252 44.52 1.31 -9.89
C GLY A 252 44.23 -0.17 -9.77
N LEU A 253 43.87 -0.59 -8.55
CA LEU A 253 43.50 -1.98 -8.28
C LEU A 253 42.02 -2.07 -7.88
N ALA A 254 41.36 -3.09 -8.41
CA ALA A 254 39.98 -3.44 -8.09
C ALA A 254 40.01 -4.64 -7.12
N PHE A 255 39.10 -4.63 -6.17
CA PHE A 255 38.98 -5.65 -5.12
C PHE A 255 37.56 -6.21 -5.07
N TRP A 256 37.50 -7.54 -4.90
CA TRP A 256 36.27 -8.20 -4.51
C TRP A 256 36.59 -9.39 -3.61
N PHE A 257 35.56 -10.12 -3.18
CA PHE A 257 35.80 -11.32 -2.36
C PHE A 257 34.78 -12.40 -2.57
N ASP A 258 35.22 -13.62 -2.27
CA ASP A 258 34.37 -14.79 -2.25
C ASP A 258 34.52 -15.43 -0.85
N VAL A 259 33.48 -16.08 -0.36
CA VAL A 259 33.61 -16.98 0.78
C VAL A 259 33.07 -18.35 0.43
N ALA A 260 33.62 -19.40 1.06
CA ALA A 260 33.13 -20.76 0.83
C ALA A 260 32.66 -21.35 2.16
N PHE A 261 31.53 -22.05 2.09
CA PHE A 261 30.99 -22.83 3.20
C PHE A 261 31.34 -24.28 2.92
N ILE A 262 32.32 -24.81 3.62
CA ILE A 262 32.87 -26.16 3.34
C ILE A 262 32.18 -27.13 4.27
N GLY A 263 31.07 -27.69 3.83
CA GLY A 263 30.29 -28.59 4.66
C GLY A 263 30.66 -30.03 4.39
N SER A 264 30.06 -30.93 5.16
CA SER A 264 30.31 -32.37 5.00
C SER A 264 29.68 -32.92 3.74
N ILE A 265 28.59 -32.31 3.25
CA ILE A 265 27.94 -32.78 2.03
C ILE A 265 28.47 -32.06 0.81
N MET A 266 28.59 -30.73 0.88
CA MET A 266 29.09 -29.97 -0.24
C MET A 266 29.66 -28.62 0.16
N THR A 267 30.40 -28.05 -0.78
CA THR A 267 30.96 -26.72 -0.60
C THR A 267 30.10 -25.77 -1.41
N VAL A 268 29.64 -24.70 -0.77
CA VAL A 268 28.83 -23.68 -1.42
C VAL A 268 29.60 -22.36 -1.36
N TRP A 269 29.66 -21.67 -2.50
CA TRP A 269 30.36 -20.40 -2.63
C TRP A 269 29.41 -19.20 -2.69
N LEU A 270 29.78 -18.12 -2.03
CA LEU A 270 29.15 -16.82 -2.19
C LEU A 270 30.22 -15.88 -2.76
N SER A 271 30.00 -15.41 -3.99
CA SER A 271 30.96 -14.54 -4.66
C SER A 271 30.43 -13.11 -4.88
N THR A 272 31.28 -12.10 -4.67
CA THR A 272 30.96 -10.71 -4.97
C THR A 272 31.74 -10.22 -6.19
N ALA A 273 32.18 -11.18 -7.02
CA ALA A 273 32.94 -10.83 -8.22
C ALA A 273 32.15 -10.03 -9.23
N PRO A 274 32.84 -9.20 -10.05
CA PRO A 274 32.13 -8.43 -11.06
C PRO A 274 31.54 -9.26 -12.22
N THR A 275 31.94 -10.53 -12.33
CA THR A 275 31.30 -11.48 -13.23
C THR A 275 30.01 -12.13 -12.65
N GLU A 276 29.66 -11.81 -11.42
CA GLU A 276 28.51 -12.39 -10.73
C GLU A 276 27.44 -11.33 -10.50
N PRO A 277 26.18 -11.78 -10.27
CA PRO A 277 25.15 -10.80 -9.94
C PRO A 277 25.57 -9.90 -8.77
N LEU A 278 25.15 -8.67 -8.84
CA LEU A 278 25.57 -7.65 -7.93
C LEU A 278 25.04 -7.90 -6.50
N THR A 279 25.85 -7.53 -5.51
CA THR A 279 25.43 -7.58 -4.09
C THR A 279 25.56 -6.19 -3.55
N HIS A 280 25.11 -5.98 -2.31
CA HIS A 280 25.29 -4.67 -1.67
C HIS A 280 26.77 -4.42 -1.24
N TRP A 281 27.66 -5.42 -1.40
CA TRP A 281 29.11 -5.15 -1.27
C TRP A 281 29.74 -4.48 -2.53
N TYR A 282 29.04 -4.53 -3.68
CA TYR A 282 29.55 -4.06 -4.97
C TYR A 282 30.96 -4.62 -5.14
N GLN A 283 31.89 -3.77 -5.64
CA GLN A 283 33.31 -4.03 -5.64
C GLN A 283 33.95 -2.71 -5.19
N VAL A 284 35.26 -2.76 -4.95
CA VAL A 284 35.98 -1.60 -4.49
C VAL A 284 37.19 -1.32 -5.38
N ARG A 285 37.39 -0.05 -5.75
CA ARG A 285 38.56 0.35 -6.52
C ARG A 285 39.40 1.40 -5.82
N CYS A 286 40.70 1.16 -5.81
CA CYS A 286 41.68 2.08 -5.20
C CYS A 286 42.50 2.60 -6.34
N LEU A 287 42.48 3.91 -6.53
CA LEU A 287 43.27 4.56 -7.59
C LEU A 287 44.77 4.67 -7.23
N PHE A 288 45.57 4.67 -8.26
CA PHE A 288 46.95 5.15 -8.15
C PHE A 288 46.97 6.63 -8.43
N GLN A 289 47.81 7.33 -7.68
CA GLN A 289 48.08 8.76 -7.86
C GLN A 289 48.48 9.13 -9.32
N SER A 290 49.30 8.27 -9.92
CA SER A 290 49.80 8.34 -11.25
C SER A 290 49.55 7.00 -11.89
N PRO A 291 48.98 7.01 -13.08
CA PRO A 291 48.77 5.77 -13.78
C PRO A 291 50.06 5.20 -14.33
N LEU A 292 50.07 3.90 -14.53
CA LEU A 292 51.25 3.19 -14.99
C LEU A 292 50.99 2.58 -16.33
N PHE A 293 51.85 2.84 -17.31
CA PHE A 293 51.74 2.13 -18.60
C PHE A 293 52.29 0.70 -18.51
N ALA A 294 51.53 -0.25 -19.02
CA ALA A 294 51.98 -1.63 -19.11
C ALA A 294 51.53 -2.24 -20.43
N LYS A 295 52.35 -3.15 -20.96
CA LYS A 295 52.07 -3.92 -22.18
C LYS A 295 51.60 -5.28 -21.77
N ALA A 296 50.75 -5.90 -22.57
CA ALA A 296 50.39 -7.31 -22.38
C ALA A 296 51.68 -8.11 -22.30
N GLY A 297 51.77 -9.02 -21.34
CA GLY A 297 52.99 -9.79 -21.09
C GLY A 297 53.95 -9.17 -20.07
N ASP A 298 53.81 -7.88 -19.75
CA ASP A 298 54.58 -7.28 -18.64
C ASP A 298 54.10 -7.84 -17.27
N THR A 299 54.87 -7.56 -16.23
CA THR A 299 54.49 -7.92 -14.87
C THR A 299 54.36 -6.65 -14.07
N LEU A 300 53.25 -6.53 -13.33
CA LEU A 300 53.00 -5.39 -12.43
C LEU A 300 53.06 -5.98 -11.01
N SER A 301 54.07 -5.61 -10.25
CA SER A 301 54.35 -6.22 -8.97
C SER A 301 54.28 -5.16 -7.87
N GLY A 302 54.00 -5.63 -6.67
CA GLY A 302 53.92 -4.75 -5.54
C GLY A 302 53.25 -5.40 -4.37
N THR A 303 52.76 -4.54 -3.49
CA THR A 303 52.16 -4.97 -2.24
C THR A 303 50.97 -4.10 -1.94
N CYS A 304 49.89 -4.75 -1.49
CA CYS A 304 48.80 -4.05 -0.87
C CYS A 304 48.90 -4.39 0.62
N LEU A 305 49.07 -3.36 1.47
CA LEU A 305 49.16 -3.56 2.89
C LEU A 305 47.97 -2.93 3.58
N LEU A 306 47.23 -3.72 4.35
CA LEU A 306 46.08 -3.24 5.09
C LEU A 306 46.43 -3.27 6.57
N ILE A 307 46.37 -2.10 7.20
CA ILE A 307 46.73 -1.94 8.58
C ILE A 307 45.48 -1.52 9.34
N ALA A 308 45.09 -2.35 10.30
CA ALA A 308 43.82 -2.15 11.01
C ALA A 308 43.93 -0.88 11.85
N ASN A 309 42.82 -0.15 11.98
CA ASN A 309 42.80 1.03 12.80
C ASN A 309 41.65 0.91 13.82
N LYS A 310 41.60 1.83 14.75
CA LYS A 310 40.56 1.78 15.78
C LYS A 310 39.16 2.30 15.39
N ARG A 311 38.97 2.67 14.14
CA ARG A 311 37.67 3.05 13.58
C ARG A 311 37.05 1.89 12.85
N GLN A 312 37.38 0.66 13.25
CA GLN A 312 36.78 -0.55 12.68
C GLN A 312 37.02 -0.64 11.19
N SER A 313 38.19 -0.19 10.76
CA SER A 313 38.54 -0.25 9.35
C SER A 313 40.06 -0.39 9.19
N TYR A 314 40.54 -0.08 7.98
CA TYR A 314 41.90 -0.24 7.60
C TYR A 314 42.42 1.01 6.90
N ASP A 315 43.69 1.31 7.12
CA ASP A 315 44.50 2.20 6.27
C ASP A 315 45.09 1.28 5.21
N ILE A 316 44.92 1.64 3.95
CA ILE A 316 45.34 0.83 2.83
C ILE A 316 46.55 1.47 2.20
N SER A 317 47.63 0.72 2.06
CA SER A 317 48.83 1.22 1.40
C SER A 317 49.05 0.36 0.16
N ILE A 318 49.12 0.98 -1.02
CA ILE A 318 49.40 0.25 -2.26
C ILE A 318 50.65 0.81 -2.93
N VAL A 319 51.62 -0.07 -3.22
CA VAL A 319 52.76 0.30 -4.03
C VAL A 319 52.85 -0.65 -5.19
N ALA A 320 53.11 -0.14 -6.39
CA ALA A 320 53.11 -1.00 -7.56
C ALA A 320 54.16 -0.52 -8.52
N GLN A 321 54.75 -1.46 -9.27
CA GLN A 321 55.65 -1.08 -10.32
C GLN A 321 55.51 -2.01 -11.50
N VAL A 322 55.81 -1.48 -12.69
CA VAL A 322 55.92 -2.28 -13.89
C VAL A 322 57.37 -2.76 -13.96
N ASP A 323 57.59 -4.06 -13.77
CA ASP A 323 58.95 -4.58 -13.64
C ASP A 323 59.80 -4.26 -14.87
N GLN A 324 59.22 -4.39 -16.06
CA GLN A 324 59.98 -4.20 -17.30
C GLN A 324 60.47 -2.77 -17.53
N THR A 325 59.82 -1.75 -16.95
CA THR A 325 60.23 -0.34 -17.16
C THR A 325 60.68 0.39 -15.92
N GLY A 326 60.51 -0.23 -14.75
CA GLY A 326 60.68 0.48 -13.47
C GLY A 326 59.71 1.61 -13.13
N SER A 327 58.59 1.74 -13.83
CA SER A 327 57.62 2.80 -13.51
C SER A 327 56.85 2.40 -12.25
N LYS A 328 56.79 3.32 -11.30
CA LYS A 328 56.33 3.05 -9.93
C LYS A 328 55.21 3.98 -9.53
N SER A 329 54.26 3.49 -8.74
CA SER A 329 53.24 4.33 -8.17
C SER A 329 52.83 3.86 -6.82
N SER A 330 52.18 4.69 -6.06
CA SER A 330 51.60 4.31 -4.74
C SER A 330 50.24 4.93 -4.55
N ASN A 331 49.56 4.56 -3.45
CA ASN A 331 48.55 5.37 -2.81
C ASN A 331 48.42 4.91 -1.33
N LEU A 332 47.88 5.83 -0.54
CA LEU A 332 47.41 5.57 0.80
C LEU A 332 45.94 5.90 0.84
N LEU A 333 45.11 4.97 1.29
CA LEU A 333 43.65 5.15 1.26
C LEU A 333 43.05 4.85 2.62
N ASP A 334 41.89 5.46 2.85
CA ASP A 334 41.17 5.39 4.12
C ASP A 334 39.87 4.62 3.87
N LEU A 335 39.86 3.33 4.15
CA LEU A 335 38.69 2.48 3.91
C LEU A 335 37.48 2.86 4.75
N LYS A 336 37.67 3.61 5.83
CA LYS A 336 36.55 4.11 6.61
C LYS A 336 35.73 5.18 5.90
N ASN A 337 36.30 5.90 4.93
CA ASN A 337 35.60 6.99 4.22
C ASN A 337 35.48 6.69 2.70
N PRO A 338 34.78 5.61 2.31
CA PRO A 338 34.75 5.29 0.89
C PRO A 338 33.83 6.29 0.13
N PHE A 339 34.03 6.39 -1.17
CA PHE A 339 33.17 7.15 -2.05
C PHE A 339 32.17 6.19 -2.68
N PHE A 340 30.89 6.38 -2.30
CA PHE A 340 29.82 5.56 -2.87
C PHE A 340 29.41 6.15 -4.18
N ARG A 341 30.01 5.64 -5.26
CA ARG A 341 29.82 6.18 -6.61
C ARG A 341 28.60 5.58 -7.32
N TYR A 342 28.19 4.35 -7.00
CA TYR A 342 26.97 3.73 -7.56
C TYR A 342 25.71 4.59 -7.39
N SER B 1 -41.30 -14.06 14.84
CA SER B 1 -41.21 -12.67 15.26
C SER B 1 -41.91 -11.80 14.22
N VAL B 2 -42.07 -10.51 14.53
CA VAL B 2 -42.59 -9.54 13.55
C VAL B 2 -41.70 -9.51 12.31
N PHE B 3 -40.37 -9.62 12.51
CA PHE B 3 -39.46 -9.59 11.38
C PHE B 3 -39.66 -10.77 10.47
N SER B 4 -39.60 -12.00 11.01
CA SER B 4 -39.68 -13.20 10.15
C SER B 4 -41.07 -13.35 9.50
N GLU B 5 -42.12 -12.90 10.18
CA GLU B 5 -43.49 -12.91 9.59
C GLU B 5 -43.60 -12.04 8.33
N ARG B 6 -42.85 -10.94 8.25
CA ARG B 6 -42.93 -10.03 7.09
C ARG B 6 -41.82 -10.21 6.04
N THR B 7 -40.91 -11.18 6.26
CA THR B 7 -39.71 -11.29 5.43
C THR B 7 -39.53 -12.75 4.99
N GLU B 8 -39.45 -12.98 3.69
CA GLU B 8 -39.06 -14.31 3.16
C GLU B 8 -37.62 -14.60 3.67
N GLU B 9 -37.42 -15.81 4.15
CA GLU B 9 -36.11 -16.23 4.66
C GLU B 9 -35.00 -15.97 3.64
N SER B 10 -35.23 -16.26 2.36
CA SER B 10 -34.20 -16.05 1.33
C SER B 10 -33.75 -14.58 1.15
N SER B 11 -34.71 -13.64 1.26
CA SER B 11 -34.37 -12.22 1.24
C SER B 11 -33.55 -11.86 2.49
N ALA B 12 -33.97 -12.32 3.67
CA ALA B 12 -33.28 -12.04 4.94
C ALA B 12 -31.84 -12.51 4.92
N VAL B 13 -31.64 -13.75 4.42
CA VAL B 13 -30.30 -14.35 4.40
C VAL B 13 -29.39 -13.47 3.53
N GLN B 14 -29.82 -13.10 2.34
CA GLN B 14 -29.03 -12.28 1.44
C GLN B 14 -28.77 -10.87 1.99
N TYR B 15 -29.81 -10.29 2.59
CA TYR B 15 -29.73 -8.95 3.19
C TYR B 15 -28.65 -8.88 4.29
N PHE B 16 -28.71 -9.80 5.25
CA PHE B 16 -27.76 -9.80 6.36
C PHE B 16 -26.38 -10.29 5.94
N GLN B 17 -26.31 -11.18 4.95
CA GLN B 17 -25.00 -11.49 4.31
C GLN B 17 -24.33 -10.25 3.73
N PHE B 18 -25.07 -9.44 3.00
CA PHE B 18 -24.55 -8.22 2.39
C PHE B 18 -23.98 -7.24 3.44
N TYR B 19 -24.71 -7.03 4.53
CA TYR B 19 -24.25 -6.10 5.59
C TYR B 19 -23.17 -6.66 6.52
N GLY B 20 -22.92 -7.97 6.42
CA GLY B 20 -21.88 -8.64 7.12
C GLY B 20 -20.50 -8.36 6.61
N TYR B 21 -20.36 -7.73 5.43
CA TYR B 21 -19.03 -7.47 4.86
C TYR B 21 -18.51 -6.14 5.38
N LEU B 22 -17.26 -6.17 5.87
CA LEU B 22 -16.54 -4.94 6.22
C LEU B 22 -16.46 -3.95 5.05
N SER B 23 -16.33 -4.44 3.81
CA SER B 23 -16.32 -3.55 2.66
C SER B 23 -17.59 -2.77 2.49
N GLN B 24 -18.73 -3.38 2.79
CA GLN B 24 -19.97 -2.67 2.67
C GLN B 24 -20.12 -1.61 3.78
N GLN B 25 -19.74 -1.97 4.99
CA GLN B 25 -19.76 -1.00 6.10
C GLN B 25 -18.84 0.18 5.78
N GLN B 26 -17.67 -0.12 5.24
CA GLN B 26 -16.71 0.90 4.85
C GLN B 26 -17.28 1.85 3.81
N ASN B 27 -17.94 1.32 2.80
CA ASN B 27 -18.57 2.14 1.75
C ASN B 27 -19.54 3.14 2.34
N MET B 28 -20.35 2.71 3.30
CA MET B 28 -21.30 3.61 3.96
C MET B 28 -20.61 4.62 4.86
N MET B 29 -19.64 4.17 5.64
CA MET B 29 -18.83 5.02 6.50
C MET B 29 -18.12 6.11 5.69
N GLN B 30 -17.62 5.78 4.51
CA GLN B 30 -16.95 6.75 3.62
C GLN B 30 -17.88 7.76 2.93
N ASP B 31 -19.20 7.57 3.04
CA ASP B 31 -20.15 8.51 2.50
C ASP B 31 -20.19 9.65 3.51
N TYR B 32 -19.37 10.67 3.26
CA TYR B 32 -19.12 11.74 4.23
C TYR B 32 -20.35 12.49 4.64
N VAL B 33 -21.28 12.70 3.68
CA VAL B 33 -22.51 13.43 4.01
C VAL B 33 -23.25 12.70 5.11
N ARG B 34 -23.29 11.40 4.99
CA ARG B 34 -23.93 10.58 5.95
C ARG B 34 -23.28 10.59 7.32
N THR B 35 -22.06 10.16 7.35
CA THR B 35 -21.33 9.97 8.59
C THR B 35 -21.15 11.31 9.31
N GLY B 36 -20.82 12.33 8.54
CA GLY B 36 -20.55 13.66 9.09
C GLY B 36 -21.81 14.30 9.63
N THR B 37 -22.92 14.12 8.90
CA THR B 37 -24.20 14.69 9.36
C THR B 37 -24.70 14.00 10.64
N TYR B 38 -24.62 12.67 10.69
CA TYR B 38 -24.96 11.97 11.93
C TYR B 38 -24.13 12.43 13.12
N GLN B 39 -22.81 12.57 12.92
CA GLN B 39 -21.97 12.96 14.00
C GLN B 39 -22.33 14.38 14.49
N ARG B 40 -22.57 15.29 13.56
CA ARG B 40 -22.97 16.65 13.89
C ARG B 40 -24.31 16.71 14.60
N ALA B 41 -25.29 15.92 14.12
CA ALA B 41 -26.62 15.87 14.74
C ALA B 41 -26.53 15.44 16.22
N ILE B 42 -25.68 14.43 16.46
CA ILE B 42 -25.51 13.86 17.78
C ILE B 42 -24.71 14.81 18.70
N LEU B 43 -23.52 15.21 18.23
CA LEU B 43 -22.64 16.08 19.03
C LEU B 43 -23.22 17.47 19.31
N GLN B 44 -23.86 18.08 18.31
CA GLN B 44 -24.43 19.41 18.52
C GLN B 44 -25.67 19.38 19.42
N ASN B 45 -26.32 18.22 19.51
CA ASN B 45 -27.42 17.97 20.46
C ASN B 45 -26.98 17.13 21.67
N HIS B 46 -25.82 17.52 22.24
CA HIS B 46 -25.21 16.74 23.33
C HIS B 46 -26.11 16.59 24.56
N THR B 47 -26.99 17.55 24.84
CA THR B 47 -27.94 17.39 25.94
C THR B 47 -28.97 16.29 25.73
N ASP B 48 -29.24 15.90 24.49
CA ASP B 48 -30.07 14.74 24.25
C ASP B 48 -29.38 13.39 24.49
N PHE B 49 -28.06 13.42 24.70
CA PHE B 49 -27.28 12.22 24.94
C PHE B 49 -26.56 12.17 26.30
N LYS B 50 -26.17 13.32 26.83
CA LYS B 50 -25.37 13.33 28.05
C LYS B 50 -26.07 12.57 29.21
N ASP B 51 -25.43 11.52 29.72
CA ASP B 51 -25.95 10.69 30.82
C ASP B 51 -27.25 9.95 30.49
N LYS B 52 -27.55 9.76 29.21
CA LYS B 52 -28.78 9.13 28.76
C LYS B 52 -28.54 7.68 28.38
N ILE B 53 -29.65 6.95 28.26
CA ILE B 53 -29.69 5.59 27.79
C ILE B 53 -30.10 5.63 26.31
N VAL B 54 -29.33 4.96 25.46
CA VAL B 54 -29.54 4.97 24.01
C VAL B 54 -29.67 3.59 23.42
N LEU B 55 -30.53 3.46 22.41
CA LEU B 55 -30.61 2.28 21.58
C LEU B 55 -30.18 2.63 20.14
N ASP B 56 -29.25 1.84 19.60
CA ASP B 56 -28.75 1.96 18.22
C ASP B 56 -29.30 0.79 17.44
N VAL B 57 -30.24 1.07 16.54
CA VAL B 57 -30.93 0.02 15.83
C VAL B 57 -30.20 -0.26 14.54
N GLY B 58 -29.59 -1.43 14.46
CA GLY B 58 -28.83 -1.82 13.28
C GLY B 58 -27.47 -1.11 13.25
N CYS B 59 -26.64 -1.40 14.21
CA CYS B 59 -25.47 -0.58 14.49
C CYS B 59 -24.32 -0.74 13.47
N GLY B 60 -24.34 -1.83 12.70
CA GLY B 60 -23.26 -2.10 11.80
C GLY B 60 -21.94 -2.16 12.53
N SER B 61 -20.98 -1.35 12.06
CA SER B 61 -19.66 -1.22 12.69
C SER B 61 -19.73 -0.70 14.12
N GLY B 62 -20.81 0.01 14.45
CA GLY B 62 -20.97 0.64 15.73
C GLY B 62 -20.75 2.14 15.71
N ILE B 63 -20.43 2.69 14.54
CA ILE B 63 -20.07 4.11 14.44
C ILE B 63 -21.03 5.10 15.15
N LEU B 64 -22.34 4.92 14.99
CA LEU B 64 -23.29 5.86 15.64
C LEU B 64 -23.29 5.72 17.16
N SER B 65 -23.09 4.48 17.65
CA SER B 65 -22.93 4.28 19.06
C SER B 65 -21.69 4.97 19.62
N PHE B 66 -20.58 4.96 18.86
CA PHE B 66 -19.39 5.72 19.26
C PHE B 66 -19.69 7.23 19.32
N PHE B 67 -20.48 7.74 18.38
CA PHE B 67 -20.85 9.16 18.42
C PHE B 67 -21.73 9.46 19.66
N ALA B 68 -22.67 8.57 19.98
CA ALA B 68 -23.45 8.70 21.24
C ALA B 68 -22.55 8.71 22.49
N ALA B 69 -21.51 7.88 22.49
CA ALA B 69 -20.51 7.87 23.55
C ALA B 69 -19.69 9.14 23.60
N GLN B 70 -19.30 9.67 22.46
CA GLN B 70 -18.57 10.95 22.40
C GLN B 70 -19.44 12.10 22.98
N ALA B 71 -20.75 12.03 22.79
CA ALA B 71 -21.68 13.02 23.32
C ALA B 71 -22.05 12.83 24.78
N GLY B 72 -21.54 11.75 25.40
CA GLY B 72 -21.62 11.55 26.84
C GLY B 72 -22.70 10.58 27.30
N ALA B 73 -23.21 9.72 26.42
CA ALA B 73 -24.28 8.79 26.84
C ALA B 73 -23.79 7.87 27.97
N ARG B 74 -24.65 7.55 28.90
CA ARG B 74 -24.29 6.65 30.02
C ARG B 74 -24.27 5.19 29.55
N LYS B 75 -25.22 4.81 28.71
CA LYS B 75 -25.34 3.41 28.27
C LYS B 75 -25.97 3.39 26.89
N ILE B 76 -25.37 2.61 25.99
CA ILE B 76 -25.84 2.46 24.61
C ILE B 76 -26.00 0.97 24.32
N TYR B 77 -27.20 0.55 23.95
CA TYR B 77 -27.45 -0.80 23.49
C TYR B 77 -27.38 -0.79 21.97
N ALA B 78 -26.44 -1.51 21.42
CA ALA B 78 -26.19 -1.49 19.99
C ALA B 78 -26.62 -2.83 19.40
N VAL B 79 -27.73 -2.84 18.66
CA VAL B 79 -28.32 -4.07 18.18
C VAL B 79 -27.94 -4.28 16.69
N GLU B 80 -27.50 -5.48 16.37
CA GLU B 80 -27.09 -5.80 14.99
C GLU B 80 -27.32 -7.26 14.66
N ALA B 81 -28.00 -7.53 13.56
CA ALA B 81 -28.43 -8.89 13.20
C ALA B 81 -27.44 -9.65 12.33
N SER B 82 -26.59 -8.94 11.60
CA SER B 82 -25.58 -9.61 10.77
C SER B 82 -24.38 -10.03 11.62
N THR B 83 -23.45 -10.74 10.98
CA THR B 83 -22.18 -11.11 11.66
C THR B 83 -21.27 -9.89 11.93
N MET B 84 -21.65 -8.70 11.42
CA MET B 84 -20.99 -7.48 11.77
C MET B 84 -21.04 -7.20 13.26
N ALA B 85 -22.01 -7.78 13.98
CA ALA B 85 -22.06 -7.63 15.46
C ALA B 85 -20.78 -8.07 16.14
N GLN B 86 -20.15 -9.13 15.66
CA GLN B 86 -18.86 -9.56 16.21
C GLN B 86 -17.74 -8.52 16.04
N HIS B 87 -17.74 -7.84 14.89
CA HIS B 87 -16.72 -6.83 14.59
C HIS B 87 -16.99 -5.58 15.42
N ALA B 88 -18.27 -5.24 15.61
CA ALA B 88 -18.61 -4.12 16.47
C ALA B 88 -18.12 -4.37 17.89
N GLU B 89 -18.26 -5.60 18.38
CA GLU B 89 -17.83 -5.95 19.75
C GLU B 89 -16.32 -5.77 19.91
N VAL B 90 -15.56 -6.19 18.89
CA VAL B 90 -14.11 -5.95 18.84
C VAL B 90 -13.79 -4.47 18.97
N LEU B 91 -14.50 -3.62 18.28
CA LEU B 91 -14.27 -2.19 18.38
C LEU B 91 -14.64 -1.61 19.72
N VAL B 92 -15.73 -2.07 20.30
CA VAL B 92 -16.11 -1.58 21.62
C VAL B 92 -14.98 -1.89 22.63
N LYS B 93 -14.43 -3.11 22.58
CA LYS B 93 -13.34 -3.49 23.48
C LYS B 93 -12.05 -2.68 23.20
N SER B 94 -11.70 -2.52 21.93
CA SER B 94 -10.45 -1.84 21.58
C SER B 94 -10.53 -0.34 21.84
N ASN B 95 -11.73 0.23 21.88
CA ASN B 95 -11.93 1.63 22.24
C ASN B 95 -12.26 1.82 23.72
N ASN B 96 -12.12 0.79 24.54
CA ASN B 96 -12.27 0.89 26.00
C ASN B 96 -13.63 1.42 26.41
N LEU B 97 -14.67 0.92 25.78
CA LEU B 97 -16.04 1.37 26.03
C LEU B 97 -16.94 0.21 26.45
N THR B 98 -16.38 -0.90 26.97
CA THR B 98 -17.24 -2.04 27.36
C THR B 98 -18.20 -1.66 28.53
N ASP B 99 -17.84 -0.66 29.32
CA ASP B 99 -18.75 -0.17 30.39
C ASP B 99 -19.91 0.72 29.89
N ARG B 100 -19.90 1.10 28.62
CA ARG B 100 -20.86 2.04 28.07
C ARG B 100 -21.64 1.55 26.85
N ILE B 101 -21.02 0.75 25.99
CA ILE B 101 -21.69 0.26 24.78
C ILE B 101 -21.83 -1.25 24.93
N VAL B 102 -23.06 -1.70 24.84
CA VAL B 102 -23.38 -3.11 24.89
C VAL B 102 -23.91 -3.59 23.56
N VAL B 103 -23.10 -4.39 22.85
CA VAL B 103 -23.54 -4.94 21.58
C VAL B 103 -24.46 -6.13 21.84
N ILE B 104 -25.62 -6.12 21.19
CA ILE B 104 -26.63 -7.18 21.32
C ILE B 104 -26.85 -7.81 19.95
N PRO B 105 -26.32 -9.01 19.72
CA PRO B 105 -26.49 -9.63 18.41
C PRO B 105 -27.91 -10.14 18.21
N GLY B 106 -28.49 -9.85 17.05
CA GLY B 106 -29.80 -10.35 16.68
C GLY B 106 -30.65 -9.26 16.07
N LYS B 107 -31.89 -9.63 15.74
CA LYS B 107 -32.86 -8.70 15.14
C LYS B 107 -33.52 -7.92 16.26
N VAL B 108 -33.75 -6.62 16.04
CA VAL B 108 -34.33 -5.76 17.05
C VAL B 108 -35.76 -6.22 17.47
N GLU B 109 -36.42 -6.95 16.55
CA GLU B 109 -37.71 -7.57 16.78
C GLU B 109 -37.67 -8.80 17.71
N GLU B 110 -36.48 -9.37 17.92
CA GLU B 110 -36.31 -10.65 18.62
C GLU B 110 -35.47 -10.57 19.88
N VAL B 111 -34.61 -9.59 20.03
CA VAL B 111 -33.75 -9.52 21.20
C VAL B 111 -34.49 -8.99 22.42
N SER B 112 -33.81 -9.06 23.55
CA SER B 112 -34.25 -8.50 24.79
C SER B 112 -33.31 -7.36 25.22
N LEU B 113 -33.85 -6.22 25.61
CA LEU B 113 -33.08 -5.16 26.23
C LEU B 113 -33.38 -5.20 27.72
N PRO B 114 -32.39 -4.86 28.55
CA PRO B 114 -32.63 -4.88 29.97
C PRO B 114 -33.36 -3.66 30.53
N GLU B 115 -33.50 -2.59 29.77
CA GLU B 115 -34.19 -1.41 30.28
C GLU B 115 -34.73 -0.54 29.12
N GLN B 116 -35.59 0.40 29.43
CA GLN B 116 -36.11 1.34 28.44
C GLN B 116 -35.07 2.43 28.19
N VAL B 117 -35.16 3.09 27.03
CA VAL B 117 -34.15 4.04 26.61
C VAL B 117 -34.75 5.45 26.43
N ASP B 118 -33.88 6.45 26.47
CA ASP B 118 -34.23 7.85 26.31
C ASP B 118 -34.31 8.25 24.83
N ILE B 119 -33.52 7.60 23.98
CA ILE B 119 -33.41 8.04 22.60
C ILE B 119 -32.99 6.84 21.74
N ILE B 120 -33.59 6.77 20.56
CA ILE B 120 -33.23 5.72 19.56
C ILE B 120 -32.53 6.40 18.43
N ILE B 121 -31.39 5.84 18.00
CA ILE B 121 -30.66 6.31 16.86
C ILE B 121 -30.56 5.15 15.84
N SER B 122 -30.56 5.48 14.56
CA SER B 122 -30.49 4.50 13.51
C SER B 122 -30.25 5.17 12.18
N GLU B 123 -29.75 4.41 11.23
CA GLU B 123 -29.77 4.78 9.85
C GLU B 123 -30.61 3.78 9.05
N PRO B 124 -31.93 3.93 9.10
CA PRO B 124 -32.82 2.96 8.48
C PRO B 124 -33.22 3.26 7.03
N MET B 125 -32.69 4.32 6.43
CA MET B 125 -33.13 4.81 5.14
C MET B 125 -32.53 3.97 4.03
N GLY B 126 -33.37 3.54 3.10
CA GLY B 126 -32.92 2.94 1.82
C GLY B 126 -33.16 3.84 0.65
N TYR B 127 -32.93 3.33 -0.55
CA TYR B 127 -33.32 4.04 -1.77
C TYR B 127 -34.78 4.47 -1.71
N MET B 128 -35.06 5.71 -2.13
CA MET B 128 -36.40 6.25 -2.06
C MET B 128 -36.96 6.28 -0.64
N LEU B 129 -36.08 6.34 0.35
CA LEU B 129 -36.38 6.25 1.79
C LEU B 129 -36.77 4.87 2.25
N PHE B 130 -37.77 4.25 1.59
CA PHE B 130 -38.44 3.10 2.15
C PHE B 130 -37.82 1.73 1.82
N ASN B 131 -37.00 1.67 0.76
CA ASN B 131 -36.40 0.40 0.38
C ASN B 131 -35.65 -0.23 1.55
N GLU B 132 -35.74 -1.55 1.63
CA GLU B 132 -35.17 -2.42 2.66
C GLU B 132 -36.11 -2.66 3.84
N ARG B 133 -37.12 -1.80 4.01
CA ARG B 133 -38.12 -1.91 5.07
C ARG B 133 -37.52 -1.84 6.45
N MET B 134 -36.35 -1.21 6.57
CA MET B 134 -35.73 -1.10 7.87
C MET B 134 -36.42 0.00 8.71
N LEU B 135 -37.10 0.92 8.07
CA LEU B 135 -37.92 1.89 8.84
C LEU B 135 -38.92 1.18 9.77
N GLU B 136 -39.44 0.04 9.34
CA GLU B 136 -40.33 -0.73 10.19
C GLU B 136 -39.62 -1.26 11.46
N SER B 137 -38.36 -1.68 11.33
CA SER B 137 -37.57 -2.11 12.50
C SER B 137 -37.30 -0.95 13.47
N TYR B 138 -37.03 0.22 12.89
CA TYR B 138 -36.82 1.44 13.64
C TYR B 138 -38.08 1.79 14.46
N LEU B 139 -39.25 1.75 13.80
CA LEU B 139 -40.52 2.02 14.49
C LEU B 139 -40.87 0.93 15.52
N HIS B 140 -40.61 -0.34 15.16
CA HIS B 140 -40.77 -1.46 16.05
C HIS B 140 -40.07 -1.23 17.39
N ALA B 141 -38.86 -0.66 17.31
CA ALA B 141 -38.00 -0.43 18.46
C ALA B 141 -38.55 0.56 19.48
N LYS B 142 -39.56 1.33 19.10
CA LYS B 142 -40.21 2.24 20.04
C LYS B 142 -40.88 1.51 21.21
N LYS B 143 -41.07 0.18 21.13
CA LYS B 143 -41.45 -0.57 22.33
C LYS B 143 -40.49 -0.36 23.50
N TYR B 144 -39.24 0.01 23.20
CA TYR B 144 -38.22 0.28 24.19
C TYR B 144 -38.06 1.73 24.58
N LEU B 145 -38.84 2.61 23.96
CA LEU B 145 -38.62 4.04 24.14
C LEU B 145 -39.43 4.54 25.35
N LYS B 146 -38.81 5.27 26.24
CA LYS B 146 -39.55 5.90 27.35
C LYS B 146 -40.60 6.88 26.81
N PRO B 147 -41.69 7.12 27.56
CA PRO B 147 -42.58 8.19 27.10
C PRO B 147 -41.82 9.51 26.98
N SER B 148 -42.11 10.27 25.95
CA SER B 148 -41.33 11.46 25.63
C SER B 148 -39.84 11.21 25.27
N GLY B 149 -39.44 9.98 25.02
CA GLY B 149 -38.15 9.73 24.39
C GLY B 149 -38.10 10.28 22.97
N ASN B 150 -36.90 10.35 22.40
CA ASN B 150 -36.71 10.97 21.14
C ASN B 150 -36.19 9.91 20.14
N MET B 151 -36.25 10.29 18.86
CA MET B 151 -35.83 9.44 17.74
C MET B 151 -34.91 10.30 16.86
N PHE B 152 -33.75 9.76 16.50
CA PHE B 152 -32.77 10.40 15.65
C PHE B 152 -32.41 9.41 14.50
N PRO B 153 -32.96 9.65 13.30
CA PRO B 153 -33.77 10.78 12.86
C PRO B 153 -35.21 10.79 13.38
N THR B 154 -35.79 11.98 13.38
CA THR B 154 -37.09 12.23 13.96
C THR B 154 -38.21 12.18 12.93
N ILE B 155 -37.95 12.77 11.76
CA ILE B 155 -38.89 12.74 10.67
C ILE B 155 -38.15 12.41 9.38
N GLY B 156 -38.90 11.92 8.40
CA GLY B 156 -38.41 11.71 7.03
C GLY B 156 -39.39 12.28 6.00
N ASP B 157 -38.88 12.99 5.02
CA ASP B 157 -39.64 13.61 3.95
C ASP B 157 -39.21 12.98 2.62
N VAL B 158 -40.14 12.35 1.94
CA VAL B 158 -39.95 11.90 0.57
C VAL B 158 -40.43 13.00 -0.36
N HIS B 159 -39.63 13.33 -1.33
CA HIS B 159 -39.96 14.29 -2.38
C HIS B 159 -40.15 13.60 -3.72
N LEU B 160 -41.17 14.02 -4.46
CA LEU B 160 -41.39 13.55 -5.80
C LEU B 160 -41.65 14.70 -6.74
N ALA B 161 -41.14 14.58 -7.97
CA ALA B 161 -41.33 15.59 -8.98
C ALA B 161 -41.30 15.00 -10.37
N PRO B 162 -42.13 15.53 -11.28
CA PRO B 162 -42.06 15.05 -12.68
C PRO B 162 -40.77 15.48 -13.37
N PHE B 163 -40.23 14.62 -14.24
CA PHE B 163 -39.03 14.94 -15.00
C PHE B 163 -39.20 14.65 -16.51
N THR B 164 -38.32 15.27 -17.30
CA THR B 164 -38.20 14.99 -18.73
C THR B 164 -36.75 14.53 -18.96
N ASP B 165 -36.58 13.39 -19.64
CA ASP B 165 -35.28 12.87 -19.96
C ASP B 165 -35.46 11.91 -21.13
N GLU B 166 -35.50 12.50 -22.34
CA GLU B 166 -35.71 11.73 -23.54
C GLU B 166 -34.68 10.63 -23.73
N GLN B 167 -33.42 10.93 -23.46
CA GLN B 167 -32.32 9.96 -23.60
C GLN B 167 -32.48 8.76 -22.67
N LEU B 168 -32.86 8.98 -21.42
CA LEU B 168 -33.15 7.87 -20.52
C LEU B 168 -34.31 7.01 -21.00
N TYR B 169 -35.40 7.67 -21.43
CA TYR B 169 -36.55 6.95 -21.93
C TYR B 169 -36.15 6.06 -23.11
N MET B 170 -35.43 6.65 -24.06
N MET B 170 -35.43 6.65 -24.06
CA MET B 170 -35.09 5.95 -25.31
CA MET B 170 -35.09 5.96 -25.32
C MET B 170 -34.14 4.75 -25.09
C MET B 170 -34.14 4.75 -25.09
N GLU B 171 -33.23 4.90 -24.13
CA GLU B 171 -32.39 3.80 -23.70
C GLU B 171 -33.12 2.46 -23.38
N GLN B 172 -34.29 2.49 -22.80
CA GLN B 172 -35.09 1.29 -22.57
C GLN B 172 -35.46 0.55 -23.83
N PHE B 173 -35.82 1.28 -24.88
CA PHE B 173 -36.17 0.61 -26.16
C PHE B 173 -34.99 0.22 -26.90
N THR B 174 -33.89 0.94 -26.81
CA THR B 174 -32.66 0.49 -27.43
C THR B 174 -32.24 -0.88 -26.87
N LYS B 175 -32.34 -1.04 -25.54
CA LYS B 175 -31.97 -2.30 -24.95
C LYS B 175 -32.93 -3.40 -25.27
N ALA B 176 -34.23 -3.11 -25.22
CA ALA B 176 -35.24 -4.12 -25.47
C ALA B 176 -35.24 -4.58 -26.91
N ASN B 177 -34.87 -3.68 -27.84
CA ASN B 177 -34.90 -4.01 -29.27
C ASN B 177 -33.87 -5.04 -29.71
N PHE B 178 -32.96 -5.41 -28.80
CA PHE B 178 -32.20 -6.65 -28.99
C PHE B 178 -33.12 -7.83 -29.41
N TRP B 179 -34.26 -7.91 -28.75
CA TRP B 179 -35.24 -8.99 -29.02
C TRP B 179 -35.99 -8.82 -30.33
N TYR B 180 -35.96 -7.63 -30.96
CA TYR B 180 -36.69 -7.40 -32.19
C TYR B 180 -35.79 -7.69 -33.37
N GLN B 181 -35.43 -8.97 -33.47
CA GLN B 181 -34.58 -9.46 -34.55
C GLN B 181 -35.15 -10.80 -35.04
N PRO B 182 -35.39 -10.91 -36.36
CA PRO B 182 -35.98 -12.16 -36.86
C PRO B 182 -34.99 -13.27 -37.05
N SER B 183 -33.68 -13.00 -36.95
CA SER B 183 -32.68 -14.04 -37.18
C SER B 183 -31.40 -13.75 -36.36
N PHE B 184 -31.54 -13.83 -35.05
CA PHE B 184 -30.41 -13.84 -34.11
C PHE B 184 -29.82 -15.21 -34.16
N HIS B 185 -28.70 -15.39 -34.89
CA HIS B 185 -28.15 -16.69 -35.13
C HIS B 185 -29.23 -17.70 -35.65
N GLY B 186 -30.11 -17.22 -36.51
CA GLY B 186 -31.15 -18.06 -37.09
C GLY B 186 -32.47 -18.09 -36.31
N VAL B 187 -32.57 -17.42 -35.17
CA VAL B 187 -33.71 -17.51 -34.29
C VAL B 187 -34.48 -16.19 -34.26
N ASP B 188 -35.80 -16.28 -34.42
CA ASP B 188 -36.68 -15.13 -34.33
C ASP B 188 -36.98 -14.83 -32.87
N LEU B 189 -36.38 -13.75 -32.33
CA LEU B 189 -36.54 -13.36 -31.00
C LEU B 189 -37.74 -12.45 -30.69
N SER B 190 -38.35 -11.96 -31.75
CA SER B 190 -39.29 -10.83 -31.68
C SER B 190 -40.50 -10.96 -30.75
N ALA B 191 -40.98 -12.19 -30.55
CA ALA B 191 -42.11 -12.45 -29.66
C ALA B 191 -41.82 -12.07 -28.21
N LEU B 192 -40.53 -11.91 -27.81
CA LEU B 192 -40.20 -11.51 -26.49
C LEU B 192 -39.93 -10.00 -26.29
N ARG B 193 -40.04 -9.22 -27.35
CA ARG B 193 -39.70 -7.81 -27.25
C ARG B 193 -40.57 -7.05 -26.23
N GLY B 194 -41.87 -7.30 -26.27
CA GLY B 194 -42.79 -6.67 -25.30
C GLY B 194 -42.49 -7.00 -23.86
N ALA B 195 -42.18 -8.26 -23.60
CA ALA B 195 -41.83 -8.72 -22.26
C ALA B 195 -40.52 -8.04 -21.80
N ALA B 196 -39.56 -7.85 -22.74
CA ALA B 196 -38.32 -7.17 -22.39
C ALA B 196 -38.52 -5.69 -22.05
N VAL B 197 -39.34 -5.03 -22.86
CA VAL B 197 -39.68 -3.61 -22.63
C VAL B 197 -40.29 -3.49 -21.18
N ASP B 198 -41.24 -4.35 -20.89
CA ASP B 198 -41.93 -4.37 -19.60
C ASP B 198 -40.97 -4.58 -18.46
N GLU B 199 -40.02 -5.50 -18.63
CA GLU B 199 -39.03 -5.71 -17.60
C GLU B 199 -38.15 -4.54 -17.33
N TYR B 200 -37.67 -3.86 -18.37
CA TYR B 200 -36.81 -2.69 -18.19
C TYR B 200 -37.56 -1.55 -17.53
N PHE B 201 -38.83 -1.33 -17.91
CA PHE B 201 -39.61 -0.25 -17.33
C PHE B 201 -40.03 -0.50 -15.88
N ARG B 202 -40.04 -1.76 -15.46
CA ARG B 202 -40.31 -2.10 -14.08
C ARG B 202 -39.14 -1.74 -13.12
N GLN B 203 -37.98 -1.42 -13.65
CA GLN B 203 -36.83 -1.13 -12.80
C GLN B 203 -36.73 0.36 -12.49
N PRO B 204 -36.84 0.74 -11.23
CA PRO B 204 -36.50 2.16 -10.91
C PRO B 204 -35.03 2.42 -11.16
N VAL B 205 -34.72 3.61 -11.66
CA VAL B 205 -33.41 3.99 -12.03
C VAL B 205 -32.73 4.75 -10.93
N VAL B 206 -31.62 4.21 -10.43
CA VAL B 206 -30.81 4.87 -9.41
C VAL B 206 -29.63 5.53 -10.05
N ASP B 207 -29.63 6.86 -10.04
CA ASP B 207 -28.50 7.68 -10.49
C ASP B 207 -28.80 9.11 -10.13
N THR B 208 -27.94 10.02 -10.48
CA THR B 208 -28.22 11.43 -10.27
C THR B 208 -28.53 12.09 -11.59
N PHE B 209 -28.89 13.37 -11.56
CA PHE B 209 -29.27 14.10 -12.74
C PHE B 209 -29.18 15.58 -12.46
N ASP B 210 -29.20 16.36 -13.53
CA ASP B 210 -29.23 17.81 -13.43
C ASP B 210 -30.65 18.26 -13.03
N ILE B 211 -30.74 19.20 -12.10
CA ILE B 211 -32.06 19.72 -11.66
C ILE B 211 -32.92 20.35 -12.78
N ARG B 212 -32.31 20.72 -13.89
CA ARG B 212 -33.02 21.29 -15.00
C ARG B 212 -33.98 20.30 -15.66
N ILE B 213 -33.84 18.99 -15.41
CA ILE B 213 -34.81 18.05 -15.94
C ILE B 213 -36.18 18.10 -15.20
N LEU B 214 -36.23 18.72 -14.02
CA LEU B 214 -37.45 18.70 -13.22
C LEU B 214 -38.45 19.71 -13.77
N MET B 215 -39.71 19.30 -13.89
CA MET B 215 -40.72 20.12 -14.57
C MET B 215 -41.72 20.82 -13.65
N ALA B 216 -41.63 20.58 -12.36
CA ALA B 216 -42.53 21.20 -11.36
C ALA B 216 -41.91 21.08 -10.01
N LYS B 217 -42.34 21.95 -9.09
CA LYS B 217 -41.90 21.84 -7.69
C LYS B 217 -42.35 20.53 -7.09
N SER B 218 -41.53 19.99 -6.21
CA SER B 218 -41.76 18.66 -5.65
C SER B 218 -42.95 18.66 -4.73
N VAL B 219 -43.62 17.51 -4.63
CA VAL B 219 -44.61 17.22 -3.60
C VAL B 219 -43.88 16.45 -2.50
N LYS B 220 -44.20 16.78 -1.26
CA LYS B 220 -43.52 16.17 -0.09
C LYS B 220 -44.46 15.23 0.66
N TYR B 221 -44.00 14.05 1.04
CA TYR B 221 -44.75 13.14 1.90
C TYR B 221 -43.91 12.86 3.15
N THR B 222 -44.45 13.16 4.34
CA THR B 222 -43.65 13.15 5.56
C THR B 222 -44.05 11.99 6.44
N VAL B 223 -43.08 11.28 6.96
CA VAL B 223 -43.30 10.30 8.00
C VAL B 223 -42.69 10.86 9.29
N ASN B 224 -43.51 10.95 10.32
CA ASN B 224 -43.09 11.39 11.63
C ASN B 224 -42.78 10.13 12.44
N PHE B 225 -41.50 9.91 12.72
CA PHE B 225 -41.07 8.65 13.35
C PHE B 225 -41.45 8.57 14.83
N LEU B 226 -41.68 9.71 15.47
CA LEU B 226 -42.20 9.68 16.85
C LEU B 226 -43.63 9.15 16.92
N GLU B 227 -44.40 9.38 15.88
CA GLU B 227 -45.84 9.04 15.87
C GLU B 227 -46.21 7.81 15.06
N ALA B 228 -45.44 7.51 14.02
CA ALA B 228 -45.83 6.45 13.08
C ALA B 228 -45.72 5.07 13.73
N LYS B 229 -46.61 4.19 13.31
CA LYS B 229 -46.60 2.78 13.69
C LYS B 229 -46.08 1.98 12.49
N GLU B 230 -45.47 0.85 12.78
CA GLU B 230 -44.96 -0.05 11.78
C GLU B 230 -45.89 -0.31 10.61
N GLY B 231 -47.12 -0.61 11.00
CA GLY B 231 -48.22 -0.88 10.09
C GLY B 231 -48.50 0.24 9.12
N ASP B 232 -48.19 1.49 9.48
CA ASP B 232 -48.37 2.64 8.59
C ASP B 232 -47.51 2.56 7.33
N LEU B 233 -46.44 1.77 7.35
CA LEU B 233 -45.54 1.66 6.21
C LEU B 233 -45.84 0.48 5.26
N HIS B 234 -46.88 -0.27 5.55
CA HIS B 234 -47.27 -1.41 4.68
C HIS B 234 -47.94 -0.94 3.40
N ARG B 235 -48.61 0.21 3.46
CA ARG B 235 -49.24 0.77 2.29
C ARG B 235 -49.09 2.27 2.36
N ILE B 236 -48.38 2.85 1.44
CA ILE B 236 -48.06 4.26 1.51
C ILE B 236 -48.65 4.92 0.29
N GLU B 237 -49.65 5.77 0.50
CA GLU B 237 -50.40 6.37 -0.63
C GLU B 237 -49.98 7.82 -0.71
N ILE B 238 -49.40 8.22 -1.84
CA ILE B 238 -48.94 9.59 -2.00
C ILE B 238 -49.68 10.26 -3.14
N PRO B 239 -50.73 11.00 -2.85
CA PRO B 239 -51.40 11.73 -3.95
C PRO B 239 -50.53 12.90 -4.40
N PHE B 240 -50.68 13.30 -5.65
CA PHE B 240 -49.90 14.47 -6.12
C PHE B 240 -50.70 15.26 -7.10
N LYS B 241 -50.51 16.57 -7.04
CA LYS B 241 -51.04 17.51 -8.05
C LYS B 241 -49.90 18.45 -8.37
N PHE B 242 -49.26 18.26 -9.53
CA PHE B 242 -48.10 19.12 -9.87
C PHE B 242 -48.59 20.24 -10.78
N HIS B 243 -48.16 21.45 -10.45
CA HIS B 243 -48.43 22.63 -11.31
C HIS B 243 -47.17 22.83 -12.22
N MET B 244 -47.33 22.50 -13.47
CA MET B 244 -46.23 22.36 -14.42
C MET B 244 -45.56 23.70 -14.65
N LEU B 245 -44.23 23.78 -14.44
CA LEU B 245 -43.47 25.01 -14.59
C LEU B 245 -42.84 25.13 -15.99
N HIS B 246 -42.71 24.03 -16.68
CA HIS B 246 -42.02 23.92 -17.98
C HIS B 246 -42.90 23.03 -18.84
N SER B 247 -42.97 23.32 -20.12
CA SER B 247 -43.67 22.52 -21.09
C SER B 247 -42.76 21.42 -21.62
N GLY B 248 -43.29 20.25 -21.92
CA GLY B 248 -42.54 19.19 -22.51
C GLY B 248 -43.17 17.83 -22.29
N LEU B 249 -42.46 16.77 -22.63
CA LEU B 249 -42.84 15.44 -22.36
C LEU B 249 -42.40 14.96 -20.97
N VAL B 250 -43.34 14.54 -20.14
CA VAL B 250 -43.06 14.00 -18.81
C VAL B 250 -42.78 12.51 -18.95
N HIS B 251 -41.54 12.10 -18.67
CA HIS B 251 -41.14 10.71 -18.80
C HIS B 251 -41.26 9.92 -17.52
N GLY B 252 -41.51 10.59 -16.40
CA GLY B 252 -41.65 9.88 -15.12
C GLY B 252 -41.59 10.76 -13.91
N LEU B 253 -41.49 10.14 -12.75
CA LEU B 253 -41.31 10.86 -11.49
C LEU B 253 -39.93 10.55 -10.88
N ALA B 254 -39.31 11.62 -10.39
CA ALA B 254 -38.04 11.54 -9.67
C ALA B 254 -38.33 11.63 -8.15
N PHE B 255 -37.60 10.86 -7.37
CA PHE B 255 -37.74 10.75 -5.94
C PHE B 255 -36.40 11.01 -5.23
N TRP B 256 -36.47 11.74 -4.14
CA TRP B 256 -35.39 11.84 -3.18
C TRP B 256 -35.98 11.96 -1.76
N PHE B 257 -35.10 12.05 -0.77
CA PHE B 257 -35.55 12.15 0.61
C PHE B 257 -34.61 12.95 1.48
N ASP B 258 -35.19 13.53 2.53
CA ASP B 258 -34.48 14.24 3.55
C ASP B 258 -34.92 13.62 4.88
N VAL B 259 -34.01 13.59 5.84
CA VAL B 259 -34.40 13.32 7.25
C VAL B 259 -33.94 14.46 8.14
N ALA B 260 -34.68 14.69 9.23
CA ALA B 260 -34.32 15.73 10.18
C ALA B 260 -34.11 15.09 11.55
N PHE B 261 -33.04 15.54 12.22
CA PHE B 261 -32.77 15.18 13.61
C PHE B 261 -33.18 16.38 14.47
N ILE B 262 -34.32 16.25 15.12
CA ILE B 262 -34.93 17.38 15.87
C ILE B 262 -34.48 17.28 17.33
N GLY B 263 -33.36 17.91 17.65
CA GLY B 263 -32.81 17.81 18.99
C GLY B 263 -33.23 19.01 19.83
N SER B 264 -32.85 18.99 21.08
CA SER B 264 -33.18 20.06 22.02
C SER B 264 -32.42 21.34 21.73
N ILE B 265 -31.22 21.24 21.14
CA ILE B 265 -30.43 22.44 20.83
C ILE B 265 -30.70 22.91 19.41
N MET B 266 -30.72 21.99 18.45
CA MET B 266 -30.97 22.37 17.07
C MET B 266 -31.47 21.20 16.24
N THR B 267 -32.01 21.58 15.09
CA THR B 267 -32.45 20.61 14.11
C THR B 267 -31.40 20.52 13.05
N VAL B 268 -30.95 19.31 12.74
CA VAL B 268 -29.96 19.09 11.68
C VAL B 268 -30.62 18.24 10.59
N TRP B 269 -30.41 18.63 9.33
CA TRP B 269 -30.98 17.92 8.17
C TRP B 269 -29.92 17.12 7.42
N LEU B 270 -30.30 15.93 6.96
CA LEU B 270 -29.54 15.15 6.01
C LEU B 270 -30.40 15.05 4.76
N SER B 271 -29.96 15.67 3.67
CA SER B 271 -30.73 15.71 2.43
C SER B 271 -30.05 14.92 1.30
N THR B 272 -30.82 14.17 0.52
CA THR B 272 -30.35 13.47 -0.67
C THR B 272 -30.91 14.13 -1.93
N ALA B 273 -31.32 15.39 -1.80
CA ALA B 273 -31.83 16.15 -2.96
C ALA B 273 -30.78 16.34 -4.08
N PRO B 274 -31.25 16.45 -5.33
CA PRO B 274 -30.31 16.66 -6.44
C PRO B 274 -29.62 18.04 -6.46
N THR B 275 -30.10 18.96 -5.65
CA THR B 275 -29.43 20.23 -5.37
C THR B 275 -28.31 20.13 -4.29
N GLU B 276 -28.13 18.96 -3.68
CA GLU B 276 -27.19 18.75 -2.59
C GLU B 276 -26.07 17.80 -3.02
N PRO B 277 -24.94 17.83 -2.30
CA PRO B 277 -23.90 16.86 -2.62
C PRO B 277 -24.42 15.44 -2.63
N LEU B 278 -23.86 14.68 -3.52
CA LEU B 278 -24.28 13.33 -3.77
C LEU B 278 -23.99 12.40 -2.57
N THR B 279 -24.87 11.43 -2.36
CA THR B 279 -24.69 10.34 -1.37
C THR B 279 -24.79 9.05 -2.09
N HIS B 280 -24.52 7.94 -1.41
CA HIS B 280 -24.69 6.62 -2.03
C HIS B 280 -26.19 6.25 -2.23
N TRP B 281 -27.13 7.06 -1.72
CA TRP B 281 -28.55 6.89 -2.11
C TRP B 281 -28.90 7.48 -3.51
N TYR B 282 -28.03 8.32 -4.05
CA TYR B 282 -28.27 9.05 -5.32
C TYR B 282 -29.70 9.64 -5.26
N GLN B 283 -30.44 9.51 -6.36
CA GLN B 283 -31.87 9.74 -6.44
C GLN B 283 -32.45 8.59 -7.24
N VAL B 284 -33.76 8.52 -7.29
CA VAL B 284 -34.44 7.42 -7.95
C VAL B 284 -35.47 7.97 -8.95
N ARG B 285 -35.46 7.44 -10.18
CA ARG B 285 -36.46 7.81 -11.17
C ARG B 285 -37.29 6.61 -11.62
N CYS B 286 -38.59 6.80 -11.63
CA CYS B 286 -39.55 5.79 -12.08
C CYS B 286 -40.12 6.28 -13.40
N LEU B 287 -39.81 5.55 -14.47
CA LEU B 287 -40.27 5.92 -15.80
C LEU B 287 -41.72 5.57 -16.04
N PHE B 288 -42.35 6.36 -16.89
CA PHE B 288 -43.63 6.01 -17.47
C PHE B 288 -43.41 5.28 -18.76
N GLN B 289 -44.07 4.17 -18.99
CA GLN B 289 -43.90 3.48 -20.30
C GLN B 289 -44.57 4.31 -21.44
N SER B 290 -45.58 5.12 -21.12
CA SER B 290 -46.07 6.14 -22.01
C SER B 290 -45.96 7.52 -21.42
N PRO B 291 -45.11 8.34 -22.04
CA PRO B 291 -44.90 9.67 -21.53
C PRO B 291 -46.07 10.57 -21.77
N LEU B 292 -46.18 11.63 -21.01
CA LEU B 292 -47.30 12.55 -21.09
C LEU B 292 -46.91 13.92 -21.48
N PHE B 293 -47.52 14.52 -22.50
N PHE B 293 -47.55 14.51 -22.47
CA PHE B 293 -47.24 15.93 -22.85
CA PHE B 293 -47.27 15.92 -22.83
C PHE B 293 -47.97 16.86 -21.89
C PHE B 293 -47.97 16.87 -21.91
N ALA B 294 -47.25 17.85 -21.37
CA ALA B 294 -47.84 18.89 -20.56
C ALA B 294 -47.25 20.26 -20.94
N LYS B 295 -48.06 21.31 -20.79
CA LYS B 295 -47.65 22.66 -20.98
C LYS B 295 -47.45 23.29 -19.63
N ALA B 296 -46.55 24.29 -19.54
CA ALA B 296 -46.43 25.09 -18.37
C ALA B 296 -47.84 25.63 -18.00
N GLY B 297 -48.18 25.57 -16.74
CA GLY B 297 -49.54 25.93 -16.27
C GLY B 297 -50.54 24.79 -16.21
N ASP B 298 -50.29 23.68 -16.90
CA ASP B 298 -51.14 22.47 -16.75
C ASP B 298 -50.95 21.84 -15.33
N THR B 299 -51.83 20.91 -14.99
N THR B 299 -51.84 20.92 -14.99
CA THR B 299 -51.74 20.16 -13.73
CA THR B 299 -51.74 20.16 -13.73
C THR B 299 -51.59 18.69 -14.07
C THR B 299 -51.59 18.69 -14.07
N LEU B 300 -50.61 18.03 -13.45
CA LEU B 300 -50.39 16.59 -13.62
C LEU B 300 -50.74 15.97 -12.24
N SER B 301 -51.83 15.20 -12.22
CA SER B 301 -52.36 14.68 -10.99
C SER B 301 -52.34 13.16 -11.02
N GLY B 302 -52.32 12.59 -9.81
CA GLY B 302 -52.33 11.17 -9.69
C GLY B 302 -51.95 10.70 -8.33
N THR B 303 -51.51 9.45 -8.28
CA THR B 303 -51.18 8.79 -7.01
C THR B 303 -49.97 7.91 -7.21
N CYS B 304 -49.05 7.96 -6.27
CA CYS B 304 -48.00 6.98 -6.14
C CYS B 304 -48.36 6.09 -4.94
N LEU B 305 -48.52 4.79 -5.19
CA LEU B 305 -48.90 3.83 -4.14
C LEU B 305 -47.77 2.84 -3.95
N LEU B 306 -47.24 2.76 -2.74
CA LEU B 306 -46.17 1.83 -2.41
C LEU B 306 -46.73 0.75 -1.50
N ILE B 307 -46.63 -0.50 -1.94
CA ILE B 307 -47.17 -1.62 -1.24
C ILE B 307 -46.04 -2.55 -0.83
N ALA B 308 -45.87 -2.73 0.47
CA ALA B 308 -44.69 -3.47 1.01
C ALA B 308 -44.81 -4.94 0.57
N ASN B 309 -43.68 -5.56 0.30
CA ASN B 309 -43.66 -6.98 -0.07
C ASN B 309 -42.69 -7.72 0.87
N LYS B 310 -42.71 -9.03 0.82
CA LYS B 310 -41.86 -9.84 1.68
C LYS B 310 -40.37 -9.98 1.27
N ARG B 311 -39.96 -9.31 0.22
CA ARG B 311 -38.55 -9.20 -0.18
C ARG B 311 -37.92 -7.93 0.32
N GLN B 312 -38.44 -7.41 1.41
CA GLN B 312 -37.88 -6.22 2.07
C GLN B 312 -37.91 -5.03 1.16
N SER B 313 -38.95 -4.94 0.32
CA SER B 313 -39.07 -3.79 -0.59
C SER B 313 -40.57 -3.48 -0.85
N TYR B 314 -40.80 -2.77 -1.92
CA TYR B 314 -42.13 -2.29 -2.28
C TYR B 314 -42.42 -2.55 -3.76
N ASP B 315 -43.69 -2.85 -4.06
CA ASP B 315 -44.27 -2.76 -5.39
C ASP B 315 -44.75 -1.31 -5.50
N ILE B 316 -44.36 -0.62 -6.56
CA ILE B 316 -44.68 0.78 -6.74
C ILE B 316 -45.70 0.88 -7.85
N SER B 317 -46.82 1.54 -7.59
CA SER B 317 -47.81 1.77 -8.60
C SER B 317 -47.90 3.31 -8.78
N ILE B 318 -47.68 3.79 -10.00
CA ILE B 318 -47.81 5.23 -10.30
C ILE B 318 -48.86 5.44 -11.39
N VAL B 319 -49.89 6.22 -11.10
CA VAL B 319 -50.91 6.56 -12.10
C VAL B 319 -50.95 8.07 -12.19
N ALA B 320 -50.93 8.60 -13.41
CA ALA B 320 -50.80 10.03 -13.58
C ALA B 320 -51.64 10.45 -14.78
N GLN B 321 -52.15 11.66 -14.71
CA GLN B 321 -52.85 12.22 -15.83
C GLN B 321 -52.60 13.72 -15.93
N VAL B 322 -52.63 14.21 -17.17
CA VAL B 322 -52.67 15.62 -17.42
C VAL B 322 -54.15 16.07 -17.40
N ASP B 323 -54.51 16.85 -16.40
CA ASP B 323 -55.94 17.16 -16.18
C ASP B 323 -56.54 17.89 -17.40
N GLN B 324 -55.78 18.80 -18.00
CA GLN B 324 -56.28 19.59 -19.12
C GLN B 324 -56.56 18.78 -20.38
N THR B 325 -55.94 17.63 -20.60
CA THR B 325 -56.19 16.82 -21.80
C THR B 325 -56.81 15.45 -21.55
N GLY B 326 -56.86 15.01 -20.30
CA GLY B 326 -57.19 13.64 -19.99
C GLY B 326 -56.20 12.55 -20.35
N SER B 327 -55.00 12.86 -20.80
CA SER B 327 -53.99 11.84 -21.15
C SER B 327 -53.44 11.25 -19.83
N LYS B 328 -53.41 9.93 -19.83
CA LYS B 328 -53.19 9.09 -18.65
C LYS B 328 -52.04 8.13 -18.85
N SER B 329 -51.29 7.83 -17.80
CA SER B 329 -50.30 6.79 -17.81
C SER B 329 -50.30 6.04 -16.47
N SER B 330 -50.17 4.71 -16.53
CA SER B 330 -50.24 3.79 -15.37
C SER B 330 -49.03 2.91 -15.41
N ASN B 331 -48.25 2.84 -14.32
CA ASN B 331 -46.96 2.17 -14.29
C ASN B 331 -46.72 1.38 -13.03
N LEU B 332 -46.11 0.23 -13.12
CA LEU B 332 -45.88 -0.68 -12.00
C LEU B 332 -44.40 -0.96 -11.93
N LEU B 333 -43.75 -0.74 -10.80
CA LEU B 333 -42.30 -0.95 -10.68
C LEU B 333 -42.00 -1.85 -9.49
N ASP B 334 -40.83 -2.45 -9.53
CA ASP B 334 -40.33 -3.39 -8.52
C ASP B 334 -39.06 -2.75 -7.92
N LEU B 335 -39.22 -2.11 -6.79
CA LEU B 335 -38.12 -1.45 -6.06
C LEU B 335 -37.02 -2.41 -5.60
N LYS B 336 -37.31 -3.71 -5.53
CA LYS B 336 -36.28 -4.68 -5.17
C LYS B 336 -35.24 -4.87 -6.28
N ASN B 337 -35.57 -4.60 -7.52
CA ASN B 337 -34.65 -4.79 -8.67
C ASN B 337 -34.31 -3.45 -9.38
N PRO B 338 -33.64 -2.50 -8.68
CA PRO B 338 -33.35 -1.24 -9.32
C PRO B 338 -32.28 -1.36 -10.40
N PHE B 339 -32.25 -0.45 -11.35
CA PHE B 339 -31.20 -0.35 -12.33
C PHE B 339 -30.21 0.68 -11.86
N PHE B 340 -29.00 0.21 -11.53
CA PHE B 340 -27.94 1.13 -11.07
C PHE B 340 -27.26 1.69 -12.29
N ARG B 341 -27.70 2.86 -12.72
CA ARG B 341 -27.24 3.49 -13.95
C ARG B 341 -25.98 4.36 -13.77
N TYR B 342 -25.76 4.92 -12.60
CA TYR B 342 -24.54 5.70 -12.28
C TYR B 342 -23.21 5.02 -12.58
N SER C 1 32.09 22.55 28.64
CA SER C 1 31.54 23.76 27.99
C SER C 1 30.04 23.54 27.77
N VAL C 2 29.35 24.62 27.38
CA VAL C 2 27.95 24.53 26.98
C VAL C 2 27.79 23.53 25.82
N PHE C 3 28.75 23.51 24.90
CA PHE C 3 28.66 22.60 23.76
C PHE C 3 28.74 21.13 24.21
N SER C 4 29.79 20.78 24.96
CA SER C 4 29.99 19.37 25.33
C SER C 4 28.88 18.86 26.28
N GLU C 5 28.36 19.74 27.13
CA GLU C 5 27.25 19.38 28.04
C GLU C 5 25.97 18.97 27.28
N ARG C 6 25.73 19.55 26.10
CA ARG C 6 24.51 19.24 25.31
C ARG C 6 24.72 18.24 24.17
N THR C 7 25.95 17.72 24.00
CA THR C 7 26.29 16.92 22.82
C THR C 7 27.02 15.63 23.24
N GLU C 8 26.50 14.47 22.84
CA GLU C 8 27.22 13.21 22.99
C GLU C 8 28.51 13.29 22.17
N GLU C 9 29.62 12.88 22.78
CA GLU C 9 30.91 12.95 22.12
C GLU C 9 30.91 12.24 20.76
N SER C 10 30.28 11.07 20.66
CA SER C 10 30.24 10.37 19.35
C SER C 10 29.50 11.13 18.21
N SER C 11 28.43 11.84 18.56
CA SER C 11 27.76 12.73 17.59
C SER C 11 28.73 13.87 17.17
N ALA C 12 29.39 14.51 18.14
CA ALA C 12 30.32 15.61 17.88
C ALA C 12 31.46 15.18 16.95
N VAL C 13 32.03 14.02 17.24
CA VAL C 13 33.15 13.51 16.45
C VAL C 13 32.72 13.36 15.00
N GLN C 14 31.61 12.72 14.74
CA GLN C 14 31.10 12.50 13.39
C GLN C 14 30.74 13.81 12.70
N TYR C 15 30.11 14.71 13.43
CA TYR C 15 29.70 16.04 12.92
C TYR C 15 30.92 16.84 12.40
N PHE C 16 31.95 17.00 13.24
CA PHE C 16 33.12 17.79 12.88
C PHE C 16 34.01 17.07 11.86
N GLN C 17 34.05 15.72 11.93
CA GLN C 17 34.68 14.95 10.83
C GLN C 17 34.04 15.24 9.48
N PHE C 18 32.71 15.22 9.41
CA PHE C 18 31.98 15.47 8.17
C PHE C 18 32.30 16.85 7.58
N TYR C 19 32.31 17.89 8.41
CA TYR C 19 32.59 19.26 7.91
C TYR C 19 34.08 19.55 7.64
N GLY C 20 34.93 18.66 8.10
CA GLY C 20 36.35 18.72 7.84
C GLY C 20 36.73 18.36 6.40
N TYR C 21 35.82 17.82 5.60
CA TYR C 21 36.14 17.44 4.22
C TYR C 21 35.98 18.61 3.26
N LEU C 22 37.01 18.85 2.47
CA LEU C 22 36.92 19.81 1.35
C LEU C 22 35.75 19.51 0.40
N SER C 23 35.47 18.25 0.14
CA SER C 23 34.33 17.92 -0.73
C SER C 23 32.99 18.37 -0.17
N GLN C 24 32.85 18.32 1.15
CA GLN C 24 31.61 18.77 1.74
C GLN C 24 31.49 20.28 1.66
N GLN C 25 32.59 21.00 1.94
CA GLN C 25 32.59 22.46 1.83
C GLN C 25 32.29 22.87 0.36
N GLN C 26 32.86 22.14 -0.59
CA GLN C 26 32.62 22.39 -2.00
C GLN C 26 31.12 22.25 -2.36
N ASN C 27 30.50 21.17 -1.87
CA ASN C 27 29.09 20.93 -2.12
C ASN C 27 28.20 22.10 -1.66
N MET C 28 28.51 22.63 -0.48
CA MET C 28 27.75 23.75 0.05
C MET C 28 28.05 25.05 -0.70
N MET C 29 29.32 25.30 -0.98
CA MET C 29 29.74 26.47 -1.74
C MET C 29 29.09 26.49 -3.14
N GLN C 30 28.95 25.32 -3.78
CA GLN C 30 28.28 25.23 -5.08
C GLN C 30 26.77 25.40 -5.07
N ASP C 31 26.15 25.46 -3.90
CA ASP C 31 24.73 25.76 -3.80
C ASP C 31 24.63 27.27 -4.00
N TYR C 32 24.44 27.69 -5.24
CA TYR C 32 24.55 29.10 -5.62
C TYR C 32 23.51 29.99 -4.93
N VAL C 33 22.34 29.46 -4.67
CA VAL C 33 21.30 30.24 -3.98
C VAL C 33 21.84 30.66 -2.61
N ARG C 34 22.45 29.72 -1.91
CA ARG C 34 23.04 30.01 -0.63
C ARG C 34 24.21 31.01 -0.69
N THR C 35 25.22 30.68 -1.47
CA THR C 35 26.43 31.45 -1.49
C THR C 35 26.17 32.85 -2.06
N GLY C 36 25.38 32.90 -3.12
CA GLY C 36 25.06 34.14 -3.83
C GLY C 36 24.18 35.03 -2.96
N THR C 37 23.22 34.45 -2.24
CA THR C 37 22.36 35.25 -1.37
C THR C 37 23.14 35.83 -0.19
N TYR C 38 23.99 35.02 0.45
CA TYR C 38 24.87 35.56 1.50
C TYR C 38 25.74 36.71 0.99
N GLN C 39 26.33 36.54 -0.18
CA GLN C 39 27.19 37.60 -0.72
C GLN C 39 26.39 38.90 -0.95
N ARG C 40 25.19 38.76 -1.54
CA ARG C 40 24.32 39.90 -1.79
C ARG C 40 23.89 40.58 -0.48
N ALA C 41 23.51 39.78 0.53
CA ALA C 41 23.11 40.34 1.81
C ALA C 41 24.20 41.17 2.46
N ILE C 42 25.43 40.66 2.37
CA ILE C 42 26.59 41.30 2.98
C ILE C 42 27.00 42.54 2.16
N LEU C 43 27.22 42.36 0.87
CA LEU C 43 27.68 43.46 0.00
C LEU C 43 26.68 44.58 -0.18
N GLN C 44 25.40 44.26 -0.30
CA GLN C 44 24.39 45.33 -0.43
C GLN C 44 24.19 46.10 0.87
N ASN C 45 24.52 45.45 2.00
CA ASN C 45 24.52 46.10 3.32
C ASN C 45 25.96 46.42 3.80
N HIS C 46 26.75 47.01 2.89
CA HIS C 46 28.17 47.27 3.16
C HIS C 46 28.40 48.19 4.36
N THR C 47 27.47 49.08 4.62
CA THR C 47 27.52 49.95 5.81
C THR C 47 27.42 49.19 7.14
N ASP C 48 26.83 47.99 7.16
CA ASP C 48 26.85 47.18 8.36
C ASP C 48 28.18 46.48 8.63
N PHE C 49 29.10 46.55 7.66
CA PHE C 49 30.41 45.94 7.77
C PHE C 49 31.57 46.93 7.70
N LYS C 50 31.41 48.05 6.99
CA LYS C 50 32.51 48.96 6.79
C LYS C 50 33.16 49.41 8.12
N ASP C 51 34.45 49.12 8.28
CA ASP C 51 35.22 49.46 9.49
C ASP C 51 34.72 48.80 10.79
N LYS C 52 33.97 47.71 10.67
CA LYS C 52 33.39 47.03 11.82
C LYS C 52 34.21 45.81 12.22
N ILE C 53 33.94 45.35 13.42
CA ILE C 53 34.48 44.11 13.97
C ILE C 53 33.41 43.02 13.80
N VAL C 54 33.81 41.89 13.22
CA VAL C 54 32.88 40.81 12.87
C VAL C 54 33.30 39.48 13.51
N LEU C 55 32.29 38.70 13.90
CA LEU C 55 32.47 37.30 14.27
C LEU C 55 31.75 36.40 13.26
N ASP C 56 32.50 35.43 12.70
CA ASP C 56 31.96 34.40 11.78
C ASP C 56 31.92 33.09 12.55
N VAL C 57 30.72 32.64 12.86
CA VAL C 57 30.56 31.46 13.71
C VAL C 57 30.46 30.22 12.82
N GLY C 58 31.50 29.41 12.89
CA GLY C 58 31.55 28.19 12.08
C GLY C 58 31.92 28.53 10.63
N CYS C 59 33.12 29.05 10.43
CA CYS C 59 33.47 29.68 9.16
C CYS C 59 33.71 28.71 7.99
N GLY C 60 33.94 27.43 8.29
CA GLY C 60 34.20 26.47 7.24
C GLY C 60 35.41 26.91 6.44
N SER C 61 35.23 27.01 5.13
CA SER C 61 36.24 27.48 4.19
C SER C 61 36.65 28.93 4.45
N GLY C 62 35.79 29.71 5.11
CA GLY C 62 36.00 31.11 5.34
C GLY C 62 35.21 32.03 4.45
N ILE C 63 34.42 31.45 3.54
CA ILE C 63 33.76 32.22 2.50
C ILE C 63 33.00 33.49 2.99
N LEU C 64 32.24 33.36 4.06
CA LEU C 64 31.48 34.50 4.60
C LEU C 64 32.39 35.59 5.18
N SER C 65 33.50 35.19 5.78
CA SER C 65 34.50 36.14 6.23
C SER C 65 35.11 36.90 5.07
N PHE C 66 35.35 36.24 3.93
CA PHE C 66 35.82 36.94 2.74
C PHE C 66 34.80 37.97 2.25
N PHE C 67 33.50 37.62 2.32
CA PHE C 67 32.48 38.56 1.93
C PHE C 67 32.46 39.79 2.89
N ALA C 68 32.59 39.53 4.18
CA ALA C 68 32.71 40.63 5.17
C ALA C 68 33.91 41.55 4.89
N ALA C 69 35.04 40.95 4.47
CA ALA C 69 36.23 41.70 4.06
C ALA C 69 35.98 42.50 2.78
N GLN C 70 35.28 41.92 1.80
CA GLN C 70 34.94 42.67 0.57
C GLN C 70 34.05 43.90 0.90
N ALA C 71 33.22 43.78 1.92
CA ALA C 71 32.34 44.87 2.34
C ALA C 71 33.02 45.89 3.25
N GLY C 72 34.28 45.67 3.59
CA GLY C 72 35.13 46.65 4.23
C GLY C 72 35.31 46.46 5.73
N ALA C 73 35.07 45.25 6.27
CA ALA C 73 35.22 45.05 7.70
C ALA C 73 36.66 45.31 8.14
N ARG C 74 36.83 45.90 9.31
CA ARG C 74 38.19 46.14 9.83
C ARG C 74 38.83 44.87 10.37
N LYS C 75 38.06 44.04 11.06
CA LYS C 75 38.59 42.81 11.66
C LYS C 75 37.49 41.77 11.76
N ILE C 76 37.81 40.54 11.32
CA ILE C 76 36.84 39.43 11.32
C ILE C 76 37.50 38.26 12.06
N TYR C 77 36.87 37.82 13.13
CA TYR C 77 37.30 36.63 13.85
C TYR C 77 36.48 35.46 13.32
N ALA C 78 37.17 34.50 12.75
CA ALA C 78 36.50 33.41 12.04
C ALA C 78 36.73 32.15 12.87
N VAL C 79 35.68 31.69 13.56
CA VAL C 79 35.78 30.57 14.48
C VAL C 79 35.37 29.27 13.79
N GLU C 80 36.15 28.24 13.93
CA GLU C 80 35.85 26.95 13.30
C GLU C 80 36.42 25.79 14.11
N ALA C 81 35.58 24.81 14.43
CA ALA C 81 35.99 23.71 15.34
C ALA C 81 36.56 22.50 14.57
N SER C 82 36.20 22.32 13.31
CA SER C 82 36.76 21.21 12.52
C SER C 82 38.16 21.54 12.00
N THR C 83 38.79 20.53 11.42
CA THR C 83 40.11 20.69 10.76
C THR C 83 40.05 21.62 9.53
N MET C 84 38.85 21.99 9.07
CA MET C 84 38.70 22.97 8.03
C MET C 84 39.32 24.32 8.41
N ALA C 85 39.50 24.58 9.71
CA ALA C 85 40.19 25.80 10.14
C ALA C 85 41.58 25.99 9.52
N GLN C 86 42.31 24.89 9.37
CA GLN C 86 43.62 24.94 8.73
C GLN C 86 43.55 25.39 7.26
N HIS C 87 42.52 24.93 6.55
CA HIS C 87 42.35 25.25 5.12
C HIS C 87 41.89 26.69 4.99
N ALA C 88 41.03 27.14 5.92
CA ALA C 88 40.62 28.53 5.92
C ALA C 88 41.86 29.46 6.08
N GLU C 89 42.76 29.08 6.96
CA GLU C 89 43.97 29.91 7.21
C GLU C 89 44.84 30.00 5.93
N VAL C 90 44.99 28.89 5.22
CA VAL C 90 45.64 28.87 3.91
C VAL C 90 45.02 29.86 2.94
N LEU C 91 43.69 29.93 2.88
CA LEU C 91 43.04 30.88 2.02
C LEU C 91 43.21 32.30 2.44
N VAL C 92 43.16 32.55 3.74
CA VAL C 92 43.36 33.92 4.23
C VAL C 92 44.75 34.43 3.81
N LYS C 93 45.76 33.59 3.95
CA LYS C 93 47.13 33.98 3.54
C LYS C 93 47.24 34.16 2.02
N SER C 94 46.65 33.23 1.24
CA SER C 94 46.82 33.30 -0.22
C SER C 94 45.99 34.44 -0.82
N ASN C 95 44.96 34.93 -0.11
CA ASN C 95 44.20 36.09 -0.54
C ASN C 95 44.68 37.38 0.10
N ASN C 96 45.83 37.37 0.79
CA ASN C 96 46.43 38.59 1.33
C ASN C 96 45.50 39.35 2.26
N LEU C 97 44.83 38.60 3.15
CA LEU C 97 43.87 39.17 4.08
C LEU C 97 44.22 38.88 5.53
N THR C 98 45.50 38.59 5.80
CA THR C 98 45.95 38.29 7.17
C THR C 98 45.76 39.50 8.10
N ASP C 99 45.73 40.72 7.56
CA ASP C 99 45.48 41.92 8.38
C ASP C 99 44.02 42.12 8.76
N ARG C 100 43.10 41.32 8.17
CA ARG C 100 41.69 41.50 8.40
C ARG C 100 40.94 40.28 8.91
N ILE C 101 41.34 39.08 8.51
CA ILE C 101 40.64 37.87 8.95
C ILE C 101 41.55 37.06 9.81
N VAL C 102 41.06 36.79 11.01
CA VAL C 102 41.80 36.01 11.99
C VAL C 102 41.06 34.72 12.28
N VAL C 103 41.60 33.61 11.84
CA VAL C 103 41.02 32.29 12.15
C VAL C 103 41.29 31.92 13.60
N ILE C 104 40.25 31.51 14.31
CA ILE C 104 40.34 31.03 15.70
C ILE C 104 39.84 29.59 15.77
N PRO C 105 40.76 28.63 15.87
CA PRO C 105 40.34 27.22 15.90
C PRO C 105 39.66 26.87 17.19
N GLY C 106 38.53 26.18 17.13
CA GLY C 106 37.86 25.68 18.33
C GLY C 106 36.36 25.91 18.25
N LYS C 107 35.66 25.49 19.32
CA LYS C 107 34.21 25.67 19.42
C LYS C 107 33.92 27.08 19.91
N VAL C 108 32.87 27.71 19.37
CA VAL C 108 32.54 29.09 19.73
C VAL C 108 32.18 29.21 21.24
N GLU C 109 31.73 28.09 21.82
CA GLU C 109 31.43 27.99 23.24
C GLU C 109 32.68 27.92 24.14
N GLU C 110 33.85 27.67 23.55
CA GLU C 110 35.09 27.38 24.29
C GLU C 110 36.23 28.36 24.04
N VAL C 111 36.24 29.08 22.94
CA VAL C 111 37.38 29.93 22.60
C VAL C 111 37.33 31.24 23.38
N SER C 112 38.41 32.00 23.27
CA SER C 112 38.47 33.35 23.82
C SER C 112 38.64 34.37 22.73
N LEU C 113 37.79 35.40 22.69
CA LEU C 113 37.97 36.49 21.71
C LEU C 113 38.58 37.67 22.40
N PRO C 114 39.40 38.44 21.72
CA PRO C 114 40.03 39.57 22.40
C PRO C 114 39.15 40.81 22.55
N GLU C 115 38.03 40.88 21.86
CA GLU C 115 37.17 42.05 21.94
C GLU C 115 35.74 41.67 21.55
N GLN C 116 34.81 42.57 21.86
CA GLN C 116 33.42 42.38 21.45
C GLN C 116 33.27 42.80 19.98
N VAL C 117 32.22 42.33 19.34
CA VAL C 117 32.04 42.53 17.90
C VAL C 117 30.75 43.31 17.61
N ASP C 118 30.73 43.93 16.44
CA ASP C 118 29.60 44.73 15.95
C ASP C 118 28.53 43.87 15.31
N ILE C 119 28.91 42.74 14.73
CA ILE C 119 27.99 41.96 13.93
C ILE C 119 28.47 40.51 13.89
N ILE C 120 27.51 39.59 13.96
CA ILE C 120 27.79 38.13 13.88
C ILE C 120 27.21 37.65 12.58
N ILE C 121 27.99 36.85 11.85
CA ILE C 121 27.55 36.19 10.64
C ILE C 121 27.73 34.69 10.80
N SER C 122 26.86 33.90 10.16
CA SER C 122 26.93 32.44 10.23
C SER C 122 25.95 31.85 9.24
N GLU C 123 26.17 30.59 8.92
CA GLU C 123 25.18 29.77 8.28
C GLU C 123 24.82 28.58 9.20
N PRO C 124 23.97 28.83 10.20
CA PRO C 124 23.69 27.81 11.18
C PRO C 124 22.44 26.95 10.89
N MET C 125 21.82 27.13 9.72
CA MET C 125 20.56 26.47 9.41
C MET C 125 20.82 25.04 8.99
N GLY C 126 20.07 24.10 9.56
CA GLY C 126 20.00 22.72 9.05
C GLY C 126 18.66 22.42 8.41
N TYR C 127 18.43 21.15 8.07
CA TYR C 127 17.11 20.70 7.64
C TYR C 127 16.04 21.15 8.61
N MET C 128 14.90 21.61 8.08
CA MET C 128 13.82 22.12 8.92
C MET C 128 14.26 23.26 9.82
N LEU C 129 15.29 24.01 9.40
CA LEU C 129 15.96 25.08 10.16
C LEU C 129 16.80 24.59 11.33
N PHE C 130 16.21 23.79 12.21
CA PHE C 130 16.80 23.52 13.50
C PHE C 130 17.78 22.33 13.55
N ASN C 131 17.73 21.42 12.58
CA ASN C 131 18.59 20.23 12.64
C ASN C 131 20.07 20.67 12.73
N GLU C 132 20.84 19.88 13.47
CA GLU C 132 22.27 20.11 13.78
C GLU C 132 22.51 20.93 15.05
N ARG C 133 21.49 21.67 15.49
CA ARG C 133 21.55 22.47 16.72
C ARG C 133 22.60 23.56 16.65
N MET C 134 22.98 23.97 15.46
CA MET C 134 24.01 24.99 15.32
C MET C 134 23.42 26.37 15.64
N LEU C 135 22.10 26.52 15.49
CA LEU C 135 21.48 27.79 15.93
C LEU C 135 21.79 28.12 17.39
N GLU C 136 21.92 27.10 18.24
CA GLU C 136 22.29 27.34 19.62
C GLU C 136 23.71 27.93 19.76
N SER C 137 24.65 27.47 18.93
CA SER C 137 26.00 28.04 18.91
C SER C 137 25.99 29.50 18.44
N TYR C 138 25.16 29.76 17.43
CA TYR C 138 24.97 31.11 16.90
C TYR C 138 24.45 32.05 17.98
N LEU C 139 23.42 31.62 18.71
CA LEU C 139 22.86 32.42 19.79
C LEU C 139 23.83 32.56 20.97
N HIS C 140 24.52 31.47 21.31
CA HIS C 140 25.56 31.47 22.34
C HIS C 140 26.58 32.56 22.10
N ALA C 141 26.95 32.75 20.82
CA ALA C 141 27.96 33.73 20.40
C ALA C 141 27.58 35.20 20.67
N LYS C 142 26.31 35.47 20.96
CA LYS C 142 25.89 36.81 21.36
C LYS C 142 26.54 37.28 22.66
N LYS C 143 27.16 36.39 23.44
CA LYS C 143 28.01 36.86 24.55
C LYS C 143 29.11 37.81 24.07
N TYR C 144 29.51 37.70 22.80
CA TYR C 144 30.50 38.58 22.21
C TYR C 144 29.95 39.80 21.49
N LEU C 145 28.64 39.95 21.43
CA LEU C 145 28.03 40.96 20.58
C LEU C 145 27.87 42.24 21.40
N LYS C 146 28.32 43.36 20.86
CA LYS C 146 28.11 44.65 21.55
C LYS C 146 26.61 44.93 21.66
N PRO C 147 26.20 45.73 22.66
CA PRO C 147 24.80 46.13 22.66
C PRO C 147 24.42 46.83 21.34
N SER C 148 23.25 46.53 20.85
CA SER C 148 22.85 47.01 19.51
C SER C 148 23.69 46.46 18.33
N GLY C 149 24.49 45.43 18.55
CA GLY C 149 25.07 44.72 17.41
C GLY C 149 24.02 43.99 16.58
N ASN C 150 24.41 43.54 15.39
CA ASN C 150 23.48 42.93 14.47
C ASN C 150 23.86 41.45 14.28
N MET C 151 22.92 40.71 13.71
CA MET C 151 23.06 39.29 13.42
C MET C 151 22.63 39.08 11.96
N PHE C 152 23.47 38.37 11.20
CA PHE C 152 23.21 38.04 9.80
C PHE C 152 23.38 36.51 9.65
N PRO C 153 22.26 35.76 9.58
CA PRO C 153 20.88 36.18 9.51
C PRO C 153 20.28 36.72 10.81
N THR C 154 19.23 37.51 10.65
CA THR C 154 18.62 38.23 11.74
C THR C 154 17.41 37.48 12.32
N ILE C 155 16.58 36.95 11.42
CA ILE C 155 15.42 36.18 11.81
C ILE C 155 15.32 34.93 10.95
N GLY C 156 14.61 33.93 11.47
CA GLY C 156 14.26 32.71 10.73
C GLY C 156 12.75 32.44 10.86
N ASP C 157 12.12 32.12 9.73
CA ASP C 157 10.71 31.75 9.66
C ASP C 157 10.61 30.30 9.23
N VAL C 158 10.01 29.48 10.09
CA VAL C 158 9.66 28.11 9.72
C VAL C 158 8.24 28.14 9.20
N HIS C 159 8.05 27.50 8.05
CA HIS C 159 6.72 27.34 7.46
C HIS C 159 6.30 25.89 7.53
N LEU C 160 5.02 25.68 7.85
CA LEU C 160 4.44 24.37 7.81
C LEU C 160 3.12 24.39 7.08
N ALA C 161 2.82 23.30 6.39
CA ALA C 161 1.57 23.18 5.66
C ALA C 161 1.18 21.74 5.46
N PRO C 162 -0.12 21.42 5.53
CA PRO C 162 -0.57 20.05 5.26
C PRO C 162 -0.42 19.70 3.78
N PHE C 163 -0.07 18.44 3.48
CA PHE C 163 0.05 17.98 2.09
C PHE C 163 -0.67 16.65 1.86
N THR C 164 -0.95 16.38 0.59
CA THR C 164 -1.47 15.10 0.13
C THR C 164 -0.47 14.53 -0.88
N ASP C 165 -0.07 13.29 -0.70
CA ASP C 165 0.86 12.62 -1.60
C ASP C 165 0.75 11.13 -1.37
N GLU C 166 -0.24 10.55 -2.03
CA GLU C 166 -0.53 9.14 -1.92
C GLU C 166 0.68 8.28 -2.31
N GLN C 167 1.38 8.66 -3.36
CA GLN C 167 2.54 7.91 -3.85
C GLN C 167 3.68 7.87 -2.80
N LEU C 168 3.97 9.00 -2.15
CA LEU C 168 4.94 8.99 -1.04
C LEU C 168 4.51 8.10 0.11
N TYR C 169 3.25 8.21 0.52
CA TYR C 169 2.72 7.41 1.59
C TYR C 169 2.88 5.92 1.26
N MET C 170 2.49 5.53 0.05
CA MET C 170 2.52 4.13 -0.36
C MET C 170 3.93 3.56 -0.46
N GLU C 171 4.86 4.35 -0.90
CA GLU C 171 6.29 3.97 -0.91
C GLU C 171 6.82 3.50 0.50
N GLN C 172 6.51 4.33 1.51
CA GLN C 172 7.00 4.06 2.87
C GLN C 172 6.29 2.84 3.46
N PHE C 173 5.01 2.68 3.14
CA PHE C 173 4.18 1.58 3.55
C PHE C 173 4.60 0.26 2.86
N THR C 174 4.90 0.38 1.58
CA THR C 174 5.40 -0.75 0.84
C THR C 174 6.70 -1.28 1.41
N LYS C 175 7.60 -0.41 1.82
CA LYS C 175 8.85 -0.84 2.47
C LYS C 175 8.61 -1.46 3.81
N ALA C 176 7.75 -0.87 4.64
CA ALA C 176 7.45 -1.50 5.95
C ALA C 176 6.78 -2.85 5.86
N ASN C 177 5.97 -3.05 4.83
CA ASN C 177 5.20 -4.31 4.68
C ASN C 177 6.07 -5.51 4.31
N PHE C 178 7.33 -5.29 4.01
CA PHE C 178 8.32 -6.37 4.00
C PHE C 178 8.20 -7.22 5.27
N TRP C 179 8.02 -6.56 6.40
CA TRP C 179 7.92 -7.22 7.69
C TRP C 179 6.55 -7.85 7.95
N TYR C 180 5.57 -7.71 7.06
CA TYR C 180 4.39 -8.61 7.12
C TYR C 180 4.54 -10.08 6.76
N GLN C 181 5.63 -10.46 6.13
CA GLN C 181 5.66 -11.75 5.44
C GLN C 181 5.65 -12.85 6.47
N PRO C 182 4.73 -13.82 6.35
CA PRO C 182 4.75 -14.97 7.25
C PRO C 182 5.72 -16.05 6.87
N SER C 183 6.36 -15.96 5.70
CA SER C 183 7.32 -17.00 5.29
C SER C 183 8.41 -16.42 4.35
N PHE C 184 9.21 -15.53 4.92
CA PHE C 184 10.40 -15.00 4.29
C PHE C 184 11.49 -16.06 4.43
N HIS C 185 11.76 -16.79 3.33
CA HIS C 185 12.61 -17.95 3.37
C HIS C 185 12.21 -18.91 4.52
N GLY C 186 10.91 -19.09 4.74
CA GLY C 186 10.42 -19.98 5.77
C GLY C 186 10.23 -19.35 7.15
N VAL C 187 10.52 -18.07 7.32
CA VAL C 187 10.48 -17.42 8.62
C VAL C 187 9.38 -16.38 8.68
N ASP C 188 8.60 -16.44 9.75
CA ASP C 188 7.53 -15.49 10.02
C ASP C 188 8.09 -14.22 10.61
N LEU C 189 8.09 -13.15 9.84
CA LEU C 189 8.58 -11.86 10.28
C LEU C 189 7.51 -10.97 10.88
N SER C 190 6.24 -11.39 10.80
CA SER C 190 5.10 -10.50 10.99
C SER C 190 4.95 -9.90 12.40
N ALA C 191 5.50 -10.53 13.42
CA ALA C 191 5.53 -9.93 14.76
C ALA C 191 6.29 -8.59 14.85
N LEU C 192 7.16 -8.32 13.88
CA LEU C 192 7.87 -7.05 13.79
C LEU C 192 7.27 -6.01 12.88
N ARG C 193 6.12 -6.27 12.27
CA ARG C 193 5.56 -5.34 11.31
C ARG C 193 5.28 -3.97 11.91
N GLY C 194 4.66 -3.95 13.10
CA GLY C 194 4.42 -2.70 13.82
C GLY C 194 5.67 -1.88 14.10
N ALA C 195 6.71 -2.56 14.57
CA ALA C 195 7.98 -1.90 14.86
C ALA C 195 8.59 -1.32 13.57
N ALA C 196 8.46 -2.07 12.46
CA ALA C 196 8.99 -1.60 11.17
C ALA C 196 8.24 -0.38 10.67
N VAL C 197 6.90 -0.42 10.73
CA VAL C 197 6.09 0.72 10.30
C VAL C 197 6.46 1.95 11.11
N ASP C 198 6.56 1.80 12.42
CA ASP C 198 6.97 2.90 13.31
C ASP C 198 8.31 3.47 12.92
N GLU C 199 9.28 2.62 12.64
CA GLU C 199 10.59 3.09 12.28
C GLU C 199 10.58 3.88 10.96
N TYR C 200 9.90 3.38 9.94
CA TYR C 200 9.87 4.06 8.67
C TYR C 200 9.14 5.40 8.77
N PHE C 201 8.05 5.43 9.51
CA PHE C 201 7.25 6.67 9.62
C PHE C 201 7.89 7.69 10.53
N ARG C 202 8.85 7.28 11.35
CA ARG C 202 9.67 8.22 12.11
C ARG C 202 10.68 8.98 11.28
N GLN C 203 10.89 8.61 10.04
CA GLN C 203 11.90 9.27 9.19
C GLN C 203 11.31 10.43 8.43
N PRO C 204 11.81 11.65 8.72
CA PRO C 204 11.36 12.76 7.87
C PRO C 204 11.87 12.56 6.47
N VAL C 205 11.07 12.95 5.48
CA VAL C 205 11.40 12.77 4.09
C VAL C 205 11.97 14.08 3.55
N VAL C 206 13.24 14.03 3.12
CA VAL C 206 13.91 15.19 2.56
C VAL C 206 13.92 15.04 1.04
N ASP C 207 13.16 15.91 0.39
CA ASP C 207 13.14 16.05 -1.07
C ASP C 207 12.27 17.23 -1.43
N THR C 208 12.07 17.51 -2.69
CA THR C 208 11.20 18.58 -3.08
C THR C 208 9.87 18.02 -3.61
N PHE C 209 8.94 18.90 -3.91
CA PHE C 209 7.62 18.49 -4.39
C PHE C 209 6.98 19.67 -5.09
N ASP C 210 5.94 19.40 -5.85
CA ASP C 210 5.15 20.44 -6.51
C ASP C 210 4.24 21.08 -5.45
N ILE C 211 4.13 22.40 -5.46
CA ILE C 211 3.27 23.12 -4.52
C ILE C 211 1.78 22.75 -4.60
N ARG C 212 1.35 22.13 -5.69
CA ARG C 212 -0.04 21.69 -5.82
C ARG C 212 -0.41 20.61 -4.80
N ILE C 213 0.55 19.94 -4.17
CA ILE C 213 0.22 18.98 -3.13
C ILE C 213 -0.22 19.66 -1.80
N LEU C 214 0.02 20.95 -1.64
CA LEU C 214 -0.28 21.62 -0.37
C LEU C 214 -1.78 21.92 -0.29
N MET C 215 -2.37 21.63 0.87
CA MET C 215 -3.83 21.69 1.03
C MET C 215 -4.36 22.92 1.78
N ALA C 216 -3.44 23.75 2.29
CA ALA C 216 -3.77 24.97 2.96
C ALA C 216 -2.56 25.89 2.88
N LYS C 217 -2.80 27.17 3.12
CA LYS C 217 -1.70 28.13 3.26
C LYS C 217 -0.86 27.77 4.47
N SER C 218 0.43 28.03 4.37
CA SER C 218 1.34 27.71 5.45
C SER C 218 1.10 28.54 6.70
N VAL C 219 1.43 27.98 7.85
CA VAL C 219 1.53 28.69 9.11
C VAL C 219 3.03 29.01 9.30
N LYS C 220 3.30 30.21 9.81
CA LYS C 220 4.66 30.69 9.99
C LYS C 220 5.02 30.77 11.45
N TYR C 221 6.21 30.31 11.83
CA TYR C 221 6.70 30.46 13.21
C TYR C 221 8.06 31.13 13.12
N THR C 222 8.23 32.26 13.81
CA THR C 222 9.39 33.12 13.62
C THR C 222 10.29 33.07 14.83
N VAL C 223 11.59 32.90 14.61
CA VAL C 223 12.57 33.06 15.65
C VAL C 223 13.37 34.31 15.32
N ASN C 224 13.41 35.25 16.26
CA ASN C 224 14.17 36.45 16.12
C ASN C 224 15.55 36.22 16.80
N PHE C 225 16.60 36.15 15.98
CA PHE C 225 17.93 35.79 16.50
C PHE C 225 18.56 36.91 17.34
N LEU C 226 18.14 38.16 17.15
CA LEU C 226 18.59 39.25 18.02
C LEU C 226 18.08 39.09 19.45
N GLU C 227 16.90 38.49 19.61
CA GLU C 227 16.25 38.40 20.92
C GLU C 227 16.30 37.01 21.57
N ALA C 228 16.38 35.96 20.76
CA ALA C 228 16.29 34.60 21.28
C ALA C 228 17.55 34.24 22.12
N LYS C 229 17.32 33.43 23.14
CA LYS C 229 18.40 32.83 23.94
C LYS C 229 18.57 31.38 23.51
N GLU C 230 19.76 30.86 23.69
CA GLU C 230 20.03 29.48 23.28
C GLU C 230 19.07 28.47 23.92
N GLY C 231 18.76 28.70 25.19
CA GLY C 231 17.79 27.88 25.91
C GLY C 231 16.41 27.85 25.30
N ASP C 232 16.03 28.90 24.54
CA ASP C 232 14.72 28.92 23.85
C ASP C 232 14.59 27.81 22.80
N LEU C 233 15.70 27.24 22.33
CA LEU C 233 15.68 26.24 21.28
C LEU C 233 15.72 24.80 21.81
N HIS C 234 15.71 24.61 23.12
CA HIS C 234 15.69 23.28 23.69
C HIS C 234 14.30 22.61 23.53
N ARG C 235 13.25 23.43 23.54
CA ARG C 235 11.91 22.95 23.41
C ARG C 235 11.13 23.94 22.61
N ILE C 236 10.69 23.57 21.41
CA ILE C 236 10.12 24.54 20.49
C ILE C 236 8.68 24.07 20.24
N GLU C 237 7.71 24.87 20.68
CA GLU C 237 6.30 24.49 20.55
C GLU C 237 5.66 25.36 19.46
N ILE C 238 5.19 24.72 18.39
CA ILE C 238 4.61 25.43 17.26
C ILE C 238 3.13 25.07 17.10
N PRO C 239 2.23 25.91 17.63
CA PRO C 239 0.81 25.64 17.40
C PRO C 239 0.42 25.92 15.96
N PHE C 240 -0.62 25.26 15.45
CA PHE C 240 -1.08 25.56 14.09
C PHE C 240 -2.59 25.39 13.99
N LYS C 241 -3.22 26.21 13.14
CA LYS C 241 -4.63 26.07 12.77
C LYS C 241 -4.69 26.30 11.26
N PHE C 242 -4.91 25.25 10.48
CA PHE C 242 -4.97 25.40 9.02
C PHE C 242 -6.42 25.49 8.57
N HIS C 243 -6.72 26.45 7.71
CA HIS C 243 -8.02 26.48 6.99
C HIS C 243 -7.89 25.73 5.66
N MET C 244 -8.50 24.57 5.59
CA MET C 244 -8.31 23.66 4.45
C MET C 244 -8.88 24.26 3.18
N LEU C 245 -8.07 24.32 2.13
CA LEU C 245 -8.47 24.89 0.84
C LEU C 245 -8.94 23.81 -0.15
N HIS C 246 -8.58 22.55 0.10
CA HIS C 246 -8.86 21.44 -0.80
C HIS C 246 -9.34 20.30 0.07
N SER C 247 -10.28 19.51 -0.44
CA SER C 247 -10.73 18.29 0.23
C SER C 247 -9.81 17.15 -0.16
N GLY C 248 -9.58 16.20 0.75
CA GLY C 248 -8.76 15.06 0.43
C GLY C 248 -8.13 14.45 1.67
N LEU C 249 -7.22 13.51 1.44
CA LEU C 249 -6.43 12.91 2.46
C LEU C 249 -5.19 13.72 2.77
N VAL C 250 -5.03 14.10 4.03
CA VAL C 250 -3.82 14.74 4.54
C VAL C 250 -2.84 13.67 4.96
N HIS C 251 -1.73 13.52 4.24
CA HIS C 251 -0.74 12.48 4.54
C HIS C 251 0.36 12.95 5.49
N GLY C 252 0.40 14.26 5.77
CA GLY C 252 1.37 14.78 6.67
C GLY C 252 1.53 16.29 6.61
N LEU C 253 2.59 16.78 7.24
CA LEU C 253 2.96 18.20 7.18
C LEU C 253 4.29 18.38 6.47
N ALA C 254 4.34 19.41 5.62
CA ALA C 254 5.56 19.84 4.91
C ALA C 254 6.13 21.05 5.65
N PHE C 255 7.46 21.09 5.71
CA PHE C 255 8.22 22.14 6.38
C PHE C 255 9.26 22.73 5.42
N TRP C 256 9.39 24.05 5.48
CA TRP C 256 10.53 24.74 4.91
C TRP C 256 10.86 25.95 5.78
N PHE C 257 11.90 26.69 5.38
CA PHE C 257 12.28 27.89 6.14
C PHE C 257 12.86 28.97 5.25
N ASP C 258 12.70 30.18 5.75
CA ASP C 258 13.30 31.36 5.17
C ASP C 258 14.12 32.03 6.28
N VAL C 259 15.23 32.64 5.91
CA VAL C 259 15.92 33.58 6.82
C VAL C 259 16.02 34.95 6.18
N ALA C 260 16.00 36.00 7.00
CA ALA C 260 16.16 37.36 6.50
C ALA C 260 17.40 37.98 7.12
N PHE C 261 18.14 38.70 6.27
CA PHE C 261 19.28 39.51 6.69
C PHE C 261 18.77 40.95 6.71
N ILE C 262 18.53 41.47 7.91
CA ILE C 262 17.88 42.79 8.06
C ILE C 262 19.00 43.81 8.24
N GLY C 263 19.46 44.37 7.11
CA GLY C 263 20.56 45.29 7.16
C GLY C 263 20.05 46.74 7.17
N SER C 264 20.99 47.66 7.31
CA SER C 264 20.67 49.08 7.35
C SER C 264 20.27 49.62 5.98
N ILE C 265 20.72 48.99 4.90
CA ILE C 265 20.37 49.45 3.55
C ILE C 265 19.16 48.70 3.03
N MET C 266 19.13 47.37 3.19
CA MET C 266 17.99 46.59 2.75
C MET C 266 17.90 45.24 3.45
N THR C 267 16.76 44.63 3.31
CA THR C 267 16.51 43.31 3.84
C THR C 267 16.61 42.33 2.69
N VAL C 268 17.43 41.30 2.85
CA VAL C 268 17.61 40.28 1.83
C VAL C 268 17.16 38.95 2.42
N TRP C 269 16.36 38.21 1.64
CA TRP C 269 15.80 36.93 2.07
C TRP C 269 16.49 35.76 1.38
N LEU C 270 16.72 34.69 2.15
CA LEU C 270 17.10 33.40 1.60
C LEU C 270 15.98 32.44 1.93
N SER C 271 15.30 31.97 0.89
CA SER C 271 14.12 31.11 1.08
C SER C 271 14.38 29.68 0.56
N THR C 272 13.94 28.68 1.32
CA THR C 272 13.97 27.28 0.88
C THR C 272 12.56 26.78 0.58
N ALA C 273 11.66 27.70 0.29
CA ALA C 273 10.29 27.37 -0.09
C ALA C 273 10.20 26.58 -1.39
N PRO C 274 9.16 25.73 -1.51
CA PRO C 274 9.00 24.96 -2.74
C PRO C 274 8.58 25.79 -3.97
N THR C 275 8.20 27.04 -3.76
CA THR C 275 8.02 28.00 -4.85
C THR C 275 9.34 28.67 -5.33
N GLU C 276 10.46 28.39 -4.67
CA GLU C 276 11.73 29.03 -4.94
C GLU C 276 12.73 28.03 -5.50
N PRO C 277 13.81 28.54 -6.14
CA PRO C 277 14.81 27.61 -6.62
C PRO C 277 15.33 26.70 -5.50
N LEU C 278 15.62 25.48 -5.88
CA LEU C 278 15.98 24.46 -4.94
C LEU C 278 17.34 24.74 -4.29
N THR C 279 17.49 24.35 -3.02
CA THR C 279 18.76 24.42 -2.29
C THR C 279 19.07 23.03 -1.82
N HIS C 280 20.27 22.84 -1.23
CA HIS C 280 20.62 21.56 -0.64
C HIS C 280 19.82 21.27 0.69
N TRP C 281 19.05 22.23 1.18
CA TRP C 281 18.10 21.93 2.27
C TRP C 281 16.77 21.26 1.79
N TYR C 282 16.49 21.32 0.48
CA TYR C 282 15.25 20.80 -0.10
C TYR C 282 14.07 21.31 0.75
N GLN C 283 13.11 20.45 1.03
CA GLN C 283 12.06 20.65 2.02
C GLN C 283 11.94 19.34 2.77
N VAL C 284 11.18 19.38 3.85
CA VAL C 284 11.06 18.21 4.70
C VAL C 284 9.58 17.90 4.92
N ARG C 285 9.24 16.62 4.77
CA ARG C 285 7.87 16.17 5.03
C ARG C 285 7.85 15.14 6.13
N CYS C 286 6.92 15.35 7.06
CA CYS C 286 6.66 14.41 8.14
C CYS C 286 5.34 13.74 7.82
N LEU C 287 5.40 12.43 7.53
CA LEU C 287 4.24 11.65 7.24
C LEU C 287 3.48 11.29 8.50
N PHE C 288 2.16 11.17 8.34
CA PHE C 288 1.32 10.56 9.35
C PHE C 288 1.22 9.08 9.03
N GLN C 289 1.29 8.26 10.06
CA GLN C 289 1.09 6.81 9.92
C GLN C 289 -0.30 6.43 9.37
N SER C 290 -1.32 7.21 9.70
CA SER C 290 -2.63 7.14 9.10
C SER C 290 -3.02 8.53 8.68
N PRO C 291 -3.35 8.71 7.41
CA PRO C 291 -3.77 9.98 6.92
C PRO C 291 -5.12 10.41 7.47
N LEU C 292 -5.35 11.72 7.51
CA LEU C 292 -6.59 12.29 7.98
C LEU C 292 -7.43 12.86 6.80
N PHE C 293 -8.71 12.49 6.76
CA PHE C 293 -9.61 13.09 5.77
C PHE C 293 -10.08 14.47 6.19
N ALA C 294 -10.02 15.43 5.29
CA ALA C 294 -10.57 16.76 5.53
C ALA C 294 -11.28 17.30 4.30
N LYS C 295 -12.31 18.13 4.53
CA LYS C 295 -13.01 18.84 3.46
C LYS C 295 -12.50 20.25 3.39
N ALA C 296 -12.55 20.86 2.22
CA ALA C 296 -12.29 22.29 2.05
C ALA C 296 -13.21 23.03 3.02
N GLY C 297 -12.67 24.01 3.73
CA GLY C 297 -13.43 24.73 4.76
C GLY C 297 -13.29 24.17 6.16
N ASP C 298 -12.83 22.91 6.32
CA ASP C 298 -12.53 22.37 7.65
C ASP C 298 -11.28 23.09 8.25
N THR C 299 -11.06 22.88 9.54
CA THR C 299 -9.85 23.37 10.21
C THR C 299 -9.05 22.20 10.71
N LEU C 300 -7.74 22.22 10.48
CA LEU C 300 -6.83 21.19 10.95
C LEU C 300 -5.93 21.86 11.99
N SER C 301 -6.08 21.51 13.25
CA SER C 301 -5.39 22.19 14.34
C SER C 301 -4.51 21.22 15.10
N GLY C 302 -3.51 21.77 15.78
CA GLY C 302 -2.61 20.97 16.55
C GLY C 302 -1.34 21.68 16.93
N THR C 303 -0.34 20.86 17.24
CA THR C 303 0.94 21.36 17.72
C THR C 303 2.07 20.51 17.15
N CYS C 304 3.13 21.19 16.70
N CYS C 304 3.13 21.20 16.71
CA CYS C 304 4.38 20.57 16.39
CA CYS C 304 4.39 20.56 16.41
C CYS C 304 5.35 20.91 17.54
C CYS C 304 5.35 20.91 17.56
N LEU C 305 5.86 19.88 18.23
CA LEU C 305 6.73 20.06 19.37
C LEU C 305 8.11 19.48 19.06
N LEU C 306 9.14 20.29 19.12
CA LEU C 306 10.50 19.85 18.83
C LEU C 306 11.30 19.89 20.12
N ILE C 307 11.82 18.73 20.52
CA ILE C 307 12.58 18.61 21.74
C ILE C 307 14.01 18.22 21.38
N ALA C 308 14.96 19.08 21.73
CA ALA C 308 16.37 18.91 21.35
C ALA C 308 16.92 17.67 22.03
N ASN C 309 17.80 16.93 21.34
CA ASN C 309 18.42 15.75 21.92
C ASN C 309 19.95 15.90 21.85
N LYS C 310 20.66 15.01 22.50
CA LYS C 310 22.13 15.11 22.54
C LYS C 310 22.88 14.62 21.27
N ARG C 311 22.14 14.20 20.24
CA ARG C 311 22.73 13.84 18.95
C ARG C 311 22.62 14.98 17.97
N GLN C 312 22.59 16.21 18.48
CA GLN C 312 22.58 17.42 17.66
C GLN C 312 21.37 17.46 16.77
N SER C 313 20.24 16.96 17.26
CA SER C 313 19.01 16.96 16.48
C SER C 313 17.79 17.10 17.40
N TYR C 314 16.63 16.75 16.87
CA TYR C 314 15.37 16.92 17.61
C TYR C 314 14.50 15.67 17.49
N ASP C 315 13.79 15.38 18.57
CA ASP C 315 12.65 14.44 18.57
C ASP C 315 11.44 15.33 18.26
N ILE C 316 10.67 14.95 17.25
CA ILE C 316 9.57 15.77 16.76
C ILE C 316 8.29 15.07 17.15
N SER C 317 7.39 15.81 17.78
CA SER C 317 6.06 15.33 18.07
C SER C 317 5.08 16.19 17.23
N ILE C 318 4.24 15.55 16.42
CA ILE C 318 3.16 16.24 15.72
C ILE C 318 1.81 15.64 16.09
N VAL C 319 0.93 16.48 16.63
CA VAL C 319 -0.43 16.05 16.94
C VAL C 319 -1.36 16.96 16.15
N ALA C 320 -2.29 16.37 15.42
CA ALA C 320 -3.15 17.13 14.54
C ALA C 320 -4.53 16.54 14.58
N GLN C 321 -5.52 17.40 14.45
CA GLN C 321 -6.88 16.93 14.37
C GLN C 321 -7.68 17.76 13.41
N VAL C 322 -8.67 17.10 12.79
CA VAL C 322 -9.66 17.77 11.98
C VAL C 322 -10.79 18.16 12.96
N ASP C 323 -10.91 19.46 13.21
CA ASP C 323 -11.81 19.91 14.28
C ASP C 323 -13.26 19.47 14.05
N GLN C 324 -13.70 19.52 12.80
CA GLN C 324 -15.11 19.21 12.48
C GLN C 324 -15.51 17.76 12.74
N THR C 325 -14.57 16.80 12.70
CA THR C 325 -14.90 15.38 12.95
C THR C 325 -14.25 14.76 14.17
N GLY C 326 -13.35 15.48 14.81
CA GLY C 326 -12.50 14.90 15.86
C GLY C 326 -11.50 13.82 15.42
N SER C 327 -11.18 13.71 14.12
CA SER C 327 -10.20 12.73 13.68
C SER C 327 -8.81 13.25 14.01
N LYS C 328 -8.03 12.43 14.68
CA LYS C 328 -6.77 12.83 15.34
C LYS C 328 -5.64 11.94 14.86
N SER C 329 -4.46 12.54 14.70
CA SER C 329 -3.25 11.78 14.43
C SER C 329 -2.11 12.34 15.30
N SER C 330 -1.32 11.43 15.84
CA SER C 330 -0.21 11.69 16.74
C SER C 330 0.96 10.94 16.16
N ASN C 331 2.08 11.66 15.99
CA ASN C 331 3.23 11.14 15.29
C ASN C 331 4.51 11.59 15.95
N LEU C 332 5.49 10.70 15.97
CA LEU C 332 6.78 10.96 16.61
C LEU C 332 7.83 10.73 15.55
N LEU C 333 8.71 11.69 15.32
CA LEU C 333 9.74 11.58 14.28
C LEU C 333 11.11 11.86 14.84
N ASP C 334 12.11 11.31 14.17
CA ASP C 334 13.51 11.30 14.61
C ASP C 334 14.24 12.02 13.47
N LEU C 335 14.48 13.31 13.68
CA LEU C 335 15.12 14.14 12.68
C LEU C 335 16.58 13.74 12.40
N LYS C 336 17.20 12.99 13.29
CA LYS C 336 18.55 12.48 13.05
C LYS C 336 18.59 11.36 11.99
N ASN C 337 17.49 10.68 11.69
CA ASN C 337 17.46 9.60 10.66
C ASN C 337 16.56 9.93 9.44
N PRO C 338 16.87 10.99 8.68
CA PRO C 338 15.98 11.33 7.55
C PRO C 338 16.09 10.36 6.42
N PHE C 339 15.03 10.26 5.61
CA PHE C 339 15.06 9.51 4.34
C PHE C 339 15.33 10.54 3.23
N PHE C 340 16.53 10.45 2.65
CA PHE C 340 16.91 11.32 1.54
C PHE C 340 16.37 10.73 0.26
N ARG C 341 15.18 11.18 -0.13
CA ARG C 341 14.46 10.63 -1.26
C ARG C 341 14.86 11.24 -2.62
N TYR C 342 15.31 12.50 -2.64
CA TYR C 342 15.79 13.13 -3.89
C TYR C 342 16.92 12.32 -4.58
N SER D 1 -34.53 -33.77 -3.36
CA SER D 1 -33.78 -34.13 -4.58
C SER D 1 -32.30 -33.95 -4.33
N VAL D 2 -31.49 -34.44 -5.26
CA VAL D 2 -30.02 -34.21 -5.18
C VAL D 2 -29.72 -32.70 -5.17
N PHE D 3 -30.50 -31.92 -5.91
CA PHE D 3 -30.28 -30.48 -5.96
C PHE D 3 -30.55 -29.83 -4.58
N SER D 4 -31.73 -30.06 -4.01
CA SER D 4 -32.08 -29.40 -2.74
C SER D 4 -31.20 -29.89 -1.57
N GLU D 5 -30.77 -31.15 -1.59
CA GLU D 5 -29.85 -31.69 -0.57
C GLU D 5 -28.48 -30.94 -0.55
N ARG D 6 -28.01 -30.46 -1.71
CA ARG D 6 -26.72 -29.77 -1.78
C ARG D 6 -26.80 -28.22 -1.81
N THR D 7 -28.01 -27.67 -1.75
CA THR D 7 -28.19 -26.24 -1.99
C THR D 7 -29.09 -25.63 -0.90
N GLU D 8 -28.59 -24.62 -0.20
CA GLU D 8 -29.44 -23.85 0.71
C GLU D 8 -30.56 -23.19 -0.11
N GLU D 9 -31.78 -23.28 0.41
CA GLU D 9 -32.93 -22.74 -0.28
C GLU D 9 -32.74 -21.27 -0.64
N SER D 10 -32.20 -20.46 0.27
CA SER D 10 -31.96 -19.04 -0.01
C SER D 10 -31.00 -18.74 -1.20
N SER D 11 -29.95 -19.56 -1.36
CA SER D 11 -29.06 -19.46 -2.51
C SER D 11 -29.85 -19.82 -3.79
N ALA D 12 -30.62 -20.91 -3.77
CA ALA D 12 -31.39 -21.37 -4.93
C ALA D 12 -32.40 -20.28 -5.40
N VAL D 13 -33.10 -19.69 -4.43
CA VAL D 13 -34.10 -18.67 -4.74
C VAL D 13 -33.44 -17.51 -5.49
N GLN D 14 -32.32 -16.99 -4.97
CA GLN D 14 -31.62 -15.88 -5.57
C GLN D 14 -31.04 -16.24 -6.95
N TYR D 15 -30.48 -17.46 -7.05
CA TYR D 15 -29.89 -17.96 -8.28
C TYR D 15 -30.91 -17.98 -9.43
N PHE D 16 -32.06 -18.62 -9.20
CA PHE D 16 -33.09 -18.76 -10.23
C PHE D 16 -33.82 -17.43 -10.49
N GLN D 17 -33.96 -16.59 -9.46
CA GLN D 17 -34.39 -15.20 -9.69
C GLN D 17 -33.49 -14.44 -10.68
N PHE D 18 -32.17 -14.53 -10.49
CA PHE D 18 -31.22 -13.85 -11.32
C PHE D 18 -31.34 -14.28 -12.83
N TYR D 19 -31.45 -15.59 -13.06
CA TYR D 19 -31.53 -16.09 -14.46
C TYR D 19 -32.92 -15.97 -15.11
N GLY D 20 -33.90 -15.61 -14.30
CA GLY D 20 -35.23 -15.35 -14.76
C GLY D 20 -35.36 -14.02 -15.51
N TYR D 21 -34.35 -13.15 -15.46
CA TYR D 21 -34.46 -11.85 -16.15
C TYR D 21 -34.04 -11.95 -17.62
N LEU D 22 -34.89 -11.43 -18.51
CA LEU D 22 -34.52 -11.27 -19.91
C LEU D 22 -33.25 -10.47 -20.12
N SER D 23 -32.99 -9.45 -19.30
CA SER D 23 -31.76 -8.70 -19.41
C SER D 23 -30.51 -9.56 -19.19
N GLN D 24 -30.60 -10.52 -18.26
CA GLN D 24 -29.47 -11.36 -18.03
C GLN D 24 -29.24 -12.34 -19.19
N GLN D 25 -30.32 -12.90 -19.72
CA GLN D 25 -30.25 -13.79 -20.87
C GLN D 25 -29.65 -13.05 -22.08
N GLN D 26 -30.08 -11.80 -22.26
CA GLN D 26 -29.59 -10.97 -23.32
C GLN D 26 -28.05 -10.74 -23.20
N ASN D 27 -27.59 -10.42 -21.99
CA ASN D 27 -26.18 -10.20 -21.74
C ASN D 27 -25.32 -11.41 -22.16
N MET D 28 -25.79 -12.61 -21.83
CA MET D 28 -25.08 -13.81 -22.19
C MET D 28 -25.15 -14.11 -23.71
N MET D 29 -26.34 -13.95 -24.27
CA MET D 29 -26.55 -14.14 -25.72
C MET D 29 -25.67 -13.20 -26.53
N GLN D 30 -25.50 -11.94 -26.06
CA GLN D 30 -24.63 -10.98 -26.74
C GLN D 30 -23.13 -11.23 -26.66
N ASP D 31 -22.70 -12.18 -25.85
CA ASP D 31 -21.30 -12.60 -25.82
C ASP D 31 -21.07 -13.45 -27.08
N TYR D 32 -20.66 -12.81 -28.16
CA TYR D 32 -20.56 -13.46 -29.46
C TYR D 32 -19.63 -14.67 -29.49
N VAL D 33 -18.56 -14.61 -28.76
CA VAL D 33 -17.60 -15.72 -28.74
C VAL D 33 -18.33 -16.97 -28.18
N ARG D 34 -19.11 -16.79 -27.14
CA ARG D 34 -19.87 -17.84 -26.58
C ARG D 34 -20.95 -18.39 -27.52
N THR D 35 -21.84 -17.53 -27.97
CA THR D 35 -22.99 -17.95 -28.73
C THR D 35 -22.55 -18.50 -30.07
N GLY D 36 -21.60 -17.83 -30.69
CA GLY D 36 -21.07 -18.22 -32.02
C GLY D 36 -20.30 -19.51 -31.96
N THR D 37 -19.52 -19.70 -30.89
CA THR D 37 -18.76 -20.97 -30.73
C THR D 37 -19.71 -22.16 -30.48
N TYR D 38 -20.71 -21.98 -29.63
CA TYR D 38 -21.73 -23.02 -29.45
C TYR D 38 -22.42 -23.39 -30.76
N GLN D 39 -22.81 -22.36 -31.52
CA GLN D 39 -23.48 -22.61 -32.77
C GLN D 39 -22.58 -23.39 -33.74
N ARG D 40 -21.32 -23.00 -33.86
CA ARG D 40 -20.34 -23.68 -34.70
C ARG D 40 -20.12 -25.14 -34.25
N ALA D 41 -19.98 -25.36 -32.94
CA ALA D 41 -19.81 -26.71 -32.42
C ALA D 41 -20.95 -27.64 -32.79
N ILE D 42 -22.16 -27.11 -32.67
CA ILE D 42 -23.38 -27.87 -32.92
C ILE D 42 -23.56 -28.09 -34.45
N LEU D 43 -23.53 -27.00 -35.22
CA LEU D 43 -23.79 -27.09 -36.65
C LEU D 43 -22.71 -27.82 -37.42
N GLN D 44 -21.44 -27.63 -37.06
CA GLN D 44 -20.38 -28.35 -37.75
C GLN D 44 -20.35 -29.84 -37.40
N ASN D 45 -20.91 -30.18 -36.26
CA ASN D 45 -21.12 -31.58 -35.85
C ASN D 45 -22.58 -32.03 -36.04
N HIS D 46 -23.15 -31.69 -37.21
CA HIS D 46 -24.60 -31.93 -37.43
C HIS D 46 -25.00 -33.38 -37.35
N THR D 47 -24.08 -34.31 -37.69
CA THR D 47 -24.36 -35.73 -37.54
C THR D 47 -24.54 -36.17 -36.07
N ASP D 48 -23.99 -35.44 -35.11
CA ASP D 48 -24.30 -35.71 -33.72
C ASP D 48 -25.68 -35.29 -33.25
N PHE D 49 -26.40 -34.55 -34.09
CA PHE D 49 -27.74 -34.09 -33.80
C PHE D 49 -28.82 -34.59 -34.79
N LYS D 50 -28.47 -34.81 -36.04
CA LYS D 50 -29.45 -35.16 -37.04
C LYS D 50 -30.29 -36.39 -36.65
N ASP D 51 -31.60 -36.20 -36.53
CA ASP D 51 -32.55 -37.27 -36.16
C ASP D 51 -32.33 -37.84 -34.75
N LYS D 52 -31.63 -37.12 -33.88
CA LYS D 52 -31.31 -37.58 -32.55
C LYS D 52 -32.21 -36.94 -31.52
N ILE D 53 -32.15 -37.53 -30.32
CA ILE D 53 -32.86 -37.05 -29.15
C ILE D 53 -31.84 -36.28 -28.29
N VAL D 54 -32.20 -35.05 -27.91
CA VAL D 54 -31.30 -34.18 -27.17
C VAL D 54 -31.91 -33.70 -25.86
N LEU D 55 -31.07 -33.55 -24.86
CA LEU D 55 -31.39 -32.86 -23.62
C LEU D 55 -30.57 -31.59 -23.50
N ASP D 56 -31.26 -30.44 -23.29
CA ASP D 56 -30.64 -29.14 -23.03
C ASP D 56 -30.80 -28.82 -21.54
N VAL D 57 -29.70 -28.87 -20.82
CA VAL D 57 -29.76 -28.73 -19.37
C VAL D 57 -29.58 -27.23 -19.03
N GLY D 58 -30.67 -26.64 -18.57
CA GLY D 58 -30.64 -25.22 -18.21
C GLY D 58 -30.74 -24.34 -19.44
N CYS D 59 -31.86 -24.45 -20.15
CA CYS D 59 -31.98 -23.90 -21.49
C CYS D 59 -32.04 -22.40 -21.60
N GLY D 60 -32.37 -21.72 -20.52
CA GLY D 60 -32.50 -20.28 -20.52
C GLY D 60 -33.55 -19.89 -21.58
N SER D 61 -33.13 -18.99 -22.48
CA SER D 61 -33.94 -18.53 -23.60
C SER D 61 -34.31 -19.66 -24.57
N GLY D 62 -33.53 -20.74 -24.56
CA GLY D 62 -33.69 -21.86 -25.48
C GLY D 62 -32.70 -21.87 -26.60
N ILE D 63 -31.79 -20.89 -26.64
CA ILE D 63 -30.89 -20.73 -27.76
C ILE D 63 -30.15 -22.01 -28.22
N LEU D 64 -29.60 -22.79 -27.29
CA LEU D 64 -28.90 -24.02 -27.67
C LEU D 64 -29.84 -25.10 -28.26
N SER D 65 -31.06 -25.15 -27.75
CA SER D 65 -32.07 -25.99 -28.32
C SER D 65 -32.43 -25.59 -29.74
N PHE D 66 -32.49 -24.29 -30.03
CA PHE D 66 -32.66 -23.84 -31.42
C PHE D 66 -31.52 -24.29 -32.31
N PHE D 67 -30.29 -24.24 -31.80
CA PHE D 67 -29.16 -24.70 -32.58
C PHE D 67 -29.24 -26.22 -32.85
N ALA D 68 -29.62 -26.99 -31.85
CA ALA D 68 -29.84 -28.44 -32.03
C ALA D 68 -30.95 -28.73 -33.09
N ALA D 69 -32.00 -27.91 -33.10
CA ALA D 69 -33.06 -27.96 -34.11
C ALA D 69 -32.56 -27.60 -35.49
N GLN D 70 -31.71 -26.56 -35.59
CA GLN D 70 -31.12 -26.20 -36.88
C GLN D 70 -30.25 -27.35 -37.45
N ALA D 71 -29.59 -28.09 -36.56
CA ALA D 71 -28.76 -29.22 -36.95
C ALA D 71 -29.55 -30.50 -37.22
N GLY D 72 -30.87 -30.48 -37.03
CA GLY D 72 -31.77 -31.52 -37.47
C GLY D 72 -32.21 -32.49 -36.39
N ALA D 73 -32.12 -32.11 -35.11
CA ALA D 73 -32.52 -33.02 -34.03
C ALA D 73 -34.00 -33.39 -34.17
N ARG D 74 -34.34 -34.64 -33.88
CA ARG D 74 -35.74 -35.06 -33.95
C ARG D 74 -36.53 -34.56 -32.74
N LYS D 75 -35.94 -34.58 -31.56
CA LYS D 75 -36.61 -34.13 -30.35
C LYS D 75 -35.61 -33.57 -29.36
N ILE D 76 -35.94 -32.41 -28.80
CA ILE D 76 -35.10 -31.75 -27.83
C ILE D 76 -35.91 -31.46 -26.58
N TYR D 77 -35.48 -31.99 -25.46
CA TYR D 77 -36.07 -31.68 -24.17
C TYR D 77 -35.26 -30.55 -23.55
N ALA D 78 -35.90 -29.43 -23.31
CA ALA D 78 -35.21 -28.25 -22.86
C ALA D 78 -35.66 -28.01 -21.43
N VAL D 79 -34.74 -28.28 -20.47
CA VAL D 79 -35.10 -28.20 -19.06
C VAL D 79 -34.63 -26.87 -18.48
N GLU D 80 -35.53 -26.20 -17.75
CA GLU D 80 -35.19 -24.91 -17.16
C GLU D 80 -35.98 -24.67 -15.87
N ALA D 81 -35.30 -24.29 -14.80
CA ALA D 81 -35.90 -24.20 -13.46
C ALA D 81 -36.35 -22.76 -13.16
N SER D 82 -35.81 -21.75 -13.83
CA SER D 82 -36.26 -20.37 -13.61
C SER D 82 -37.55 -20.10 -14.41
N THR D 83 -38.12 -18.92 -14.18
CA THR D 83 -39.28 -18.46 -14.96
C THR D 83 -38.97 -18.17 -16.42
N MET D 84 -37.69 -18.20 -16.79
CA MET D 84 -37.29 -18.13 -18.17
C MET D 84 -37.88 -19.25 -19.00
N ALA D 85 -38.26 -20.36 -18.37
CA ALA D 85 -38.93 -21.46 -19.10
C ALA D 85 -40.18 -21.01 -19.87
N GLN D 86 -40.95 -20.10 -19.29
CA GLN D 86 -42.13 -19.57 -19.94
C GLN D 86 -41.80 -18.75 -21.19
N HIS D 87 -40.70 -18.01 -21.16
CA HIS D 87 -40.26 -17.18 -22.30
C HIS D 87 -39.73 -18.12 -23.40
N ALA D 88 -39.02 -19.19 -23.00
CA ALA D 88 -38.54 -20.16 -23.95
C ALA D 88 -39.71 -20.80 -24.71
N GLU D 89 -40.78 -21.11 -24.00
CA GLU D 89 -41.98 -21.69 -24.63
C GLU D 89 -42.57 -20.77 -25.71
N VAL D 90 -42.64 -19.47 -25.39
CA VAL D 90 -43.04 -18.44 -26.31
C VAL D 90 -42.20 -18.46 -27.58
N LEU D 91 -40.88 -18.57 -27.46
CA LEU D 91 -40.02 -18.64 -28.61
C LEU D 91 -40.18 -19.89 -29.42
N VAL D 92 -40.37 -21.01 -28.74
CA VAL D 92 -40.56 -22.27 -29.47
C VAL D 92 -41.83 -22.16 -30.37
N LYS D 93 -42.89 -21.60 -29.81
CA LYS D 93 -44.13 -21.41 -30.60
C LYS D 93 -43.95 -20.43 -31.75
N SER D 94 -43.29 -19.30 -31.49
CA SER D 94 -43.14 -18.25 -32.53
C SER D 94 -42.17 -18.67 -33.60
N ASN D 95 -41.26 -19.60 -33.32
CA ASN D 95 -40.37 -20.16 -34.32
C ASN D 95 -40.87 -21.47 -34.93
N ASN D 96 -42.12 -21.82 -34.68
CA ASN D 96 -42.75 -22.99 -35.35
C ASN D 96 -42.00 -24.28 -35.12
N LEU D 97 -41.58 -24.50 -33.87
CA LEU D 97 -40.79 -25.66 -33.48
C LEU D 97 -41.46 -26.47 -32.38
N THR D 98 -42.78 -26.34 -32.23
CA THR D 98 -43.52 -27.03 -31.17
C THR D 98 -43.44 -28.57 -31.35
N ASP D 99 -43.22 -29.04 -32.58
CA ASP D 99 -43.09 -30.47 -32.85
C ASP D 99 -41.69 -31.03 -32.52
N ARG D 100 -40.73 -30.17 -32.17
CA ARG D 100 -39.35 -30.61 -31.98
C ARG D 100 -38.73 -30.22 -30.63
N ILE D 101 -39.09 -29.04 -30.09
CA ILE D 101 -38.51 -28.62 -28.82
C ILE D 101 -39.62 -28.63 -27.77
N VAL D 102 -39.35 -29.39 -26.70
CA VAL D 102 -40.28 -29.52 -25.61
C VAL D 102 -39.64 -28.94 -24.36
N VAL D 103 -40.15 -27.80 -23.91
CA VAL D 103 -39.72 -27.22 -22.67
C VAL D 103 -40.28 -27.99 -21.50
N ILE D 104 -39.42 -28.34 -20.55
CA ILE D 104 -39.79 -29.04 -19.31
C ILE D 104 -39.36 -28.17 -18.13
N PRO D 105 -40.33 -27.46 -17.52
CA PRO D 105 -39.98 -26.58 -16.42
C PRO D 105 -39.61 -27.38 -15.16
N GLY D 106 -38.54 -26.98 -14.50
CA GLY D 106 -38.11 -27.56 -13.24
C GLY D 106 -36.61 -27.79 -13.23
N LYS D 107 -36.14 -28.38 -12.14
CA LYS D 107 -34.70 -28.71 -11.98
C LYS D 107 -34.44 -30.05 -12.66
N VAL D 108 -33.30 -30.19 -13.31
CA VAL D 108 -32.94 -31.41 -14.03
C VAL D 108 -32.85 -32.62 -13.06
N GLU D 109 -32.58 -32.34 -11.79
CA GLU D 109 -32.56 -33.34 -10.73
C GLU D 109 -33.95 -33.82 -10.29
N GLU D 110 -35.00 -33.11 -10.68
CA GLU D 110 -36.37 -33.35 -10.21
C GLU D 110 -37.38 -33.67 -11.28
N VAL D 111 -37.15 -33.31 -12.51
CA VAL D 111 -38.16 -33.56 -13.56
C VAL D 111 -38.15 -35.01 -14.02
N SER D 112 -39.12 -35.35 -14.82
CA SER D 112 -39.19 -36.65 -15.47
C SER D 112 -39.10 -36.48 -16.98
N LEU D 113 -38.19 -37.19 -17.64
CA LEU D 113 -38.13 -37.16 -19.10
C LEU D 113 -38.74 -38.40 -19.64
N PRO D 114 -39.39 -38.32 -20.79
CA PRO D 114 -40.10 -39.52 -21.26
C PRO D 114 -39.25 -40.57 -21.94
N GLU D 115 -38.00 -40.27 -22.25
CA GLU D 115 -37.12 -41.24 -22.86
C GLU D 115 -35.63 -40.81 -22.60
N GLN D 116 -34.73 -41.72 -22.91
CA GLN D 116 -33.30 -41.46 -22.81
C GLN D 116 -32.85 -40.70 -24.06
N VAL D 117 -31.72 -40.02 -23.97
CA VAL D 117 -31.27 -39.12 -25.01
C VAL D 117 -29.91 -39.53 -25.58
N ASP D 118 -29.63 -39.07 -26.79
CA ASP D 118 -28.39 -39.35 -27.50
C ASP D 118 -27.26 -38.40 -27.10
N ILE D 119 -27.61 -37.19 -26.70
CA ILE D 119 -26.61 -36.17 -26.49
C ILE D 119 -27.18 -35.12 -25.51
N ILE D 120 -26.32 -34.65 -24.61
CA ILE D 120 -26.69 -33.59 -23.66
C ILE D 120 -25.89 -32.36 -24.04
N ILE D 121 -26.59 -31.20 -24.10
CA ILE D 121 -25.97 -29.92 -24.34
C ILE D 121 -26.28 -29.00 -23.17
N SER D 122 -25.34 -28.11 -22.85
CA SER D 122 -25.53 -27.16 -21.75
C SER D 122 -24.42 -26.13 -21.82
N GLU D 123 -24.65 -25.03 -21.14
CA GLU D 123 -23.61 -24.10 -20.77
C GLU D 123 -23.50 -24.00 -19.25
N PRO D 124 -22.83 -24.97 -18.66
CA PRO D 124 -22.78 -25.04 -17.18
C PRO D 124 -21.55 -24.37 -16.56
N MET D 125 -20.75 -23.67 -17.34
CA MET D 125 -19.49 -23.10 -16.87
C MET D 125 -19.78 -21.80 -16.16
N GLY D 126 -19.22 -21.62 -14.95
CA GLY D 126 -19.21 -20.34 -14.26
C GLY D 126 -17.81 -19.75 -14.26
N TYR D 127 -17.63 -18.67 -13.51
CA TYR D 127 -16.30 -18.14 -13.25
C TYR D 127 -15.38 -19.24 -12.70
N MET D 128 -14.14 -19.26 -13.16
CA MET D 128 -13.17 -20.29 -12.82
C MET D 128 -13.67 -21.70 -13.14
N LEU D 129 -14.54 -21.80 -14.15
CA LEU D 129 -15.26 -23.03 -14.56
C LEU D 129 -16.32 -23.50 -13.56
N PHE D 130 -15.93 -23.65 -12.29
CA PHE D 130 -16.76 -24.38 -11.33
C PHE D 130 -17.82 -23.56 -10.57
N ASN D 131 -17.70 -22.25 -10.56
CA ASN D 131 -18.66 -21.43 -9.84
C ASN D 131 -20.07 -21.71 -10.31
N GLU D 132 -21.01 -21.67 -9.35
CA GLU D 132 -22.46 -21.95 -9.54
C GLU D 132 -22.83 -23.40 -9.36
N ARG D 133 -21.83 -24.31 -9.47
CA ARG D 133 -22.02 -25.74 -9.27
C ARG D 133 -22.98 -26.33 -10.30
N MET D 134 -23.13 -25.66 -11.46
CA MET D 134 -24.02 -26.18 -12.45
C MET D 134 -23.40 -27.38 -13.19
N LEU D 135 -22.09 -27.49 -13.17
CA LEU D 135 -21.48 -28.74 -13.69
C LEU D 135 -22.02 -30.00 -13.05
N GLU D 136 -22.35 -29.93 -11.75
CA GLU D 136 -22.96 -31.08 -11.09
C GLU D 136 -24.33 -31.43 -11.66
N SER D 137 -25.14 -30.43 -12.03
CA SER D 137 -26.44 -30.69 -12.68
C SER D 137 -26.26 -31.32 -14.05
N TYR D 138 -25.24 -30.85 -14.77
CA TYR D 138 -24.88 -31.39 -16.07
C TYR D 138 -24.50 -32.86 -15.98
N LEU D 139 -23.66 -33.18 -15.00
CA LEU D 139 -23.24 -34.58 -14.78
C LEU D 139 -24.39 -35.44 -14.26
N HIS D 140 -25.21 -34.88 -13.37
CA HIS D 140 -26.43 -35.55 -12.87
C HIS D 140 -27.31 -36.02 -14.01
N ALA D 141 -27.42 -35.17 -15.05
CA ALA D 141 -28.27 -35.43 -16.21
C ALA D 141 -27.86 -36.66 -17.05
N LYS D 142 -26.65 -37.16 -16.85
CA LYS D 142 -26.22 -38.40 -17.51
C LYS D 142 -27.06 -39.61 -17.13
N LYS D 143 -27.87 -39.54 -16.06
CA LYS D 143 -28.87 -40.59 -15.82
C LYS D 143 -29.81 -40.77 -17.03
N TYR D 144 -29.98 -39.73 -17.85
CA TYR D 144 -30.77 -39.81 -19.06
C TYR D 144 -30.03 -40.14 -20.33
N LEU D 145 -28.74 -40.33 -20.25
CA LEU D 145 -27.92 -40.45 -21.45
C LEU D 145 -27.83 -41.90 -21.85
N LYS D 146 -28.08 -42.20 -23.12
CA LYS D 146 -27.92 -43.57 -23.62
C LYS D 146 -26.47 -44.01 -23.47
N PRO D 147 -26.22 -45.34 -23.38
CA PRO D 147 -24.83 -45.77 -23.45
C PRO D 147 -24.14 -45.26 -24.72
N SER D 148 -22.93 -44.82 -24.59
CA SER D 148 -22.22 -44.16 -25.70
C SER D 148 -22.85 -42.84 -26.19
N GLY D 149 -23.78 -42.25 -25.46
CA GLY D 149 -24.21 -40.89 -25.78
C GLY D 149 -23.08 -39.88 -25.56
N ASN D 150 -23.27 -38.65 -26.06
CA ASN D 150 -22.24 -37.66 -26.04
C ASN D 150 -22.68 -36.48 -25.16
N MET D 151 -21.72 -35.65 -24.81
CA MET D 151 -21.90 -34.46 -23.98
C MET D 151 -21.21 -33.29 -24.71
N PHE D 152 -21.92 -32.19 -24.85
CA PHE D 152 -21.45 -30.96 -25.47
C PHE D 152 -21.67 -29.79 -24.51
N PRO D 153 -20.62 -29.33 -23.82
CA PRO D 153 -19.21 -29.69 -23.95
C PRO D 153 -18.84 -31.05 -23.38
N THR D 154 -17.73 -31.56 -23.88
CA THR D 154 -17.27 -32.90 -23.56
C THR D 154 -16.23 -32.91 -22.46
N ILE D 155 -15.29 -31.98 -22.52
CA ILE D 155 -14.26 -31.85 -21.52
C ILE D 155 -14.09 -30.38 -21.17
N GLY D 156 -13.54 -30.13 -19.97
CA GLY D 156 -13.14 -28.79 -19.54
C GLY D 156 -11.69 -28.83 -18.99
N ASP D 157 -10.89 -27.85 -19.38
CA ASP D 157 -9.51 -27.67 -18.95
C ASP D 157 -9.44 -26.36 -18.14
N VAL D 158 -9.07 -26.46 -16.88
CA VAL D 158 -8.74 -25.31 -16.07
C VAL D 158 -7.25 -25.06 -16.20
N HIS D 159 -6.90 -23.81 -16.46
CA HIS D 159 -5.53 -23.35 -16.51
C HIS D 159 -5.22 -22.45 -15.34
N LEU D 160 -4.03 -22.65 -14.76
CA LEU D 160 -3.55 -21.78 -13.72
C LEU D 160 -2.13 -21.36 -14.01
N ALA D 161 -1.80 -20.13 -13.62
CA ALA D 161 -0.47 -19.60 -13.77
C ALA D 161 -0.18 -18.52 -12.77
N PRO D 162 1.09 -18.45 -12.28
CA PRO D 162 1.46 -17.36 -11.40
C PRO D 162 1.53 -16.03 -12.13
N PHE D 163 1.15 -14.94 -11.46
CA PHE D 163 1.24 -13.60 -12.05
C PHE D 163 1.89 -12.60 -11.11
N THR D 164 2.36 -11.51 -11.71
CA THR D 164 2.85 -10.34 -10.98
C THR D 164 1.99 -9.15 -11.40
N ASP D 165 1.46 -8.41 -10.43
CA ASP D 165 0.65 -7.25 -10.69
C ASP D 165 0.62 -6.40 -9.42
N GLU D 166 1.66 -5.59 -9.29
CA GLU D 166 1.83 -4.75 -8.13
C GLU D 166 0.64 -3.78 -7.96
N GLN D 167 0.14 -3.22 -9.05
CA GLN D 167 -0.96 -2.28 -9.03
C GLN D 167 -2.26 -2.92 -8.49
N LEU D 168 -2.58 -4.15 -8.93
CA LEU D 168 -3.70 -4.88 -8.36
C LEU D 168 -3.56 -5.15 -6.89
N TYR D 169 -2.39 -5.61 -6.48
CA TYR D 169 -2.12 -5.91 -5.09
C TYR D 169 -2.32 -4.64 -4.25
N MET D 170 -1.75 -3.51 -4.69
CA MET D 170 -1.83 -2.26 -3.94
C MET D 170 -3.26 -1.72 -3.84
N GLU D 171 -4.04 -1.86 -4.85
CA GLU D 171 -5.46 -1.49 -4.85
C GLU D 171 -6.26 -2.18 -3.67
N GLN D 172 -6.07 -3.49 -3.56
CA GLN D 172 -6.82 -4.27 -2.55
C GLN D 172 -6.31 -3.92 -1.14
N PHE D 173 -5.00 -3.67 -1.01
CA PHE D 173 -4.36 -3.28 0.21
C PHE D 173 -4.76 -1.86 0.63
N THR D 174 -4.83 -0.97 -0.35
CA THR D 174 -5.27 0.36 -0.11
C THR D 174 -6.69 0.40 0.45
N LYS D 175 -7.58 -0.42 -0.07
CA LYS D 175 -8.94 -0.51 0.45
C LYS D 175 -8.97 -1.07 1.87
N ALA D 176 -8.23 -2.13 2.15
CA ALA D 176 -8.19 -2.68 3.50
C ALA D 176 -7.60 -1.75 4.55
N ASN D 177 -6.66 -0.90 4.13
CA ASN D 177 -5.99 0.01 5.08
C ASN D 177 -6.88 1.12 5.62
N PHE D 178 -8.06 1.29 5.05
CA PHE D 178 -9.09 2.09 5.69
C PHE D 178 -9.24 1.71 7.18
N TRP D 179 -9.19 0.41 7.46
CA TRP D 179 -9.35 -0.11 8.79
C TRP D 179 -8.12 0.03 9.67
N TYR D 180 -7.00 0.53 9.15
CA TYR D 180 -5.88 0.95 10.02
C TYR D 180 -6.09 2.25 10.86
N GLN D 181 -7.11 3.05 10.57
CA GLN D 181 -7.15 4.41 11.08
C GLN D 181 -7.41 4.38 12.56
N PRO D 182 -6.57 5.05 13.36
CA PRO D 182 -6.82 5.15 14.79
C PRO D 182 -7.84 6.22 15.17
N SER D 183 -8.29 7.06 14.23
CA SER D 183 -9.24 8.13 14.60
C SER D 183 -10.13 8.54 13.40
N PHE D 184 -10.93 7.59 12.95
CA PHE D 184 -11.95 7.78 11.95
C PHE D 184 -13.15 8.44 12.64
N HIS D 185 -13.30 9.76 12.44
CA HIS D 185 -14.23 10.56 13.22
C HIS D 185 -14.10 10.29 14.73
N GLY D 186 -12.89 10.17 15.22
CA GLY D 186 -12.63 9.92 16.63
C GLY D 186 -12.60 8.46 17.07
N VAL D 187 -12.81 7.52 16.16
CA VAL D 187 -12.92 6.12 16.50
C VAL D 187 -11.76 5.32 15.96
N ASP D 188 -11.16 4.50 16.84
CA ASP D 188 -10.08 3.62 16.48
C ASP D 188 -10.63 2.37 15.82
N LEU D 189 -10.39 2.24 14.53
CA LEU D 189 -10.83 1.08 13.77
C LEU D 189 -9.78 -0.03 13.70
N SER D 190 -8.55 0.25 14.17
CA SER D 190 -7.38 -0.56 13.84
C SER D 190 -7.38 -2.00 14.34
N ALA D 191 -8.14 -2.30 15.39
CA ALA D 191 -8.32 -3.70 15.82
C ALA D 191 -8.98 -4.61 14.75
N LEU D 192 -9.67 -4.03 13.79
CA LEU D 192 -10.24 -4.77 12.67
C LEU D 192 -9.42 -4.80 11.39
N ARG D 193 -8.22 -4.26 11.38
CA ARG D 193 -7.44 -4.20 10.15
C ARG D 193 -7.14 -5.60 9.59
N GLY D 194 -6.72 -6.52 10.43
CA GLY D 194 -6.50 -7.93 10.03
C GLY D 194 -7.71 -8.59 9.43
N ALA D 195 -8.86 -8.41 10.06
CA ALA D 195 -10.14 -8.97 9.53
C ALA D 195 -10.45 -8.36 8.17
N ALA D 196 -10.19 -7.06 8.01
CA ALA D 196 -10.45 -6.37 6.73
C ALA D 196 -9.56 -6.87 5.63
N VAL D 197 -8.26 -7.00 5.93
CA VAL D 197 -7.29 -7.53 4.95
C VAL D 197 -7.71 -8.92 4.52
N ASP D 198 -8.06 -9.77 5.46
CA ASP D 198 -8.57 -11.13 5.17
C ASP D 198 -9.76 -11.11 4.26
N GLU D 199 -10.71 -10.25 4.55
CA GLU D 199 -11.92 -10.19 3.74
C GLU D 199 -11.64 -9.77 2.30
N TYR D 200 -10.82 -8.73 2.11
CA TYR D 200 -10.55 -8.25 0.78
C TYR D 200 -9.74 -9.29 -0.03
N PHE D 201 -8.79 -9.94 0.63
CA PHE D 201 -7.94 -10.93 -0.09
C PHE D 201 -8.65 -12.23 -0.35
N ARG D 202 -9.77 -12.48 0.32
CA ARG D 202 -10.64 -13.60 -0.01
C ARG D 202 -11.42 -13.44 -1.27
N GLN D 203 -11.44 -12.25 -1.86
CA GLN D 203 -12.21 -12.02 -3.07
C GLN D 203 -11.42 -12.34 -4.33
N PRO D 204 -11.87 -13.33 -5.12
CA PRO D 204 -11.22 -13.51 -6.40
C PRO D 204 -11.51 -12.30 -7.28
N VAL D 205 -10.55 -11.88 -8.09
CA VAL D 205 -10.65 -10.75 -8.95
C VAL D 205 -11.00 -11.17 -10.35
N VAL D 206 -12.18 -10.73 -10.82
CA VAL D 206 -12.66 -11.04 -12.17
C VAL D 206 -12.40 -9.85 -13.06
N ASP D 207 -11.46 -10.00 -13.99
CA ASP D 207 -11.16 -9.01 -15.04
C ASP D 207 -10.17 -9.62 -16.00
N THR D 208 -9.75 -8.89 -16.99
CA THR D 208 -8.73 -9.37 -17.90
C THR D 208 -7.41 -8.71 -17.62
N PHE D 209 -6.36 -9.14 -18.30
CA PHE D 209 -5.02 -8.62 -18.08
C PHE D 209 -4.17 -8.96 -19.29
N ASP D 210 -3.04 -8.29 -19.41
CA ASP D 210 -2.06 -8.59 -20.43
C ASP D 210 -1.30 -9.87 -20.07
N ILE D 211 -1.10 -10.75 -21.04
CA ILE D 211 -0.35 -12.01 -20.79
C ILE D 211 1.10 -11.82 -20.29
N ARG D 212 1.65 -10.63 -20.48
CA ARG D 212 3.00 -10.33 -19.99
C ARG D 212 3.10 -10.37 -18.47
N ILE D 213 1.99 -10.29 -17.73
CA ILE D 213 2.07 -10.44 -16.28
C ILE D 213 2.32 -11.90 -15.82
N LEU D 214 2.16 -12.88 -16.71
CA LEU D 214 2.28 -14.28 -16.32
C LEU D 214 3.74 -14.67 -16.21
N MET D 215 4.10 -15.36 -15.14
CA MET D 215 5.50 -15.64 -14.82
C MET D 215 6.00 -17.07 -15.15
N ALA D 216 5.08 -17.91 -15.60
CA ALA D 216 5.38 -19.29 -15.98
C ALA D 216 4.29 -19.77 -16.89
N LYS D 217 4.60 -20.84 -17.62
CA LYS D 217 3.57 -21.52 -18.42
C LYS D 217 2.49 -22.10 -17.54
N SER D 218 1.25 -22.09 -18.04
CA SER D 218 0.13 -22.54 -17.21
C SER D 218 0.19 -24.05 -16.97
N VAL D 219 -0.37 -24.48 -15.85
CA VAL D 219 -0.63 -25.88 -15.55
C VAL D 219 -2.10 -26.12 -15.90
N LYS D 220 -2.38 -27.28 -16.46
CA LYS D 220 -3.72 -27.63 -16.92
C LYS D 220 -4.32 -28.74 -16.08
N TYR D 221 -5.59 -28.61 -15.67
CA TYR D 221 -6.30 -29.67 -14.97
C TYR D 221 -7.56 -29.97 -15.74
N THR D 222 -7.79 -31.23 -16.13
CA THR D 222 -8.85 -31.56 -17.08
C THR D 222 -9.97 -32.33 -16.38
N VAL D 223 -11.21 -31.94 -16.60
CA VAL D 223 -12.34 -32.71 -16.23
C VAL D 223 -13.01 -33.28 -17.47
N ASN D 224 -13.15 -34.60 -17.52
CA ASN D 224 -13.81 -35.26 -18.61
C ASN D 224 -15.28 -35.49 -18.26
N PHE D 225 -16.16 -34.75 -18.92
CA PHE D 225 -17.58 -34.77 -18.54
C PHE D 225 -18.29 -36.10 -18.93
N LEU D 226 -17.75 -36.84 -19.88
CA LEU D 226 -18.28 -38.16 -20.18
C LEU D 226 -18.06 -39.15 -19.06
N GLU D 227 -16.97 -38.98 -18.32
CA GLU D 227 -16.57 -39.95 -17.29
C GLU D 227 -16.81 -39.49 -15.86
N ALA D 228 -16.80 -38.19 -15.61
CA ALA D 228 -16.87 -37.68 -14.25
C ALA D 228 -18.28 -37.94 -13.66
N LYS D 229 -18.31 -38.18 -12.36
CA LYS D 229 -19.55 -38.30 -11.59
C LYS D 229 -19.74 -36.99 -10.83
N GLU D 230 -20.97 -36.66 -10.55
CA GLU D 230 -21.26 -35.39 -9.84
C GLU D 230 -20.51 -35.26 -8.53
N GLY D 231 -20.42 -36.38 -7.80
CA GLY D 231 -19.65 -36.46 -6.57
C GLY D 231 -18.19 -36.11 -6.71
N ASP D 232 -17.62 -36.29 -7.90
CA ASP D 232 -16.21 -35.91 -8.14
C ASP D 232 -15.96 -34.41 -8.02
N LEU D 233 -17.00 -33.59 -8.11
CA LEU D 233 -16.86 -32.14 -8.06
C LEU D 233 -17.08 -31.54 -6.68
N HIS D 234 -17.30 -32.39 -5.67
CA HIS D 234 -17.43 -31.93 -4.29
C HIS D 234 -16.11 -31.48 -3.70
N ARG D 235 -15.02 -32.11 -4.13
CA ARG D 235 -13.71 -31.76 -3.67
C ARG D 235 -12.76 -31.87 -4.83
N ILE D 236 -12.18 -30.76 -5.25
CA ILE D 236 -11.38 -30.74 -6.47
C ILE D 236 -9.97 -30.33 -6.05
N GLU D 237 -9.02 -31.24 -6.16
CA GLU D 237 -7.65 -31.00 -5.73
C GLU D 237 -6.76 -30.83 -6.95
N ILE D 238 -6.16 -29.66 -7.11
CA ILE D 238 -5.34 -29.35 -8.28
C ILE D 238 -3.88 -29.10 -7.84
N PRO D 239 -3.03 -30.13 -7.93
CA PRO D 239 -1.62 -29.89 -7.65
C PRO D 239 -0.96 -29.07 -8.77
N PHE D 240 0.09 -28.32 -8.44
CA PHE D 240 0.80 -27.58 -9.48
C PHE D 240 2.29 -27.50 -9.16
N LYS D 241 3.10 -27.50 -10.22
CA LYS D 241 4.55 -27.23 -10.10
C LYS D 241 4.94 -26.30 -11.24
N PHE D 242 5.22 -25.05 -10.95
CA PHE D 242 5.56 -24.10 -12.01
C PHE D 242 7.08 -23.95 -12.11
N HIS D 243 7.60 -23.98 -13.31
CA HIS D 243 8.98 -23.58 -13.61
C HIS D 243 9.02 -22.07 -13.95
N MET D 244 9.51 -21.27 -13.03
CA MET D 244 9.44 -19.81 -13.15
C MET D 244 10.29 -19.33 -14.31
N LEU D 245 9.69 -18.56 -15.22
CA LEU D 245 10.36 -18.03 -16.40
C LEU D 245 10.91 -16.62 -16.19
N HIS D 246 10.41 -15.92 -15.19
CA HIS D 246 10.75 -14.51 -14.92
C HIS D 246 10.98 -14.40 -13.43
N SER D 247 11.92 -13.57 -13.02
CA SER D 247 12.14 -13.27 -11.61
C SER D 247 11.23 -12.15 -11.18
N GLY D 248 10.76 -12.16 -9.93
CA GLY D 248 9.90 -11.09 -9.46
C GLY D 248 9.04 -11.54 -8.32
N LEU D 249 8.11 -10.66 -7.96
CA LEU D 249 7.13 -10.92 -6.95
C LEU D 249 5.90 -11.59 -7.54
N VAL D 250 5.56 -12.77 -7.01
CA VAL D 250 4.35 -13.49 -7.39
C VAL D 250 3.23 -13.00 -6.49
N HIS D 251 2.25 -12.30 -7.06
CA HIS D 251 1.15 -11.75 -6.28
C HIS D 251 -0.05 -12.68 -6.20
N GLY D 252 -0.04 -13.78 -6.97
CA GLY D 252 -1.11 -14.70 -6.93
C GLY D 252 -1.13 -15.67 -8.11
N LEU D 253 -2.26 -16.39 -8.24
CA LEU D 253 -2.48 -17.27 -9.38
C LEU D 253 -3.66 -16.77 -10.22
N ALA D 254 -3.49 -16.84 -11.53
CA ALA D 254 -4.50 -16.53 -12.52
C ALA D 254 -5.11 -17.82 -13.05
N PHE D 255 -6.41 -17.81 -13.26
CA PHE D 255 -7.20 -18.94 -13.71
C PHE D 255 -8.01 -18.57 -14.95
N TRP D 256 -8.03 -19.50 -15.89
CA TRP D 256 -9.01 -19.46 -16.96
C TRP D 256 -9.40 -20.90 -17.33
N PHE D 257 -10.30 -21.03 -18.28
CA PHE D 257 -10.72 -22.36 -18.71
C PHE D 257 -11.09 -22.41 -20.18
N ASP D 258 -10.92 -23.59 -20.72
CA ASP D 258 -11.32 -23.93 -22.07
C ASP D 258 -12.24 -25.13 -21.98
N VAL D 259 -13.24 -25.16 -22.85
CA VAL D 259 -14.04 -26.40 -23.03
C VAL D 259 -13.96 -26.86 -24.48
N ALA D 260 -14.00 -28.18 -24.67
CA ALA D 260 -13.96 -28.74 -26.02
C ALA D 260 -15.26 -29.52 -26.28
N PHE D 261 -15.81 -29.32 -27.45
CA PHE D 261 -16.95 -30.05 -27.96
C PHE D 261 -16.39 -31.09 -28.93
N ILE D 262 -16.32 -32.35 -28.46
CA ILE D 262 -15.64 -33.43 -29.22
C ILE D 262 -16.70 -34.16 -30.01
N GLY D 263 -16.94 -33.70 -31.23
CA GLY D 263 -17.98 -34.26 -32.06
C GLY D 263 -17.42 -35.30 -33.00
N SER D 264 -18.33 -35.92 -33.73
CA SER D 264 -17.96 -36.96 -34.72
C SER D 264 -17.28 -36.36 -35.93
N ILE D 265 -17.53 -35.09 -36.26
CA ILE D 265 -16.92 -34.46 -37.42
C ILE D 265 -15.67 -33.72 -37.03
N MET D 266 -15.75 -32.93 -35.95
CA MET D 266 -14.61 -32.18 -35.49
C MET D 266 -14.71 -31.79 -34.02
N THR D 267 -13.57 -31.36 -33.49
CA THR D 267 -13.52 -30.84 -32.16
C THR D 267 -13.48 -29.34 -32.25
N VAL D 268 -14.37 -28.66 -31.53
CA VAL D 268 -14.42 -27.21 -31.48
C VAL D 268 -14.15 -26.77 -30.04
N TRP D 269 -13.27 -25.80 -29.88
CA TRP D 269 -12.88 -25.26 -28.60
C TRP D 269 -13.51 -23.90 -28.32
N LEU D 270 -13.96 -23.70 -27.08
CA LEU D 270 -14.28 -22.39 -26.55
C LEU D 270 -13.29 -22.09 -25.46
N SER D 271 -12.48 -21.08 -25.67
CA SER D 271 -11.43 -20.69 -24.72
C SER D 271 -11.70 -19.32 -24.08
N THR D 272 -11.46 -19.24 -22.76
CA THR D 272 -11.53 -17.98 -22.03
C THR D 272 -10.12 -17.50 -21.67
N ALA D 273 -9.12 -17.98 -22.38
CA ALA D 273 -7.73 -17.61 -22.16
C ALA D 273 -7.45 -16.13 -22.43
N PRO D 274 -6.47 -15.55 -21.73
CA PRO D 274 -6.14 -14.15 -21.94
C PRO D 274 -5.45 -13.86 -23.29
N THR D 275 -5.01 -14.89 -23.98
CA THR D 275 -4.56 -14.80 -25.37
C THR D 275 -5.70 -14.82 -26.41
N GLU D 276 -6.94 -15.01 -25.98
CA GLU D 276 -8.10 -15.15 -26.86
C GLU D 276 -9.04 -14.00 -26.69
N PRO D 277 -9.93 -13.77 -27.69
CA PRO D 277 -10.89 -12.69 -27.52
C PRO D 277 -11.68 -12.85 -26.22
N LEU D 278 -12.00 -11.72 -25.63
CA LEU D 278 -12.59 -11.69 -24.33
C LEU D 278 -14.03 -12.27 -24.34
N THR D 279 -14.40 -12.93 -23.24
CA THR D 279 -15.74 -13.41 -23.00
C THR D 279 -16.28 -12.77 -21.75
N HIS D 280 -17.54 -12.96 -21.45
CA HIS D 280 -18.12 -12.47 -20.20
C HIS D 280 -17.64 -13.28 -18.96
N TRP D 281 -16.88 -14.36 -19.16
CA TRP D 281 -16.17 -15.00 -18.02
C TRP D 281 -14.86 -14.30 -17.62
N TYR D 282 -14.33 -13.42 -18.50
CA TYR D 282 -13.04 -12.74 -18.29
C TYR D 282 -12.01 -13.79 -17.88
N GLN D 283 -11.18 -13.50 -16.88
CA GLN D 283 -10.31 -14.44 -16.19
C GLN D 283 -10.45 -14.13 -14.71
N VAL D 284 -9.92 -15.02 -13.89
CA VAL D 284 -10.01 -14.85 -12.45
C VAL D 284 -8.61 -14.90 -11.83
N ARG D 285 -8.33 -13.96 -10.93
CA ARG D 285 -7.09 -13.97 -10.17
C ARG D 285 -7.32 -14.07 -8.69
N CYS D 286 -6.57 -14.96 -8.06
CA CYS D 286 -6.58 -15.13 -6.62
C CYS D 286 -5.27 -14.55 -6.10
N LEU D 287 -5.38 -13.45 -5.35
CA LEU D 287 -4.26 -12.79 -4.76
C LEU D 287 -3.75 -13.49 -3.53
N PHE D 288 -2.44 -13.39 -3.33
CA PHE D 288 -1.83 -13.79 -2.08
C PHE D 288 -1.75 -12.58 -1.17
N GLN D 289 -2.11 -12.75 0.09
CA GLN D 289 -1.97 -11.68 1.07
C GLN D 289 -0.51 -11.24 1.27
N SER D 290 0.40 -12.21 1.20
CA SER D 290 1.83 -11.89 1.13
C SER D 290 2.41 -12.51 -0.11
N PRO D 291 2.86 -11.66 -1.03
CA PRO D 291 3.43 -12.14 -2.25
C PRO D 291 4.76 -12.86 -2.02
N LEU D 292 5.10 -13.75 -2.93
CA LEU D 292 6.28 -14.56 -2.82
C LEU D 292 7.33 -14.12 -3.86
N PHE D 293 8.57 -13.95 -3.39
CA PHE D 293 9.66 -13.69 -4.33
C PHE D 293 10.15 -14.98 -4.98
N ALA D 294 10.33 -14.97 -6.28
CA ALA D 294 10.91 -16.10 -6.99
C ALA D 294 11.86 -15.63 -8.08
N LYS D 295 12.91 -16.43 -8.35
CA LYS D 295 13.84 -16.19 -9.45
C LYS D 295 13.48 -17.04 -10.61
N ALA D 296 13.79 -16.60 -11.82
CA ALA D 296 13.68 -17.44 -13.01
C ALA D 296 14.46 -18.71 -12.74
N GLY D 297 13.87 -19.85 -13.09
CA GLY D 297 14.49 -21.17 -12.81
C GLY D 297 14.06 -21.80 -11.49
N ASP D 298 13.49 -21.01 -10.56
CA ASP D 298 12.91 -21.60 -9.35
C ASP D 298 11.63 -22.41 -9.70
N THR D 299 11.17 -23.21 -8.73
CA THR D 299 9.94 -23.98 -8.85
C THR D 299 8.97 -23.47 -7.81
N LEU D 300 7.73 -23.21 -8.22
CA LEU D 300 6.67 -22.78 -7.33
C LEU D 300 5.64 -23.93 -7.30
N SER D 301 5.53 -24.60 -6.18
CA SER D 301 4.72 -25.81 -6.07
C SER D 301 3.65 -25.64 -5.02
N GLY D 302 2.59 -26.42 -5.16
CA GLY D 302 1.50 -26.38 -4.23
C GLY D 302 0.25 -27.04 -4.72
N THR D 303 -0.83 -26.63 -4.09
CA THR D 303 -2.15 -27.22 -4.35
C THR D 303 -3.20 -26.13 -4.32
N CYS D 304 -4.12 -26.17 -5.27
N CYS D 304 -4.14 -26.20 -5.28
CA CYS D 304 -5.34 -25.43 -5.24
CA CYS D 304 -5.40 -25.49 -5.24
C CYS D 304 -6.48 -26.43 -4.92
C CYS D 304 -6.50 -26.46 -4.92
N LEU D 305 -7.16 -26.23 -3.79
CA LEU D 305 -8.20 -27.13 -3.34
C LEU D 305 -9.54 -26.41 -3.33
N LEU D 306 -10.50 -26.94 -4.05
CA LEU D 306 -11.85 -26.34 -4.13
C LEU D 306 -12.81 -27.30 -3.43
N ILE D 307 -13.46 -26.82 -2.37
CA ILE D 307 -14.43 -27.58 -1.63
C ILE D 307 -15.81 -26.95 -1.80
N ALA D 308 -16.72 -27.73 -2.37
CA ALA D 308 -18.07 -27.24 -2.72
C ALA D 308 -18.81 -26.87 -1.47
N ASN D 309 -19.61 -25.80 -1.52
CA ASN D 309 -20.40 -25.39 -0.36
C ASN D 309 -21.88 -25.33 -0.79
N LYS D 310 -22.75 -25.16 0.17
CA LYS D 310 -24.20 -25.13 -0.12
C LYS D 310 -24.76 -23.80 -0.70
N ARG D 311 -23.90 -22.82 -0.94
CA ARG D 311 -24.25 -21.58 -1.60
C ARG D 311 -23.89 -21.64 -3.08
N GLN D 312 -23.87 -22.84 -3.65
CA GLN D 312 -23.62 -23.03 -5.08
C GLN D 312 -22.28 -22.48 -5.50
N SER D 313 -21.29 -22.62 -4.62
CA SER D 313 -19.94 -22.14 -4.93
C SER D 313 -18.92 -23.01 -4.20
N TYR D 314 -17.72 -22.48 -4.09
CA TYR D 314 -16.58 -23.21 -3.52
C TYR D 314 -15.82 -22.35 -2.54
N ASP D 315 -15.32 -22.99 -1.49
CA ASP D 315 -14.28 -22.43 -0.61
C ASP D 315 -12.97 -22.87 -1.24
N ILE D 316 -12.08 -21.93 -1.51
CA ILE D 316 -10.89 -22.20 -2.26
C ILE D 316 -9.72 -22.09 -1.30
N SER D 317 -8.88 -23.11 -1.27
CA SER D 317 -7.64 -23.09 -0.53
C SER D 317 -6.48 -23.12 -1.54
N ILE D 318 -5.59 -22.13 -1.46
CA ILE D 318 -4.38 -22.15 -2.28
C ILE D 318 -3.14 -22.10 -1.38
N VAL D 319 -2.29 -23.10 -1.51
CA VAL D 319 -1.04 -23.13 -0.75
C VAL D 319 0.05 -23.26 -1.79
N ALA D 320 1.05 -22.38 -1.67
CA ALA D 320 2.11 -22.34 -2.67
C ALA D 320 3.41 -22.08 -1.98
N GLN D 321 4.46 -22.66 -2.49
CA GLN D 321 5.77 -22.40 -1.95
C GLN D 321 6.80 -22.32 -3.05
N VAL D 322 7.83 -21.50 -2.78
CA VAL D 322 9.00 -21.45 -3.62
C VAL D 322 9.95 -22.52 -3.07
N ASP D 323 10.14 -23.59 -3.83
CA ASP D 323 10.87 -24.75 -3.31
C ASP D 323 12.28 -24.39 -2.89
N GLN D 324 12.95 -23.53 -3.66
CA GLN D 324 14.36 -23.21 -3.40
C GLN D 324 14.59 -22.45 -2.10
N THR D 325 13.61 -21.72 -1.57
CA THR D 325 13.78 -20.97 -0.31
C THR D 325 12.88 -21.40 0.82
N GLY D 326 11.93 -22.28 0.57
CA GLY D 326 10.85 -22.60 1.52
C GLY D 326 9.87 -21.48 1.86
N SER D 327 9.78 -20.42 1.06
CA SER D 327 8.81 -19.36 1.30
C SER D 327 7.45 -19.84 0.87
N LYS D 328 6.48 -19.70 1.77
CA LYS D 328 5.15 -20.29 1.66
C LYS D 328 4.09 -19.24 1.77
N SER D 329 3.01 -19.41 1.00
CA SER D 329 1.83 -18.58 1.15
C SER D 329 0.59 -19.50 1.11
N SER D 330 -0.33 -19.21 2.04
CA SER D 330 -1.54 -19.98 2.26
C SER D 330 -2.66 -18.99 2.21
N ASN D 331 -3.66 -19.29 1.40
CA ASN D 331 -4.75 -18.36 1.11
C ASN D 331 -6.07 -19.09 1.04
N LEU D 332 -7.09 -18.43 1.52
CA LEU D 332 -8.46 -18.96 1.52
C LEU D 332 -9.27 -17.95 0.76
N LEU D 333 -10.00 -18.39 -0.26
CA LEU D 333 -10.84 -17.48 -1.03
C LEU D 333 -12.29 -17.99 -1.07
N ASP D 334 -13.17 -17.04 -1.28
CA ASP D 334 -14.61 -17.24 -1.20
C ASP D 334 -15.08 -16.89 -2.63
N LEU D 335 -15.27 -17.94 -3.43
CA LEU D 335 -15.67 -17.75 -4.82
C LEU D 335 -17.09 -17.15 -4.97
N LYS D 336 -17.89 -17.21 -3.93
CA LYS D 336 -19.20 -16.59 -3.95
C LYS D 336 -19.15 -15.05 -3.86
N ASN D 337 -18.06 -14.44 -3.40
CA ASN D 337 -17.93 -12.94 -3.28
C ASN D 337 -16.81 -12.35 -4.18
N PRO D 338 -16.90 -12.53 -5.50
CA PRO D 338 -15.82 -11.98 -6.36
C PRO D 338 -15.81 -10.48 -6.44
N PHE D 339 -14.67 -9.90 -6.73
CA PHE D 339 -14.53 -8.46 -7.04
C PHE D 339 -14.54 -8.33 -8.56
N PHE D 340 -15.62 -7.76 -9.09
CA PHE D 340 -15.73 -7.51 -10.54
C PHE D 340 -15.03 -6.21 -10.86
N ARG D 341 -13.75 -6.31 -11.23
CA ARG D 341 -12.89 -5.16 -11.45
C ARG D 341 -13.00 -4.56 -12.85
N TYR D 342 -13.32 -5.34 -13.87
CA TYR D 342 -13.53 -4.82 -15.24
C TYR D 342 -14.54 -3.66 -15.33
C02 KY5 E . 25.05 -6.56 13.20
C03 KY5 E . 25.95 -6.17 14.23
C05 KY5 E . 26.51 -7.46 14.70
C07 KY5 E . 28.15 -7.89 16.55
C09 KY5 E . 27.97 -8.85 18.69
C11 KY5 E . 30.10 -8.07 17.96
C13 KY5 E . 29.50 -7.66 16.73
C15 KY5 E . 28.95 -6.91 14.74
C17 KY5 E . 25.44 -7.67 12.80
C18 KY5 E . 25.98 -7.65 11.47
C20 KY5 E . 25.71 -8.15 9.05
C21 KY5 E . 26.91 -7.18 8.71
C22 KY5 E . 27.85 -7.65 7.54
C24 KY5 E . 24.08 -9.11 10.71
C25 KY5 E . 23.56 -10.06 9.58
C26 KY5 E . 22.85 -11.39 10.01
C28 KY5 E . 22.55 -12.03 7.68
C29 KY5 E . 22.92 -12.88 6.50
C30 KY5 E . 22.23 -12.67 5.19
C31 KY5 E . 21.17 -11.62 5.07
C32 KY5 E . 20.81 -10.75 6.26
N06 KY5 E . 27.82 -7.39 15.31
N08 KY5 E . 27.39 -8.49 17.54
N10 KY5 E . 29.30 -8.66 18.88
N12 KY5 E . 31.53 -7.85 18.17
N14 KY5 E . 30.00 -7.05 15.61
N19 KY5 E . 25.53 -8.71 10.47
N23 KY5 E . 27.53 -6.99 6.29
N27 KY5 E . 23.14 -12.24 8.80
N33 KY5 E . 21.48 -10.96 7.56
O01 KY5 E . 23.60 -6.65 13.60
O04 KY5 E . 25.40 -5.44 15.16
O16 KY5 E . 26.60 -8.13 13.67
C1 GOL F . 28.77 0.31 8.74
O1 GOL F . 29.94 -0.48 8.94
C2 GOL F . 29.14 1.73 9.07
O2 GOL F . 29.36 1.83 10.48
C3 GOL F . 28.00 2.64 8.63
O3 GOL F . 28.26 3.97 9.06
C02 KY5 G . -27.17 -3.11 8.88
C03 KY5 G . -28.10 -4.21 9.04
C05 KY5 G . -28.82 -3.78 10.27
C07 KY5 G . -30.77 -4.74 11.53
C09 KY5 G . -31.01 -5.62 13.67
C11 KY5 G . -32.92 -5.50 12.27
C13 KY5 G . -32.11 -4.91 11.26
C15 KY5 G . -31.17 -4.00 9.49
C17 KY5 G . -27.54 -2.11 9.57
C18 KY5 G . -27.95 -0.88 8.90
C20 KY5 G . -27.43 0.99 7.29
C21 KY5 G . -28.07 0.36 6.04
C22 KY5 G . -28.13 1.40 4.89
C24 KY5 G . -25.74 0.49 9.02
C25 KY5 G . -26.23 1.71 9.90
C26 KY5 G . -25.16 2.04 11.00
C28 KY5 G . -23.72 3.49 9.67
C29 KY5 G . -24.67 4.70 9.82
C30 KY5 G . -24.34 6.01 9.18
C31 KY5 G . -23.07 6.14 8.39
C32 KY5 G . -22.15 4.93 8.24
N06 KY5 G . -30.19 -4.17 10.41
N08 KY5 G . -30.22 -5.10 12.72
N10 KY5 G . -32.33 -5.82 13.45
N12 KY5 G . -34.32 -5.77 12.05
N14 KY5 G . -32.35 -4.49 9.97
N19 KY5 G . -26.87 -0.10 8.16
N23 KY5 G . -29.25 2.28 5.18
N27 KY5 G . -23.93 2.35 10.21
N33 KY5 G . -22.46 3.64 8.88
O01 KY5 G . -25.82 -3.47 9.35
O04 KY5 G . -27.57 -5.43 9.14
O16 KY5 G . -28.80 -2.52 10.24
C1 GOL H . -34.25 20.45 3.30
O1 GOL H . -32.82 20.26 3.30
C2 GOL H . -34.66 21.42 4.39
O2 GOL H . -36.00 21.85 4.15
C3 GOL H . -33.70 22.60 4.44
O3 GOL H . -34.34 23.71 5.08
C1 GOL I . -29.95 -6.35 -0.06
O1 GOL I . -29.08 -7.06 -0.96
C2 GOL I . -29.36 -4.95 0.11
O2 GOL I . -28.61 -4.64 -1.07
C3 GOL I . -30.42 -3.89 0.32
O3 GOL I . -30.01 -2.66 -0.28
C02 KY5 J . 30.99 23.88 9.98
C03 KY5 J . 31.06 23.42 11.33
C05 KY5 J . 31.07 24.67 12.10
C07 KY5 J . 31.14 25.23 14.53
C09 KY5 J . 32.68 26.38 15.86
C11 KY5 J . 30.74 25.54 16.88
C13 KY5 J . 30.33 25.02 15.61
C15 KY5 J . 29.36 24.11 13.85
C17 KY5 J . 30.52 25.05 9.99
C18 KY5 J . 29.18 25.17 9.46
C20 KY5 J . 28.05 24.37 7.38
C21 KY5 J . 26.65 24.86 7.80
C22 KY5 J . 25.57 23.86 7.29
C24 KY5 J . 29.04 26.65 7.37
C25 KY5 J . 30.40 27.04 6.72
C26 KY5 J . 30.29 28.47 6.10
C28 KY5 J . 29.39 28.50 3.82
C29 KY5 J . 28.16 29.36 4.15
C30 KY5 J . 27.21 29.70 3.06
C31 KY5 J . 27.45 29.21 1.66
C32 KY5 J . 28.66 28.36 1.36
N06 KY5 J . 30.55 24.64 13.44
N08 KY5 J . 32.34 25.91 14.65
N10 KY5 J . 31.91 26.21 16.95
N12 KY5 J . 29.93 25.34 18.07
N14 KY5 J . 29.22 24.32 15.18
N19 KY5 J . 29.17 25.24 7.92
N23 KY5 J . 24.26 24.44 7.53
N27 KY5 J . 30.28 28.15 4.65
N33 KY5 J . 29.61 28.01 2.43
O01 KY5 J . 32.33 23.88 9.31
O04 KY5 J . 32.07 22.61 11.54
O16 KY5 J . 30.36 25.46 11.43
C1 GOL K . 9.17 35.34 1.57
O1 GOL K . 9.96 34.44 0.77
C2 GOL K . 9.95 36.64 1.65
O2 GOL K . 10.12 37.16 0.33
C3 GOL K . 9.28 37.70 2.54
O3 GOL K . 7.88 37.82 2.24
C02 KY5 L . -30.02 -20.79 -16.27
C03 KY5 L . -30.42 -21.50 -15.07
C05 KY5 L . -30.45 -22.90 -15.56
C07 KY5 L . -31.01 -25.05 -14.34
C09 KY5 L . -32.69 -26.67 -14.55
C11 KY5 L . -30.98 -26.98 -12.94
C13 KY5 L . -30.39 -25.77 -13.34
C15 KY5 L . -29.17 -23.98 -13.70
C17 KY5 L . -29.37 -21.59 -17.02
C18 KY5 L . -27.94 -21.38 -17.19
C20 KY5 L . -28.16 -20.02 -19.42
C21 KY5 L . -27.73 -21.13 -20.41
C22 KY5 L . -28.54 -21.00 -21.73
C24 KY5 L . -25.97 -20.20 -18.27
C25 KY5 L . -25.13 -19.90 -16.97
C26 KY5 L . -23.64 -19.63 -17.39
C28 KY5 L . -22.17 -17.90 -16.40
C29 KY5 L . -21.38 -17.43 -15.24
C30 KY5 L . -20.61 -16.18 -15.23
C31 KY5 L . -20.59 -15.30 -16.42
C32 KY5 L . -21.38 -15.72 -17.61
N06 KY5 L . -30.23 -23.93 -14.55
N08 KY5 L . -32.17 -25.49 -14.93
N10 KY5 L . -32.11 -27.39 -13.55
N12 KY5 L . -30.38 -27.73 -11.84
N14 KY5 L . -29.25 -25.10 -12.94
N19 KY5 L . -27.47 -20.19 -18.07
N23 KY5 L . -28.02 -21.92 -22.72
N27 KY5 L . -22.82 -19.02 -16.29
N33 KY5 L . -22.16 -16.98 -17.61
O01 KY5 L . -31.22 -20.31 -16.97
O04 KY5 L . -31.56 -21.10 -14.49
O16 KY5 L . -29.46 -22.98 -16.36
C1 GOL M . -25.28 -15.98 -10.40
O1 GOL M . -23.98 -16.53 -10.54
C2 GOL M . -25.41 -15.37 -9.01
O2 GOL M . -25.85 -14.01 -9.15
C3 GOL M . -26.35 -16.18 -8.12
O3 GOL M . -27.08 -15.30 -7.27
C1 GOL N . -6.57 -25.89 -26.12
O1 GOL N . -5.60 -26.91 -26.37
C2 GOL N . -6.48 -24.85 -27.20
O2 GOL N . -6.63 -25.49 -28.47
C3 GOL N . -7.60 -23.85 -26.99
O3 GOL N . -7.31 -22.68 -27.75
#